data_1B1U
# 
_entry.id   1B1U 
# 
_audit_conform.dict_name       mmcif_pdbx.dic 
_audit_conform.dict_version    5.398 
_audit_conform.dict_location   http://mmcif.pdb.org/dictionaries/ascii/mmcif_pdbx.dic 
# 
loop_
_database_2.database_id 
_database_2.database_code 
_database_2.pdbx_database_accession 
_database_2.pdbx_DOI 
PDB   1B1U         pdb_00001b1u 10.2210/pdb1b1u/pdb 
RCSB  RCSB000140   ?            ?                   
WWPDB D_1000000140 ?            ?                   
# 
loop_
_pdbx_audit_revision_history.ordinal 
_pdbx_audit_revision_history.data_content_type 
_pdbx_audit_revision_history.major_revision 
_pdbx_audit_revision_history.minor_revision 
_pdbx_audit_revision_history.revision_date 
1 'Structure model' 1 0 1998-12-02 
2 'Structure model' 1 1 2008-04-26 
3 'Structure model' 1 2 2011-07-13 
4 'Structure model' 1 3 2023-08-09 
5 'Structure model' 1 4 2024-11-13 
# 
_pdbx_audit_revision_details.ordinal             1 
_pdbx_audit_revision_details.revision_ordinal    1 
_pdbx_audit_revision_details.data_content_type   'Structure model' 
_pdbx_audit_revision_details.provider            repository 
_pdbx_audit_revision_details.type                'Initial release' 
_pdbx_audit_revision_details.description         ? 
_pdbx_audit_revision_details.details             ? 
# 
loop_
_pdbx_audit_revision_group.ordinal 
_pdbx_audit_revision_group.revision_ordinal 
_pdbx_audit_revision_group.data_content_type 
_pdbx_audit_revision_group.group 
1 2 'Structure model' 'Version format compliance' 
2 3 'Structure model' 'Version format compliance' 
3 4 'Structure model' 'Data collection'           
4 4 'Structure model' 'Database references'       
5 4 'Structure model' 'Refinement description'    
6 5 'Structure model' 'Structure summary'         
# 
loop_
_pdbx_audit_revision_category.ordinal 
_pdbx_audit_revision_category.revision_ordinal 
_pdbx_audit_revision_category.data_content_type 
_pdbx_audit_revision_category.category 
1 4 'Structure model' chem_comp_atom                
2 4 'Structure model' chem_comp_bond                
3 4 'Structure model' database_2                    
4 4 'Structure model' diffrn_source                 
5 4 'Structure model' pdbx_initial_refinement_model 
6 5 'Structure model' pdbx_entry_details            
7 5 'Structure model' pdbx_modification_feature     
# 
loop_
_pdbx_audit_revision_item.ordinal 
_pdbx_audit_revision_item.revision_ordinal 
_pdbx_audit_revision_item.data_content_type 
_pdbx_audit_revision_item.item 
1 4 'Structure model' '_database_2.pdbx_DOI'                 
2 4 'Structure model' '_database_2.pdbx_database_accession'  
3 4 'Structure model' '_diffrn_source.pdbx_synchrotron_site' 
# 
_pdbx_database_PDB_obs_spr.id               SPRSDE 
_pdbx_database_PDB_obs_spr.date             1998-12-02 
_pdbx_database_PDB_obs_spr.pdb_id           1B1U 
_pdbx_database_PDB_obs_spr.replace_pdb_id   1JFO 
_pdbx_database_PDB_obs_spr.details          ? 
# 
_pdbx_database_status.status_code                     REL 
_pdbx_database_status.entry_id                        1B1U 
_pdbx_database_status.recvd_initial_deposition_date   1998-11-23 
_pdbx_database_status.deposit_site                    ? 
_pdbx_database_status.process_site                    RCSB 
_pdbx_database_status.SG_entry                        . 
_pdbx_database_status.pdb_format_compatible           Y 
_pdbx_database_status.status_code_mr                  ? 
_pdbx_database_status.status_code_sf                  ? 
_pdbx_database_status.status_code_cs                  ? 
_pdbx_database_status.status_code_nmr_data            ? 
_pdbx_database_status.methods_development_category    ? 
# 
loop_
_audit_author.name 
_audit_author.pdbx_ordinal 
'Gourinath, S.'  1 
'Srinivasan, A.' 2 
'Singh, T.P.'    3 
# 
loop_
_citation.id 
_citation.title 
_citation.journal_abbrev 
_citation.journal_volume 
_citation.page_first 
_citation.page_last 
_citation.year 
_citation.journal_id_ASTM 
_citation.country 
_citation.journal_id_ISSN 
_citation.journal_id_CSD 
_citation.book_publisher 
_citation.pdbx_database_id_PubMed 
_citation.pdbx_database_id_DOI 
primary 'Structure of the bifunctional inhibitor of trypsin and alpha-amylase from ragi seeds at 2.2 A resolution.' 
'Acta Crystallogr.,Sect.D' 56  287  293  2000 ABCRE6 DK 0907-4449 0766 ? 10713515 10.1107/S0907444999016601 
1       
;Determination of the Three-Dimensional Structure of the Bifunctional Alpha-Amylase/Trypsin Inhibitor from Ragi Seeds by NMR Spectroscopy
;
Biochemistry               34  8281 8293 1995 BICHAW US 0006-2960 0033 ? ?        ?                         
2       'Preliminary X-Ray Investigation of a Bifunctional Inhibitor from Indian Finger Millet (Ragi)' J.Mol.Biol.                
222 1    2    1991 JMOBAK UK 0022-2836 0070 ? ?        ?                         
3       
;The Complete Amino Acid Sequence of the Bifunctional Alpha-Amylase/Trypsin Inhibitor from Seeds of Ragi (Indian Finger Millet, Eleusine Coracana Gaertn.)
;
'FEBS Lett.'               152 300  ?    1983 FEBLAL NE 0014-5793 0165 ? ?        ?                         
# 
loop_
_citation_author.citation_id 
_citation_author.name 
_citation_author.ordinal 
_citation_author.identifier_ORCID 
primary 'Gourinath, S.'   1  ? 
primary 'Alam, N.'        2  ? 
primary 'Srinivasan, A.'  3  ? 
primary 'Betzel, C.'      4  ? 
primary 'Singh, T.P.'     5  ? 
1       'Strobl, S.'      6  ? 
1       'Muhlhahn, P.'    7  ? 
1       'Bernstein, R.'   8  ? 
1       'Wiltscheck, R.'  9  ? 
1       'Maskos, K.'      10 ? 
1       'Wunderlich, M.'  11 ? 
1       'Huber, R.'       12 ? 
1       'Glockshuber, R.' 13 ? 
1       'Holak, T.A.'     14 ? 
2       'Srinivasan, A.'  15 ? 
2       'Raman, A.'       16 ? 
2       'Singh, T.P.'     17 ? 
3       'Campos, F.A.P.'  18 ? 
3       'Richardson, M.'  19 ? 
# 
loop_
_entity.id 
_entity.type 
_entity.src_method 
_entity.pdbx_description 
_entity.formula_weight 
_entity.pdbx_number_of_molecules 
_entity.pdbx_ec 
_entity.pdbx_mutation 
_entity.pdbx_fragment 
_entity.details 
1 polymer nat 'PROTEIN (ALPHA-AMYLASE/TRYPSIN INHIBITOR RATI)' 13153.313 1  ? ? ? ? 
2 water   nat water                                            18.015    88 ? ? ? ? 
# 
_entity_name_com.entity_id   1 
_entity_name_com.name        'RAGI BIFUNCTIONAL INHIBITOR' 
# 
_entity_poly.entity_id                      1 
_entity_poly.type                           'polypeptide(L)' 
_entity_poly.nstd_linkage                   no 
_entity_poly.nstd_monomer                   no 
_entity_poly.pdbx_seq_one_letter_code       
;SVGTSCIPGMAIPHNPLDSCRWYVSTRTCGVGPRLATQEMKARCCRQLEAIPAYCRCEAVRILMDGVVTPSGQHEGRLLQ
DLPGCPRQVQRAFAPKLVTEVECNLATIHGGPFCLSLLGAGE
;
_entity_poly.pdbx_seq_one_letter_code_can   
;SVGTSCIPGMAIPHNPLDSCRWYVSTRTCGVGPRLATQEMKARCCRQLEAIPAYCRCEAVRILMDGVVTPSGQHEGRLLQ
DLPGCPRQVQRAFAPKLVTEVECNLATIHGGPFCLSLLGAGE
;
_entity_poly.pdbx_strand_id                 A 
_entity_poly.pdbx_target_identifier         ? 
# 
_pdbx_entity_nonpoly.entity_id   2 
_pdbx_entity_nonpoly.name        water 
_pdbx_entity_nonpoly.comp_id     HOH 
# 
loop_
_entity_poly_seq.entity_id 
_entity_poly_seq.num 
_entity_poly_seq.mon_id 
_entity_poly_seq.hetero 
1 1   SER n 
1 2   VAL n 
1 3   GLY n 
1 4   THR n 
1 5   SER n 
1 6   CYS n 
1 7   ILE n 
1 8   PRO n 
1 9   GLY n 
1 10  MET n 
1 11  ALA n 
1 12  ILE n 
1 13  PRO n 
1 14  HIS n 
1 15  ASN n 
1 16  PRO n 
1 17  LEU n 
1 18  ASP n 
1 19  SER n 
1 20  CYS n 
1 21  ARG n 
1 22  TRP n 
1 23  TYR n 
1 24  VAL n 
1 25  SER n 
1 26  THR n 
1 27  ARG n 
1 28  THR n 
1 29  CYS n 
1 30  GLY n 
1 31  VAL n 
1 32  GLY n 
1 33  PRO n 
1 34  ARG n 
1 35  LEU n 
1 36  ALA n 
1 37  THR n 
1 38  GLN n 
1 39  GLU n 
1 40  MET n 
1 41  LYS n 
1 42  ALA n 
1 43  ARG n 
1 44  CYS n 
1 45  CYS n 
1 46  ARG n 
1 47  GLN n 
1 48  LEU n 
1 49  GLU n 
1 50  ALA n 
1 51  ILE n 
1 52  PRO n 
1 53  ALA n 
1 54  TYR n 
1 55  CYS n 
1 56  ARG n 
1 57  CYS n 
1 58  GLU n 
1 59  ALA n 
1 60  VAL n 
1 61  ARG n 
1 62  ILE n 
1 63  LEU n 
1 64  MET n 
1 65  ASP n 
1 66  GLY n 
1 67  VAL n 
1 68  VAL n 
1 69  THR n 
1 70  PRO n 
1 71  SER n 
1 72  GLY n 
1 73  GLN n 
1 74  HIS n 
1 75  GLU n 
1 76  GLY n 
1 77  ARG n 
1 78  LEU n 
1 79  LEU n 
1 80  GLN n 
1 81  ASP n 
1 82  LEU n 
1 83  PRO n 
1 84  GLY n 
1 85  CYS n 
1 86  PRO n 
1 87  ARG n 
1 88  GLN n 
1 89  VAL n 
1 90  GLN n 
1 91  ARG n 
1 92  ALA n 
1 93  PHE n 
1 94  ALA n 
1 95  PRO n 
1 96  LYS n 
1 97  LEU n 
1 98  VAL n 
1 99  THR n 
1 100 GLU n 
1 101 VAL n 
1 102 GLU n 
1 103 CYS n 
1 104 ASN n 
1 105 LEU n 
1 106 ALA n 
1 107 THR n 
1 108 ILE n 
1 109 HIS n 
1 110 GLY n 
1 111 GLY n 
1 112 PRO n 
1 113 PHE n 
1 114 CYS n 
1 115 LEU n 
1 116 SER n 
1 117 LEU n 
1 118 LEU n 
1 119 GLY n 
1 120 ALA n 
1 121 GLY n 
1 122 GLU n 
# 
_entity_src_nat.entity_id                  1 
_entity_src_nat.pdbx_src_id                1 
_entity_src_nat.pdbx_alt_source_flag       sample 
_entity_src_nat.pdbx_beg_seq_num           ? 
_entity_src_nat.pdbx_end_seq_num           ? 
_entity_src_nat.common_name                'finger millet' 
_entity_src_nat.pdbx_organism_scientific   'Eleusine coracana' 
_entity_src_nat.pdbx_ncbi_taxonomy_id      4511 
_entity_src_nat.genus                      Eleusine 
_entity_src_nat.species                    ? 
_entity_src_nat.strain                     ? 
_entity_src_nat.tissue                     ? 
_entity_src_nat.tissue_fraction            ? 
_entity_src_nat.pdbx_secretion             ? 
_entity_src_nat.pdbx_fragment              ? 
_entity_src_nat.pdbx_variant               ? 
_entity_src_nat.pdbx_cell_line             ? 
_entity_src_nat.pdbx_atcc                  ? 
_entity_src_nat.pdbx_cellular_location     ? 
_entity_src_nat.pdbx_organ                 SEED 
_entity_src_nat.pdbx_organelle             ? 
_entity_src_nat.pdbx_cell                  ? 
_entity_src_nat.pdbx_plasmid_name          ? 
_entity_src_nat.pdbx_plasmid_details       ? 
_entity_src_nat.details                    ? 
# 
loop_
_chem_comp.id 
_chem_comp.type 
_chem_comp.mon_nstd_flag 
_chem_comp.name 
_chem_comp.pdbx_synonyms 
_chem_comp.formula 
_chem_comp.formula_weight 
ALA 'L-peptide linking' y ALANINE         ? 'C3 H7 N O2'     89.093  
ARG 'L-peptide linking' y ARGININE        ? 'C6 H15 N4 O2 1' 175.209 
ASN 'L-peptide linking' y ASPARAGINE      ? 'C4 H8 N2 O3'    132.118 
ASP 'L-peptide linking' y 'ASPARTIC ACID' ? 'C4 H7 N O4'     133.103 
CYS 'L-peptide linking' y CYSTEINE        ? 'C3 H7 N O2 S'   121.158 
GLN 'L-peptide linking' y GLUTAMINE       ? 'C5 H10 N2 O3'   146.144 
GLU 'L-peptide linking' y 'GLUTAMIC ACID' ? 'C5 H9 N O4'     147.129 
GLY 'peptide linking'   y GLYCINE         ? 'C2 H5 N O2'     75.067  
HIS 'L-peptide linking' y HISTIDINE       ? 'C6 H10 N3 O2 1' 156.162 
HOH non-polymer         . WATER           ? 'H2 O'           18.015  
ILE 'L-peptide linking' y ISOLEUCINE      ? 'C6 H13 N O2'    131.173 
LEU 'L-peptide linking' y LEUCINE         ? 'C6 H13 N O2'    131.173 
LYS 'L-peptide linking' y LYSINE          ? 'C6 H15 N2 O2 1' 147.195 
MET 'L-peptide linking' y METHIONINE      ? 'C5 H11 N O2 S'  149.211 
PHE 'L-peptide linking' y PHENYLALANINE   ? 'C9 H11 N O2'    165.189 
PRO 'L-peptide linking' y PROLINE         ? 'C5 H9 N O2'     115.130 
SER 'L-peptide linking' y SERINE          ? 'C3 H7 N O3'     105.093 
THR 'L-peptide linking' y THREONINE       ? 'C4 H9 N O3'     119.119 
TRP 'L-peptide linking' y TRYPTOPHAN      ? 'C11 H12 N2 O2'  204.225 
TYR 'L-peptide linking' y TYROSINE        ? 'C9 H11 N O3'    181.189 
VAL 'L-peptide linking' y VALINE          ? 'C5 H11 N O2'    117.146 
# 
loop_
_pdbx_poly_seq_scheme.asym_id 
_pdbx_poly_seq_scheme.entity_id 
_pdbx_poly_seq_scheme.seq_id 
_pdbx_poly_seq_scheme.mon_id 
_pdbx_poly_seq_scheme.ndb_seq_num 
_pdbx_poly_seq_scheme.pdb_seq_num 
_pdbx_poly_seq_scheme.auth_seq_num 
_pdbx_poly_seq_scheme.pdb_mon_id 
_pdbx_poly_seq_scheme.auth_mon_id 
_pdbx_poly_seq_scheme.pdb_strand_id 
_pdbx_poly_seq_scheme.pdb_ins_code 
_pdbx_poly_seq_scheme.hetero 
A 1 1   SER 1   1   ?   ?   ?   A . n 
A 1 2   VAL 2   2   ?   ?   ?   A . n 
A 1 3   GLY 3   3   3   GLY GLY A . n 
A 1 4   THR 4   4   4   THR THR A . n 
A 1 5   SER 5   5   5   SER SER A . n 
A 1 6   CYS 6   6   6   CYS CYS A . n 
A 1 7   ILE 7   7   7   ILE ILE A . n 
A 1 8   PRO 8   8   8   PRO PRO A . n 
A 1 9   GLY 9   9   9   GLY GLY A . n 
A 1 10  MET 10  10  10  MET MET A . n 
A 1 11  ALA 11  11  11  ALA ALA A . n 
A 1 12  ILE 12  12  12  ILE ILE A . n 
A 1 13  PRO 13  13  13  PRO PRO A . n 
A 1 14  HIS 14  14  14  HIS HIS A . n 
A 1 15  ASN 15  15  15  ASN ASN A . n 
A 1 16  PRO 16  16  16  PRO PRO A . n 
A 1 17  LEU 17  17  17  LEU LEU A . n 
A 1 18  ASP 18  18  18  ASP ASP A . n 
A 1 19  SER 19  19  19  SER SER A . n 
A 1 20  CYS 20  20  20  CYS CYS A . n 
A 1 21  ARG 21  21  21  ARG ARG A . n 
A 1 22  TRP 22  22  22  TRP TRP A . n 
A 1 23  TYR 23  23  23  TYR TYR A . n 
A 1 24  VAL 24  24  24  VAL VAL A . n 
A 1 25  SER 25  25  25  SER SER A . n 
A 1 26  THR 26  26  26  THR THR A . n 
A 1 27  ARG 27  27  27  ARG ARG A . n 
A 1 28  THR 28  28  28  THR THR A . n 
A 1 29  CYS 29  29  29  CYS CYS A . n 
A 1 30  GLY 30  30  30  GLY GLY A . n 
A 1 31  VAL 31  31  31  VAL VAL A . n 
A 1 32  GLY 32  32  32  GLY GLY A . n 
A 1 33  PRO 33  33  33  PRO PRO A . n 
A 1 34  ARG 34  34  34  ARG ARG A . n 
A 1 35  LEU 35  35  35  LEU LEU A . n 
A 1 36  ALA 36  36  36  ALA ALA A . n 
A 1 37  THR 37  37  37  THR THR A . n 
A 1 38  GLN 38  38  38  GLN GLN A . n 
A 1 39  GLU 39  39  39  GLU GLU A . n 
A 1 40  MET 40  40  40  MET MET A . n 
A 1 41  LYS 41  41  41  LYS LYS A . n 
A 1 42  ALA 42  42  42  ALA ALA A . n 
A 1 43  ARG 43  43  43  ARG ARG A . n 
A 1 44  CYS 44  44  44  CYS CYS A . n 
A 1 45  CYS 45  45  45  CYS CYS A . n 
A 1 46  ARG 46  46  46  ARG ARG A . n 
A 1 47  GLN 47  47  47  GLN GLN A . n 
A 1 48  LEU 48  48  48  LEU LEU A . n 
A 1 49  GLU 49  49  49  GLU GLU A . n 
A 1 50  ALA 50  50  50  ALA ALA A . n 
A 1 51  ILE 51  51  51  ILE ILE A . n 
A 1 52  PRO 52  52  52  PRO PRO A . n 
A 1 53  ALA 53  53  53  ALA ALA A . n 
A 1 54  TYR 54  54  54  TYR TYR A . n 
A 1 55  CYS 55  55  55  CYS CYS A . n 
A 1 56  ARG 56  56  56  ARG ARG A . n 
A 1 57  CYS 57  57  57  CYS CYS A . n 
A 1 58  GLU 58  58  58  GLU GLU A . n 
A 1 59  ALA 59  59  59  ALA ALA A . n 
A 1 60  VAL 60  60  60  VAL VAL A . n 
A 1 61  ARG 61  61  61  ARG ARG A . n 
A 1 62  ILE 62  62  62  ILE ILE A . n 
A 1 63  LEU 63  63  63  LEU LEU A . n 
A 1 64  MET 64  64  64  MET MET A . n 
A 1 65  ASP 65  65  65  ASP ASP A . n 
A 1 66  GLY 66  66  66  GLY GLY A . n 
A 1 67  VAL 67  67  67  VAL VAL A . n 
A 1 68  VAL 68  68  68  VAL VAL A . n 
A 1 69  THR 69  69  69  THR THR A . n 
A 1 70  PRO 70  70  70  PRO PRO A . n 
A 1 71  SER 71  71  71  SER SER A . n 
A 1 72  GLY 72  72  72  GLY GLY A . n 
A 1 73  GLN 73  73  73  GLN GLN A . n 
A 1 74  HIS 74  74  74  HIS HIS A . n 
A 1 75  GLU 75  75  75  GLU GLU A . n 
A 1 76  GLY 76  76  76  GLY GLY A . n 
A 1 77  ARG 77  77  77  ARG ARG A . n 
A 1 78  LEU 78  78  78  LEU LEU A . n 
A 1 79  LEU 79  79  79  LEU LEU A . n 
A 1 80  GLN 80  80  80  GLN GLN A . n 
A 1 81  ASP 81  81  81  ASP ASP A . n 
A 1 82  LEU 82  82  82  LEU LEU A . n 
A 1 83  PRO 83  83  83  PRO PRO A . n 
A 1 84  GLY 84  84  84  GLY GLY A . n 
A 1 85  CYS 85  85  85  CYS CYS A . n 
A 1 86  PRO 86  86  86  PRO PRO A . n 
A 1 87  ARG 87  87  87  ARG ARG A . n 
A 1 88  GLN 88  88  88  GLN GLN A . n 
A 1 89  VAL 89  89  89  VAL VAL A . n 
A 1 90  GLN 90  90  90  GLN GLN A . n 
A 1 91  ARG 91  91  91  ARG ARG A . n 
A 1 92  ALA 92  92  92  ALA ALA A . n 
A 1 93  PHE 93  93  93  PHE PHE A . n 
A 1 94  ALA 94  94  94  ALA ALA A . n 
A 1 95  PRO 95  95  95  PRO PRO A . n 
A 1 96  LYS 96  96  96  LYS LYS A . n 
A 1 97  LEU 97  97  97  LEU LEU A . n 
A 1 98  VAL 98  98  98  VAL VAL A . n 
A 1 99  THR 99  99  99  THR THR A . n 
A 1 100 GLU 100 100 100 GLU GLU A . n 
A 1 101 VAL 101 101 101 VAL VAL A . n 
A 1 102 GLU 102 102 102 GLU GLU A . n 
A 1 103 CYS 103 103 103 CYS CYS A . n 
A 1 104 ASN 104 104 104 ASN ASN A . n 
A 1 105 LEU 105 105 105 LEU LEU A . n 
A 1 106 ALA 106 106 106 ALA ALA A . n 
A 1 107 THR 107 107 107 THR THR A . n 
A 1 108 ILE 108 108 108 ILE ILE A . n 
A 1 109 HIS 109 109 109 HIS HIS A . n 
A 1 110 GLY 110 110 110 GLY GLY A . n 
A 1 111 GLY 111 111 111 GLY GLY A . n 
A 1 112 PRO 112 112 112 PRO PRO A . n 
A 1 113 PHE 113 113 113 PHE PHE A . n 
A 1 114 CYS 114 114 114 CYS CYS A . n 
A 1 115 LEU 115 115 115 LEU LEU A . n 
A 1 116 SER 116 116 116 SER SER A . n 
A 1 117 LEU 117 117 117 LEU LEU A . n 
A 1 118 LEU 118 118 118 LEU LEU A . n 
A 1 119 GLY 119 119 119 GLY GLY A . n 
A 1 120 ALA 120 120 ?   ?   ?   A . n 
A 1 121 GLY 121 121 ?   ?   ?   A . n 
A 1 122 GLU 122 122 ?   ?   ?   A . n 
# 
loop_
_pdbx_nonpoly_scheme.asym_id 
_pdbx_nonpoly_scheme.entity_id 
_pdbx_nonpoly_scheme.mon_id 
_pdbx_nonpoly_scheme.ndb_seq_num 
_pdbx_nonpoly_scheme.pdb_seq_num 
_pdbx_nonpoly_scheme.auth_seq_num 
_pdbx_nonpoly_scheme.pdb_mon_id 
_pdbx_nonpoly_scheme.auth_mon_id 
_pdbx_nonpoly_scheme.pdb_strand_id 
_pdbx_nonpoly_scheme.pdb_ins_code 
B 2 HOH 1  125 125 HOH HOH A . 
B 2 HOH 2  126 126 HOH HOH A . 
B 2 HOH 3  127 127 HOH HOH A . 
B 2 HOH 4  128 128 HOH HOH A . 
B 2 HOH 5  129 129 HOH HOH A . 
B 2 HOH 6  130 130 HOH HOH A . 
B 2 HOH 7  131 131 HOH HOH A . 
B 2 HOH 8  132 132 HOH HOH A . 
B 2 HOH 9  133 133 HOH HOH A . 
B 2 HOH 10 134 134 HOH HOH A . 
B 2 HOH 11 135 135 HOH HOH A . 
B 2 HOH 12 136 136 HOH HOH A . 
B 2 HOH 13 137 137 HOH HOH A . 
B 2 HOH 14 138 138 HOH HOH A . 
B 2 HOH 15 139 139 HOH HOH A . 
B 2 HOH 16 140 140 HOH HOH A . 
B 2 HOH 17 141 141 HOH HOH A . 
B 2 HOH 18 142 142 HOH HOH A . 
B 2 HOH 19 143 143 HOH HOH A . 
B 2 HOH 20 144 144 HOH HOH A . 
B 2 HOH 21 145 145 HOH HOH A . 
B 2 HOH 22 146 146 HOH HOH A . 
B 2 HOH 23 147 147 HOH HOH A . 
B 2 HOH 24 148 148 HOH HOH A . 
B 2 HOH 25 149 149 HOH HOH A . 
B 2 HOH 26 150 150 HOH HOH A . 
B 2 HOH 27 151 151 HOH HOH A . 
B 2 HOH 28 152 152 HOH HOH A . 
B 2 HOH 29 153 153 HOH HOH A . 
B 2 HOH 30 154 154 HOH HOH A . 
B 2 HOH 31 155 155 HOH HOH A . 
B 2 HOH 32 156 156 HOH HOH A . 
B 2 HOH 33 157 157 HOH HOH A . 
B 2 HOH 34 158 158 HOH HOH A . 
B 2 HOH 35 159 159 HOH HOH A . 
B 2 HOH 36 160 160 HOH HOH A . 
B 2 HOH 37 161 161 HOH HOH A . 
B 2 HOH 38 162 162 HOH HOH A . 
B 2 HOH 39 163 163 HOH HOH A . 
B 2 HOH 40 164 164 HOH HOH A . 
B 2 HOH 41 165 165 HOH HOH A . 
B 2 HOH 42 166 166 HOH HOH A . 
B 2 HOH 43 167 167 HOH HOH A . 
B 2 HOH 44 168 168 HOH HOH A . 
B 2 HOH 45 169 169 HOH HOH A . 
B 2 HOH 46 170 170 HOH HOH A . 
B 2 HOH 47 171 171 HOH HOH A . 
B 2 HOH 48 172 172 HOH HOH A . 
B 2 HOH 49 173 173 HOH HOH A . 
B 2 HOH 50 174 174 HOH HOH A . 
B 2 HOH 51 175 175 HOH HOH A . 
B 2 HOH 52 176 176 HOH HOH A . 
B 2 HOH 53 177 177 HOH HOH A . 
B 2 HOH 54 178 178 HOH HOH A . 
B 2 HOH 55 179 179 HOH HOH A . 
B 2 HOH 56 180 180 HOH HOH A . 
B 2 HOH 57 181 181 HOH HOH A . 
B 2 HOH 58 182 182 HOH HOH A . 
B 2 HOH 59 183 183 HOH HOH A . 
B 2 HOH 60 184 184 HOH HOH A . 
B 2 HOH 61 185 185 HOH HOH A . 
B 2 HOH 62 186 186 HOH HOH A . 
B 2 HOH 63 187 187 HOH HOH A . 
B 2 HOH 64 188 188 HOH HOH A . 
B 2 HOH 65 189 189 HOH HOH A . 
B 2 HOH 66 190 190 HOH HOH A . 
B 2 HOH 67 191 191 HOH HOH A . 
B 2 HOH 68 192 192 HOH HOH A . 
B 2 HOH 69 193 193 HOH HOH A . 
B 2 HOH 70 194 194 HOH HOH A . 
B 2 HOH 71 195 195 HOH HOH A . 
B 2 HOH 72 196 196 HOH HOH A . 
B 2 HOH 73 197 197 HOH HOH A . 
B 2 HOH 74 198 198 HOH HOH A . 
B 2 HOH 75 199 199 HOH HOH A . 
B 2 HOH 76 200 200 HOH HOH A . 
B 2 HOH 77 201 201 HOH HOH A . 
B 2 HOH 78 202 202 HOH HOH A . 
B 2 HOH 79 203 203 HOH HOH A . 
B 2 HOH 80 204 204 HOH HOH A . 
B 2 HOH 81 205 205 HOH HOH A . 
B 2 HOH 82 206 206 HOH HOH A . 
B 2 HOH 83 207 207 HOH HOH A . 
B 2 HOH 84 208 208 HOH HOH A . 
B 2 HOH 85 209 209 HOH HOH A . 
B 2 HOH 86 210 210 HOH HOH A . 
B 2 HOH 87 211 211 HOH HOH A . 
B 2 HOH 88 212 212 HOH HOH A . 
# 
loop_
_software.name 
_software.classification 
_software.version 
_software.citation_id 
_software.pdbx_ordinal 
DENZO     'data reduction' .        ? 1 
SCALEPACK 'data scaling'   .        ? 2 
AMoRE     phasing          '(CCP4)' ? 3 
X-PLOR    refinement       3.851    ? 4 
CCP4      phasing          .        ? 5 
# 
_cell.entry_id           1B1U 
_cell.length_a           47.380 
_cell.length_b           54.480 
_cell.length_c           40.350 
_cell.angle_alpha        90.00 
_cell.angle_beta         90.00 
_cell.angle_gamma        90.00 
_cell.Z_PDB              4 
_cell.pdbx_unique_axis   ? 
# 
_symmetry.entry_id                         1B1U 
_symmetry.space_group_name_H-M             'P 21 21 2' 
_symmetry.pdbx_full_space_group_name_H-M   ? 
_symmetry.cell_setting                     ? 
_symmetry.Int_Tables_number                18 
# 
_exptl.entry_id          1B1U 
_exptl.method            'X-RAY DIFFRACTION' 
_exptl.crystals_number   1 
# 
_exptl_crystal.id                    1 
_exptl_crystal.density_meas          ? 
_exptl_crystal.density_Matthews      1.96 
_exptl_crystal.density_percent_sol   37.2 
_exptl_crystal.description           ? 
# 
_exptl_crystal_grow.crystal_id      1 
_exptl_crystal_grow.method          ? 
_exptl_crystal_grow.temp            ? 
_exptl_crystal_grow.temp_details    ? 
_exptl_crystal_grow.pH              8.0 
_exptl_crystal_grow.pdbx_details    '1.15M AMMONIUM SULFATE, 0.2M AMMONIUM PHOSPHATE PH 8.0' 
_exptl_crystal_grow.pdbx_pH_range   ? 
# 
_diffrn.id                     1 
_diffrn.ambient_temp           173.0 
_diffrn.ambient_temp_details   ? 
_diffrn.crystal_id             1 
# 
_diffrn_detector.diffrn_id              1 
_diffrn_detector.detector               'IMAGE PLATE' 
_diffrn_detector.type                   MARRESEARCH 
_diffrn_detector.pdbx_collection_date   1998-06-23 
_diffrn_detector.details                ? 
# 
_diffrn_radiation.diffrn_id                        1 
_diffrn_radiation.wavelength_id                    1 
_diffrn_radiation.pdbx_monochromatic_or_laue_m_l   M 
_diffrn_radiation.monochromator                    ? 
_diffrn_radiation.pdbx_diffrn_protocol             'SINGLE WAVELENGTH' 
_diffrn_radiation.pdbx_scattering_type             x-ray 
# 
_diffrn_radiation_wavelength.id           1 
_diffrn_radiation_wavelength.wavelength   1.0 
_diffrn_radiation_wavelength.wt           1.0 
# 
_diffrn_source.diffrn_id                   1 
_diffrn_source.source                      SYNCHROTRON 
_diffrn_source.type                        'EMBL/DESY, HAMBURG BEAMLINE X31' 
_diffrn_source.pdbx_synchrotron_site       'EMBL/DESY, HAMBURG' 
_diffrn_source.pdbx_synchrotron_beamline   X31 
_diffrn_source.pdbx_wavelength             1.0 
_diffrn_source.pdbx_wavelength_list        ? 
# 
_reflns.entry_id                     1B1U 
_reflns.observed_criterion_sigma_I   ? 
_reflns.observed_criterion_sigma_F   ? 
_reflns.d_resolution_low             20.0 
_reflns.d_resolution_high            2.2 
_reflns.number_obs                   5684 
_reflns.number_all                   ? 
_reflns.percent_possible_obs         98.7 
_reflns.pdbx_Rmerge_I_obs            ? 
_reflns.pdbx_Rsym_value              0.094 
_reflns.pdbx_netI_over_sigmaI        11.2 
_reflns.B_iso_Wilson_estimate        25.4 
_reflns.pdbx_redundancy              12.2 
_reflns.R_free_details               ? 
_reflns.limit_h_max                  ? 
_reflns.limit_h_min                  ? 
_reflns.limit_k_max                  ? 
_reflns.limit_k_min                  ? 
_reflns.limit_l_max                  ? 
_reflns.limit_l_min                  ? 
_reflns.observed_criterion_F_max     ? 
_reflns.observed_criterion_F_min     ? 
_reflns.pdbx_diffrn_id               1 
_reflns.pdbx_ordinal                 1 
# 
_reflns_shell.d_res_high             2.2 
_reflns_shell.d_res_low              2.28 
_reflns_shell.percent_possible_all   94.6 
_reflns_shell.Rmerge_I_obs           ? 
_reflns_shell.pdbx_Rsym_value        0.299 
_reflns_shell.meanI_over_sigI_obs    2.27 
_reflns_shell.pdbx_redundancy        4.2 
_reflns_shell.percent_possible_obs   ? 
_reflns_shell.number_unique_all      ? 
_reflns_shell.pdbx_diffrn_id         ? 
_reflns_shell.pdbx_ordinal           1 
# 
_refine.entry_id                                 1B1U 
_refine.ls_number_reflns_obs                     4451 
_refine.ls_number_reflns_all                     ? 
_refine.pdbx_ls_sigma_I                          ? 
_refine.pdbx_ls_sigma_F                          1.0 
_refine.pdbx_data_cutoff_high_absF               100000.0 
_refine.pdbx_data_cutoff_low_absF                0.1 
_refine.pdbx_data_cutoff_high_rms_absF           ? 
_refine.ls_d_res_low                             10.0 
_refine.ls_d_res_high                            2.2 
_refine.ls_percent_reflns_obs                    79.7 
_refine.ls_R_factor_obs                          0.222 
_refine.ls_R_factor_all                          ? 
_refine.ls_R_factor_R_work                       0.222 
_refine.ls_R_factor_R_free                       0.321 
_refine.ls_R_factor_R_free_error                 0.023 
_refine.ls_R_factor_R_free_error_details         ? 
_refine.ls_percent_reflns_R_free                 5.6 
_refine.ls_number_reflns_R_free                  251 
_refine.ls_number_parameters                     ? 
_refine.ls_number_restraints                     ? 
_refine.occupancy_min                            ? 
_refine.occupancy_max                            ? 
_refine.B_iso_mean                               24.8 
_refine.aniso_B[1][1]                            ? 
_refine.aniso_B[2][2]                            ? 
_refine.aniso_B[3][3]                            ? 
_refine.aniso_B[1][2]                            ? 
_refine.aniso_B[1][3]                            ? 
_refine.aniso_B[2][3]                            ? 
_refine.solvent_model_details                    ? 
_refine.solvent_model_param_ksol                 ? 
_refine.solvent_model_param_bsol                 ? 
_refine.pdbx_ls_cross_valid_method               THROUGHOUT 
_refine.details                                  ? 
_refine.pdbx_starting_model                      'PDB ENTRY 1BIP, MODEL 20' 
_refine.pdbx_method_to_determine_struct          'MOLECULAR REPLACEMENT' 
_refine.pdbx_isotropic_thermal_model             RESTRAINED 
_refine.pdbx_stereochemistry_target_values       ? 
_refine.pdbx_stereochem_target_val_spec_case     ? 
_refine.pdbx_R_Free_selection_details            RANDOM 
_refine.pdbx_overall_ESU_R                       ? 
_refine.pdbx_overall_ESU_R_Free                  ? 
_refine.overall_SU_ML                            ? 
_refine.overall_SU_B                             ? 
_refine.ls_redundancy_reflns_obs                 ? 
_refine.B_iso_min                                ? 
_refine.B_iso_max                                ? 
_refine.correlation_coeff_Fo_to_Fc               ? 
_refine.correlation_coeff_Fo_to_Fc_free          ? 
_refine.pdbx_solvent_vdw_probe_radii             ? 
_refine.pdbx_solvent_ion_probe_radii             ? 
_refine.pdbx_solvent_shrinkage_radii             ? 
_refine.overall_SU_R_Cruickshank_DPI             ? 
_refine.overall_SU_R_free                        ? 
_refine.pdbx_refine_id                           'X-RAY DIFFRACTION' 
_refine.pdbx_diffrn_id                           1 
_refine.pdbx_TLS_residual_ADP_flag               ? 
_refine.pdbx_overall_phase_error                 ? 
_refine.pdbx_overall_SU_R_free_Cruickshank_DPI   ? 
_refine.pdbx_overall_SU_R_Blow_DPI               ? 
_refine.pdbx_overall_SU_R_free_Blow_DPI          ? 
# 
_refine_analyze.entry_id                        1B1U 
_refine_analyze.Luzzati_coordinate_error_obs    0.3 
_refine_analyze.Luzzati_sigma_a_obs             0.35 
_refine_analyze.Luzzati_d_res_low_obs           10.0 
_refine_analyze.Luzzati_coordinate_error_free   ? 
_refine_analyze.Luzzati_sigma_a_free            ? 
_refine_analyze.Luzzati_d_res_low_free          ? 
_refine_analyze.number_disordered_residues      ? 
_refine_analyze.occupancy_sum_hydrogen          ? 
_refine_analyze.occupancy_sum_non_hydrogen      ? 
_refine_analyze.pdbx_Luzzati_d_res_high_obs     ? 
_refine_analyze.pdbx_refine_id                  'X-RAY DIFFRACTION' 
# 
_refine_hist.pdbx_refine_id                   'X-RAY DIFFRACTION' 
_refine_hist.cycle_id                         LAST 
_refine_hist.pdbx_number_atoms_protein        880 
_refine_hist.pdbx_number_atoms_nucleic_acid   0 
_refine_hist.pdbx_number_atoms_ligand         0 
_refine_hist.number_atoms_solvent             88 
_refine_hist.number_atoms_total               968 
_refine_hist.d_res_high                       2.2 
_refine_hist.d_res_low                        10.0 
# 
loop_
_refine_ls_restr.type 
_refine_ls_restr.dev_ideal 
_refine_ls_restr.dev_ideal_target 
_refine_ls_restr.weight 
_refine_ls_restr.number 
_refine_ls_restr.pdbx_refine_id 
_refine_ls_restr.pdbx_restraint_function 
x_bond_d                0.008 ?    ? ? 'X-RAY DIFFRACTION' ? 
x_bond_d_na             ?     ?    ? ? 'X-RAY DIFFRACTION' ? 
x_bond_d_prot           ?     ?    ? ? 'X-RAY DIFFRACTION' ? 
x_angle_d               ?     ?    ? ? 'X-RAY DIFFRACTION' ? 
x_angle_d_na            ?     ?    ? ? 'X-RAY DIFFRACTION' ? 
x_angle_d_prot          ?     ?    ? ? 'X-RAY DIFFRACTION' ? 
x_angle_deg             1.3   ?    ? ? 'X-RAY DIFFRACTION' ? 
x_angle_deg_na          ?     ?    ? ? 'X-RAY DIFFRACTION' ? 
x_angle_deg_prot        ?     ?    ? ? 'X-RAY DIFFRACTION' ? 
x_dihedral_angle_d      25.7  ?    ? ? 'X-RAY DIFFRACTION' ? 
x_dihedral_angle_d_na   ?     ?    ? ? 'X-RAY DIFFRACTION' ? 
x_dihedral_angle_d_prot ?     ?    ? ? 'X-RAY DIFFRACTION' ? 
x_improper_angle_d      0.77  ?    ? ? 'X-RAY DIFFRACTION' ? 
x_improper_angle_d_na   ?     ?    ? ? 'X-RAY DIFFRACTION' ? 
x_improper_angle_d_prot ?     ?    ? ? 'X-RAY DIFFRACTION' ? 
x_mcbond_it             2.90  1.50 ? ? 'X-RAY DIFFRACTION' ? 
x_mcangle_it            4.57  2.00 ? ? 'X-RAY DIFFRACTION' ? 
x_scbond_it             3.99  2.00 ? ? 'X-RAY DIFFRACTION' ? 
x_scangle_it            5.16  2.50 ? ? 'X-RAY DIFFRACTION' ? 
# 
_refine_ls_shell.pdbx_total_number_of_bins_used   6 
_refine_ls_shell.d_res_high                       2.2 
_refine_ls_shell.d_res_low                        2.34 
_refine_ls_shell.number_reflns_R_work             498 
_refine_ls_shell.R_factor_R_work                  0.295 
_refine_ls_shell.percent_reflns_obs               58.0 
_refine_ls_shell.R_factor_R_free                  0.403 
_refine_ls_shell.R_factor_R_free_error            0.083 
_refine_ls_shell.percent_reflns_R_free            5.0 
_refine_ls_shell.number_reflns_R_free             26 
_refine_ls_shell.redundancy_reflns_obs            ? 
_refine_ls_shell.number_reflns_all                ? 
_refine_ls_shell.number_reflns_obs                ? 
_refine_ls_shell.pdbx_refine_id                   'X-RAY DIFFRACTION' 
_refine_ls_shell.R_factor_all                     ? 
# 
loop_
_pdbx_xplor_file.serial_no 
_pdbx_xplor_file.param_file 
_pdbx_xplor_file.topol_file 
_pdbx_xplor_file.pdbx_refine_id 
1 PARHCSDX.PRO TOPHCSDX.PRO 'X-RAY DIFFRACTION' 
2 PARA-1.DAT   TOPO-1.DAT   'X-RAY DIFFRACTION' 
# 
_struct.entry_id                  1B1U 
_struct.title                     'CRYSTAL STRUCTURE OF THE BIFUNCTIONAL INHIBITOR RAGI' 
_struct.pdbx_model_details        ? 
_struct.pdbx_CASP_flag            ? 
_struct.pdbx_model_type_details   ? 
# 
_struct_keywords.entry_id        1B1U 
_struct_keywords.pdbx_keywords   'HYDROLASE INHIBITOR' 
_struct_keywords.text            'ALPHA-AMYLASE/TRYPSIN INHIBITOR (RATI), BIFUNCTIONAL, HYDROLASE INHIBITOR' 
# 
loop_
_struct_asym.id 
_struct_asym.pdbx_blank_PDB_chainid_flag 
_struct_asym.pdbx_modified 
_struct_asym.entity_id 
_struct_asym.details 
A N N 1 ? 
B N N 2 ? 
# 
_struct_ref.id                         1 
_struct_ref.db_name                    UNP 
_struct_ref.db_code                    IAAT_ELECO 
_struct_ref.entity_id                  1 
_struct_ref.pdbx_db_accession          P01087 
_struct_ref.pdbx_align_begin           ? 
_struct_ref.pdbx_seq_one_letter_code   ? 
_struct_ref.pdbx_db_isoform            ? 
# 
_struct_ref_seq.align_id                      1 
_struct_ref_seq.ref_id                        1 
_struct_ref_seq.pdbx_PDB_id_code              1B1U 
_struct_ref_seq.pdbx_strand_id                A 
_struct_ref_seq.seq_align_beg                 1 
_struct_ref_seq.pdbx_seq_align_beg_ins_code   ? 
_struct_ref_seq.seq_align_end                 122 
_struct_ref_seq.pdbx_seq_align_end_ins_code   ? 
_struct_ref_seq.pdbx_db_accession             P01087 
_struct_ref_seq.db_align_beg                  1 
_struct_ref_seq.pdbx_db_align_beg_ins_code    ? 
_struct_ref_seq.db_align_end                  122 
_struct_ref_seq.pdbx_db_align_end_ins_code    ? 
_struct_ref_seq.pdbx_auth_seq_align_beg       1 
_struct_ref_seq.pdbx_auth_seq_align_end       122 
# 
_pdbx_struct_assembly.id                   1 
_pdbx_struct_assembly.details              author_defined_assembly 
_pdbx_struct_assembly.method_details       ? 
_pdbx_struct_assembly.oligomeric_details   monomeric 
_pdbx_struct_assembly.oligomeric_count     1 
# 
_pdbx_struct_assembly_gen.assembly_id       1 
_pdbx_struct_assembly_gen.oper_expression   1 
_pdbx_struct_assembly_gen.asym_id_list      A,B 
# 
_pdbx_struct_oper_list.id                   1 
_pdbx_struct_oper_list.type                 'identity operation' 
_pdbx_struct_oper_list.name                 1_555 
_pdbx_struct_oper_list.symmetry_operation   x,y,z 
_pdbx_struct_oper_list.matrix[1][1]         1.0000000000 
_pdbx_struct_oper_list.matrix[1][2]         0.0000000000 
_pdbx_struct_oper_list.matrix[1][3]         0.0000000000 
_pdbx_struct_oper_list.vector[1]            0.0000000000 
_pdbx_struct_oper_list.matrix[2][1]         0.0000000000 
_pdbx_struct_oper_list.matrix[2][2]         1.0000000000 
_pdbx_struct_oper_list.matrix[2][3]         0.0000000000 
_pdbx_struct_oper_list.vector[2]            0.0000000000 
_pdbx_struct_oper_list.matrix[3][1]         0.0000000000 
_pdbx_struct_oper_list.matrix[3][2]         0.0000000000 
_pdbx_struct_oper_list.matrix[3][3]         1.0000000000 
_pdbx_struct_oper_list.vector[3]            0.0000000000 
# 
_struct_biol.id                    1 
_struct_biol.pdbx_parent_biol_id   ? 
_struct_biol.details               ? 
# 
loop_
_struct_conf.conf_type_id 
_struct_conf.id 
_struct_conf.pdbx_PDB_helix_id 
_struct_conf.beg_label_comp_id 
_struct_conf.beg_label_asym_id 
_struct_conf.beg_label_seq_id 
_struct_conf.pdbx_beg_PDB_ins_code 
_struct_conf.end_label_comp_id 
_struct_conf.end_label_asym_id 
_struct_conf.end_label_seq_id 
_struct_conf.pdbx_end_PDB_ins_code 
_struct_conf.beg_auth_comp_id 
_struct_conf.beg_auth_asym_id 
_struct_conf.beg_auth_seq_id 
_struct_conf.end_auth_comp_id 
_struct_conf.end_auth_asym_id 
_struct_conf.end_auth_seq_id 
_struct_conf.pdbx_PDB_helix_class 
_struct_conf.details 
_struct_conf.pdbx_PDB_helix_length 
HELX_P HELX_P1 1 ASP A 18 ? CYS A 29 ? ASP A 18 CYS A 29 5 ? 12 
HELX_P HELX_P2 2 THR A 37 ? ALA A 50 ? THR A 37 ALA A 50 1 ? 14 
HELX_P HELX_P3 3 ALA A 53 ? MET A 64 ? ALA A 53 MET A 64 1 ? 12 
HELX_P HELX_P4 4 ARG A 87 ? LYS A 96 ? ARG A 87 LYS A 96 1 ? 10 
# 
_struct_conf_type.id          HELX_P 
_struct_conf_type.criteria    ? 
_struct_conf_type.reference   ? 
# 
loop_
_struct_conn.id 
_struct_conn.conn_type_id 
_struct_conn.pdbx_leaving_atom_flag 
_struct_conn.pdbx_PDB_id 
_struct_conn.ptnr1_label_asym_id 
_struct_conn.ptnr1_label_comp_id 
_struct_conn.ptnr1_label_seq_id 
_struct_conn.ptnr1_label_atom_id 
_struct_conn.pdbx_ptnr1_label_alt_id 
_struct_conn.pdbx_ptnr1_PDB_ins_code 
_struct_conn.pdbx_ptnr1_standard_comp_id 
_struct_conn.ptnr1_symmetry 
_struct_conn.ptnr2_label_asym_id 
_struct_conn.ptnr2_label_comp_id 
_struct_conn.ptnr2_label_seq_id 
_struct_conn.ptnr2_label_atom_id 
_struct_conn.pdbx_ptnr2_label_alt_id 
_struct_conn.pdbx_ptnr2_PDB_ins_code 
_struct_conn.ptnr1_auth_asym_id 
_struct_conn.ptnr1_auth_comp_id 
_struct_conn.ptnr1_auth_seq_id 
_struct_conn.ptnr2_auth_asym_id 
_struct_conn.ptnr2_auth_comp_id 
_struct_conn.ptnr2_auth_seq_id 
_struct_conn.ptnr2_symmetry 
_struct_conn.pdbx_ptnr3_label_atom_id 
_struct_conn.pdbx_ptnr3_label_seq_id 
_struct_conn.pdbx_ptnr3_label_comp_id 
_struct_conn.pdbx_ptnr3_label_asym_id 
_struct_conn.pdbx_ptnr3_label_alt_id 
_struct_conn.pdbx_ptnr3_PDB_ins_code 
_struct_conn.details 
_struct_conn.pdbx_dist_value 
_struct_conn.pdbx_value_order 
_struct_conn.pdbx_role 
disulf1 disulf ? ? A CYS 6  SG ? ? ? 1_555 A CYS 55  SG ? ? A CYS 6  A CYS 55  1_555 ? ? ? ? ? ? ? 2.033 ? ? 
disulf2 disulf ? ? A CYS 20 SG ? ? ? 1_555 A CYS 44  SG ? ? A CYS 20 A CYS 44  1_555 ? ? ? ? ? ? ? 2.040 ? ? 
disulf3 disulf ? ? A CYS 29 SG ? ? ? 1_555 A CYS 85  SG ? ? A CYS 29 A CYS 85  1_555 ? ? ? ? ? ? ? 2.045 ? ? 
disulf4 disulf ? ? A CYS 45 SG ? ? ? 1_555 A CYS 103 SG ? ? A CYS 45 A CYS 103 1_555 ? ? ? ? ? ? ? 2.035 ? ? 
disulf5 disulf ? ? A CYS 57 SG ? ? ? 1_555 A CYS 114 SG ? ? A CYS 57 A CYS 114 1_555 ? ? ? ? ? ? ? 2.031 ? ? 
# 
_struct_conn_type.id          disulf 
_struct_conn_type.criteria    ? 
_struct_conn_type.reference   ? 
# 
loop_
_pdbx_modification_feature.ordinal 
_pdbx_modification_feature.label_comp_id 
_pdbx_modification_feature.label_asym_id 
_pdbx_modification_feature.label_seq_id 
_pdbx_modification_feature.label_alt_id 
_pdbx_modification_feature.modified_residue_label_comp_id 
_pdbx_modification_feature.modified_residue_label_asym_id 
_pdbx_modification_feature.modified_residue_label_seq_id 
_pdbx_modification_feature.modified_residue_label_alt_id 
_pdbx_modification_feature.auth_comp_id 
_pdbx_modification_feature.auth_asym_id 
_pdbx_modification_feature.auth_seq_id 
_pdbx_modification_feature.PDB_ins_code 
_pdbx_modification_feature.symmetry 
_pdbx_modification_feature.modified_residue_auth_comp_id 
_pdbx_modification_feature.modified_residue_auth_asym_id 
_pdbx_modification_feature.modified_residue_auth_seq_id 
_pdbx_modification_feature.modified_residue_PDB_ins_code 
_pdbx_modification_feature.modified_residue_symmetry 
_pdbx_modification_feature.comp_id_linking_atom 
_pdbx_modification_feature.modified_residue_id_linking_atom 
_pdbx_modification_feature.modified_residue_id 
_pdbx_modification_feature.ref_pcm_id 
_pdbx_modification_feature.ref_comp_id 
_pdbx_modification_feature.type 
_pdbx_modification_feature.category 
1 CYS A 6  ? CYS A 55  ? CYS A 6  ? 1_555 CYS A 55  ? 1_555 SG SG . . . None 'Disulfide bridge' 
2 CYS A 20 ? CYS A 44  ? CYS A 20 ? 1_555 CYS A 44  ? 1_555 SG SG . . . None 'Disulfide bridge' 
3 CYS A 29 ? CYS A 85  ? CYS A 29 ? 1_555 CYS A 85  ? 1_555 SG SG . . . None 'Disulfide bridge' 
4 CYS A 45 ? CYS A 103 ? CYS A 45 ? 1_555 CYS A 103 ? 1_555 SG SG . . . None 'Disulfide bridge' 
5 CYS A 57 ? CYS A 114 ? CYS A 57 ? 1_555 CYS A 114 ? 1_555 SG SG . . . None 'Disulfide bridge' 
# 
_struct_sheet.id               A 
_struct_sheet.type             ? 
_struct_sheet.number_strands   2 
_struct_sheet.details          ? 
# 
_struct_sheet_order.sheet_id     A 
_struct_sheet_order.range_id_1   1 
_struct_sheet_order.range_id_2   2 
_struct_sheet_order.offset       ? 
_struct_sheet_order.sense        anti-parallel 
# 
loop_
_struct_sheet_range.sheet_id 
_struct_sheet_range.id 
_struct_sheet_range.beg_label_comp_id 
_struct_sheet_range.beg_label_asym_id 
_struct_sheet_range.beg_label_seq_id 
_struct_sheet_range.pdbx_beg_PDB_ins_code 
_struct_sheet_range.end_label_comp_id 
_struct_sheet_range.end_label_asym_id 
_struct_sheet_range.end_label_seq_id 
_struct_sheet_range.pdbx_end_PDB_ins_code 
_struct_sheet_range.beg_auth_comp_id 
_struct_sheet_range.beg_auth_asym_id 
_struct_sheet_range.beg_auth_seq_id 
_struct_sheet_range.end_auth_comp_id 
_struct_sheet_range.end_auth_asym_id 
_struct_sheet_range.end_auth_seq_id 
A 1 VAL A 67 ? VAL A 68 ? VAL A 67 VAL A 68 
A 2 HIS A 74 ? GLU A 75 ? HIS A 74 GLU A 75 
# 
_pdbx_struct_sheet_hbond.sheet_id                A 
_pdbx_struct_sheet_hbond.range_id_1              1 
_pdbx_struct_sheet_hbond.range_id_2              2 
_pdbx_struct_sheet_hbond.range_1_label_atom_id   O 
_pdbx_struct_sheet_hbond.range_1_label_comp_id   VAL 
_pdbx_struct_sheet_hbond.range_1_label_asym_id   A 
_pdbx_struct_sheet_hbond.range_1_label_seq_id    67 
_pdbx_struct_sheet_hbond.range_1_PDB_ins_code    ? 
_pdbx_struct_sheet_hbond.range_1_auth_atom_id    O 
_pdbx_struct_sheet_hbond.range_1_auth_comp_id    VAL 
_pdbx_struct_sheet_hbond.range_1_auth_asym_id    A 
_pdbx_struct_sheet_hbond.range_1_auth_seq_id     67 
_pdbx_struct_sheet_hbond.range_2_label_atom_id   N 
_pdbx_struct_sheet_hbond.range_2_label_comp_id   GLU 
_pdbx_struct_sheet_hbond.range_2_label_asym_id   A 
_pdbx_struct_sheet_hbond.range_2_label_seq_id    75 
_pdbx_struct_sheet_hbond.range_2_PDB_ins_code    ? 
_pdbx_struct_sheet_hbond.range_2_auth_atom_id    N 
_pdbx_struct_sheet_hbond.range_2_auth_comp_id    GLU 
_pdbx_struct_sheet_hbond.range_2_auth_asym_id    A 
_pdbx_struct_sheet_hbond.range_2_auth_seq_id     75 
# 
_pdbx_entry_details.entry_id                   1B1U 
_pdbx_entry_details.compound_details           ? 
_pdbx_entry_details.source_details             ? 
_pdbx_entry_details.nonpolymer_details         ? 
_pdbx_entry_details.sequence_details           ? 
_pdbx_entry_details.has_ligand_of_interest     ? 
_pdbx_entry_details.has_protein_modification   Y 
# 
_pdbx_validate_close_contact.id               1 
_pdbx_validate_close_contact.PDB_model_num    1 
_pdbx_validate_close_contact.auth_atom_id_1   O 
_pdbx_validate_close_contact.auth_asym_id_1   A 
_pdbx_validate_close_contact.auth_comp_id_1   GLY 
_pdbx_validate_close_contact.auth_seq_id_1    3 
_pdbx_validate_close_contact.PDB_ins_code_1   ? 
_pdbx_validate_close_contact.label_alt_id_1   ? 
_pdbx_validate_close_contact.auth_atom_id_2   OH 
_pdbx_validate_close_contact.auth_asym_id_2   A 
_pdbx_validate_close_contact.auth_comp_id_2   TYR 
_pdbx_validate_close_contact.auth_seq_id_2    54 
_pdbx_validate_close_contact.PDB_ins_code_2   ? 
_pdbx_validate_close_contact.label_alt_id_2   ? 
_pdbx_validate_close_contact.dist             2.19 
# 
loop_
_pdbx_validate_torsion.id 
_pdbx_validate_torsion.PDB_model_num 
_pdbx_validate_torsion.auth_comp_id 
_pdbx_validate_torsion.auth_asym_id 
_pdbx_validate_torsion.auth_seq_id 
_pdbx_validate_torsion.PDB_ins_code 
_pdbx_validate_torsion.label_alt_id 
_pdbx_validate_torsion.phi 
_pdbx_validate_torsion.psi 
1  1 MET A 10  ? ? -108.77 -74.55  
2  1 ALA A 11  ? ? -37.88  -39.00  
3  1 PRO A 13  ? ? -57.10  170.03  
4  1 ASN A 15  ? ? 67.79   63.19   
5  1 PRO A 33  ? ? -79.50  -70.44  
6  1 ARG A 34  ? ? -159.45 -17.98  
7  1 THR A 37  ? ? -31.80  -39.05  
8  1 ASP A 81  ? ? -38.87  152.31  
9  1 ALA A 94  ? ? -20.58  -59.96  
10 1 PRO A 95  ? ? -62.22  7.40    
11 1 GLU A 102 ? ? -96.11  -125.96 
12 1 ASN A 104 ? ? 45.99   76.28   
13 1 PRO A 112 ? ? -69.88  57.62   
14 1 SER A 116 ? ? -91.16  35.69   
15 1 LEU A 118 ? ? -69.93  88.94   
# 
loop_
_pdbx_unobs_or_zero_occ_residues.id 
_pdbx_unobs_or_zero_occ_residues.PDB_model_num 
_pdbx_unobs_or_zero_occ_residues.polymer_flag 
_pdbx_unobs_or_zero_occ_residues.occupancy_flag 
_pdbx_unobs_or_zero_occ_residues.auth_asym_id 
_pdbx_unobs_or_zero_occ_residues.auth_comp_id 
_pdbx_unobs_or_zero_occ_residues.auth_seq_id 
_pdbx_unobs_or_zero_occ_residues.PDB_ins_code 
_pdbx_unobs_or_zero_occ_residues.label_asym_id 
_pdbx_unobs_or_zero_occ_residues.label_comp_id 
_pdbx_unobs_or_zero_occ_residues.label_seq_id 
1 1 Y 1 A SER 1   ? A SER 1   
2 1 Y 1 A VAL 2   ? A VAL 2   
3 1 Y 1 A ALA 120 ? A ALA 120 
4 1 Y 1 A GLY 121 ? A GLY 121 
5 1 Y 1 A GLU 122 ? A GLU 122 
# 
loop_
_chem_comp_atom.comp_id 
_chem_comp_atom.atom_id 
_chem_comp_atom.type_symbol 
_chem_comp_atom.pdbx_aromatic_flag 
_chem_comp_atom.pdbx_stereo_config 
_chem_comp_atom.pdbx_ordinal 
ALA N    N N N 1   
ALA CA   C N S 2   
ALA C    C N N 3   
ALA O    O N N 4   
ALA CB   C N N 5   
ALA OXT  O N N 6   
ALA H    H N N 7   
ALA H2   H N N 8   
ALA HA   H N N 9   
ALA HB1  H N N 10  
ALA HB2  H N N 11  
ALA HB3  H N N 12  
ALA HXT  H N N 13  
ARG N    N N N 14  
ARG CA   C N S 15  
ARG C    C N N 16  
ARG O    O N N 17  
ARG CB   C N N 18  
ARG CG   C N N 19  
ARG CD   C N N 20  
ARG NE   N N N 21  
ARG CZ   C N N 22  
ARG NH1  N N N 23  
ARG NH2  N N N 24  
ARG OXT  O N N 25  
ARG H    H N N 26  
ARG H2   H N N 27  
ARG HA   H N N 28  
ARG HB2  H N N 29  
ARG HB3  H N N 30  
ARG HG2  H N N 31  
ARG HG3  H N N 32  
ARG HD2  H N N 33  
ARG HD3  H N N 34  
ARG HE   H N N 35  
ARG HH11 H N N 36  
ARG HH12 H N N 37  
ARG HH21 H N N 38  
ARG HH22 H N N 39  
ARG HXT  H N N 40  
ASN N    N N N 41  
ASN CA   C N S 42  
ASN C    C N N 43  
ASN O    O N N 44  
ASN CB   C N N 45  
ASN CG   C N N 46  
ASN OD1  O N N 47  
ASN ND2  N N N 48  
ASN OXT  O N N 49  
ASN H    H N N 50  
ASN H2   H N N 51  
ASN HA   H N N 52  
ASN HB2  H N N 53  
ASN HB3  H N N 54  
ASN HD21 H N N 55  
ASN HD22 H N N 56  
ASN HXT  H N N 57  
ASP N    N N N 58  
ASP CA   C N S 59  
ASP C    C N N 60  
ASP O    O N N 61  
ASP CB   C N N 62  
ASP CG   C N N 63  
ASP OD1  O N N 64  
ASP OD2  O N N 65  
ASP OXT  O N N 66  
ASP H    H N N 67  
ASP H2   H N N 68  
ASP HA   H N N 69  
ASP HB2  H N N 70  
ASP HB3  H N N 71  
ASP HD2  H N N 72  
ASP HXT  H N N 73  
CYS N    N N N 74  
CYS CA   C N R 75  
CYS C    C N N 76  
CYS O    O N N 77  
CYS CB   C N N 78  
CYS SG   S N N 79  
CYS OXT  O N N 80  
CYS H    H N N 81  
CYS H2   H N N 82  
CYS HA   H N N 83  
CYS HB2  H N N 84  
CYS HB3  H N N 85  
CYS HG   H N N 86  
CYS HXT  H N N 87  
GLN N    N N N 88  
GLN CA   C N S 89  
GLN C    C N N 90  
GLN O    O N N 91  
GLN CB   C N N 92  
GLN CG   C N N 93  
GLN CD   C N N 94  
GLN OE1  O N N 95  
GLN NE2  N N N 96  
GLN OXT  O N N 97  
GLN H    H N N 98  
GLN H2   H N N 99  
GLN HA   H N N 100 
GLN HB2  H N N 101 
GLN HB3  H N N 102 
GLN HG2  H N N 103 
GLN HG3  H N N 104 
GLN HE21 H N N 105 
GLN HE22 H N N 106 
GLN HXT  H N N 107 
GLU N    N N N 108 
GLU CA   C N S 109 
GLU C    C N N 110 
GLU O    O N N 111 
GLU CB   C N N 112 
GLU CG   C N N 113 
GLU CD   C N N 114 
GLU OE1  O N N 115 
GLU OE2  O N N 116 
GLU OXT  O N N 117 
GLU H    H N N 118 
GLU H2   H N N 119 
GLU HA   H N N 120 
GLU HB2  H N N 121 
GLU HB3  H N N 122 
GLU HG2  H N N 123 
GLU HG3  H N N 124 
GLU HE2  H N N 125 
GLU HXT  H N N 126 
GLY N    N N N 127 
GLY CA   C N N 128 
GLY C    C N N 129 
GLY O    O N N 130 
GLY OXT  O N N 131 
GLY H    H N N 132 
GLY H2   H N N 133 
GLY HA2  H N N 134 
GLY HA3  H N N 135 
GLY HXT  H N N 136 
HIS N    N N N 137 
HIS CA   C N S 138 
HIS C    C N N 139 
HIS O    O N N 140 
HIS CB   C N N 141 
HIS CG   C Y N 142 
HIS ND1  N Y N 143 
HIS CD2  C Y N 144 
HIS CE1  C Y N 145 
HIS NE2  N Y N 146 
HIS OXT  O N N 147 
HIS H    H N N 148 
HIS H2   H N N 149 
HIS HA   H N N 150 
HIS HB2  H N N 151 
HIS HB3  H N N 152 
HIS HD1  H N N 153 
HIS HD2  H N N 154 
HIS HE1  H N N 155 
HIS HE2  H N N 156 
HIS HXT  H N N 157 
HOH O    O N N 158 
HOH H1   H N N 159 
HOH H2   H N N 160 
ILE N    N N N 161 
ILE CA   C N S 162 
ILE C    C N N 163 
ILE O    O N N 164 
ILE CB   C N S 165 
ILE CG1  C N N 166 
ILE CG2  C N N 167 
ILE CD1  C N N 168 
ILE OXT  O N N 169 
ILE H    H N N 170 
ILE H2   H N N 171 
ILE HA   H N N 172 
ILE HB   H N N 173 
ILE HG12 H N N 174 
ILE HG13 H N N 175 
ILE HG21 H N N 176 
ILE HG22 H N N 177 
ILE HG23 H N N 178 
ILE HD11 H N N 179 
ILE HD12 H N N 180 
ILE HD13 H N N 181 
ILE HXT  H N N 182 
LEU N    N N N 183 
LEU CA   C N S 184 
LEU C    C N N 185 
LEU O    O N N 186 
LEU CB   C N N 187 
LEU CG   C N N 188 
LEU CD1  C N N 189 
LEU CD2  C N N 190 
LEU OXT  O N N 191 
LEU H    H N N 192 
LEU H2   H N N 193 
LEU HA   H N N 194 
LEU HB2  H N N 195 
LEU HB3  H N N 196 
LEU HG   H N N 197 
LEU HD11 H N N 198 
LEU HD12 H N N 199 
LEU HD13 H N N 200 
LEU HD21 H N N 201 
LEU HD22 H N N 202 
LEU HD23 H N N 203 
LEU HXT  H N N 204 
LYS N    N N N 205 
LYS CA   C N S 206 
LYS C    C N N 207 
LYS O    O N N 208 
LYS CB   C N N 209 
LYS CG   C N N 210 
LYS CD   C N N 211 
LYS CE   C N N 212 
LYS NZ   N N N 213 
LYS OXT  O N N 214 
LYS H    H N N 215 
LYS H2   H N N 216 
LYS HA   H N N 217 
LYS HB2  H N N 218 
LYS HB3  H N N 219 
LYS HG2  H N N 220 
LYS HG3  H N N 221 
LYS HD2  H N N 222 
LYS HD3  H N N 223 
LYS HE2  H N N 224 
LYS HE3  H N N 225 
LYS HZ1  H N N 226 
LYS HZ2  H N N 227 
LYS HZ3  H N N 228 
LYS HXT  H N N 229 
MET N    N N N 230 
MET CA   C N S 231 
MET C    C N N 232 
MET O    O N N 233 
MET CB   C N N 234 
MET CG   C N N 235 
MET SD   S N N 236 
MET CE   C N N 237 
MET OXT  O N N 238 
MET H    H N N 239 
MET H2   H N N 240 
MET HA   H N N 241 
MET HB2  H N N 242 
MET HB3  H N N 243 
MET HG2  H N N 244 
MET HG3  H N N 245 
MET HE1  H N N 246 
MET HE2  H N N 247 
MET HE3  H N N 248 
MET HXT  H N N 249 
PHE N    N N N 250 
PHE CA   C N S 251 
PHE C    C N N 252 
PHE O    O N N 253 
PHE CB   C N N 254 
PHE CG   C Y N 255 
PHE CD1  C Y N 256 
PHE CD2  C Y N 257 
PHE CE1  C Y N 258 
PHE CE2  C Y N 259 
PHE CZ   C Y N 260 
PHE OXT  O N N 261 
PHE H    H N N 262 
PHE H2   H N N 263 
PHE HA   H N N 264 
PHE HB2  H N N 265 
PHE HB3  H N N 266 
PHE HD1  H N N 267 
PHE HD2  H N N 268 
PHE HE1  H N N 269 
PHE HE2  H N N 270 
PHE HZ   H N N 271 
PHE HXT  H N N 272 
PRO N    N N N 273 
PRO CA   C N S 274 
PRO C    C N N 275 
PRO O    O N N 276 
PRO CB   C N N 277 
PRO CG   C N N 278 
PRO CD   C N N 279 
PRO OXT  O N N 280 
PRO H    H N N 281 
PRO HA   H N N 282 
PRO HB2  H N N 283 
PRO HB3  H N N 284 
PRO HG2  H N N 285 
PRO HG3  H N N 286 
PRO HD2  H N N 287 
PRO HD3  H N N 288 
PRO HXT  H N N 289 
SER N    N N N 290 
SER CA   C N S 291 
SER C    C N N 292 
SER O    O N N 293 
SER CB   C N N 294 
SER OG   O N N 295 
SER OXT  O N N 296 
SER H    H N N 297 
SER H2   H N N 298 
SER HA   H N N 299 
SER HB2  H N N 300 
SER HB3  H N N 301 
SER HG   H N N 302 
SER HXT  H N N 303 
THR N    N N N 304 
THR CA   C N S 305 
THR C    C N N 306 
THR O    O N N 307 
THR CB   C N R 308 
THR OG1  O N N 309 
THR CG2  C N N 310 
THR OXT  O N N 311 
THR H    H N N 312 
THR H2   H N N 313 
THR HA   H N N 314 
THR HB   H N N 315 
THR HG1  H N N 316 
THR HG21 H N N 317 
THR HG22 H N N 318 
THR HG23 H N N 319 
THR HXT  H N N 320 
TRP N    N N N 321 
TRP CA   C N S 322 
TRP C    C N N 323 
TRP O    O N N 324 
TRP CB   C N N 325 
TRP CG   C Y N 326 
TRP CD1  C Y N 327 
TRP CD2  C Y N 328 
TRP NE1  N Y N 329 
TRP CE2  C Y N 330 
TRP CE3  C Y N 331 
TRP CZ2  C Y N 332 
TRP CZ3  C Y N 333 
TRP CH2  C Y N 334 
TRP OXT  O N N 335 
TRP H    H N N 336 
TRP H2   H N N 337 
TRP HA   H N N 338 
TRP HB2  H N N 339 
TRP HB3  H N N 340 
TRP HD1  H N N 341 
TRP HE1  H N N 342 
TRP HE3  H N N 343 
TRP HZ2  H N N 344 
TRP HZ3  H N N 345 
TRP HH2  H N N 346 
TRP HXT  H N N 347 
TYR N    N N N 348 
TYR CA   C N S 349 
TYR C    C N N 350 
TYR O    O N N 351 
TYR CB   C N N 352 
TYR CG   C Y N 353 
TYR CD1  C Y N 354 
TYR CD2  C Y N 355 
TYR CE1  C Y N 356 
TYR CE2  C Y N 357 
TYR CZ   C Y N 358 
TYR OH   O N N 359 
TYR OXT  O N N 360 
TYR H    H N N 361 
TYR H2   H N N 362 
TYR HA   H N N 363 
TYR HB2  H N N 364 
TYR HB3  H N N 365 
TYR HD1  H N N 366 
TYR HD2  H N N 367 
TYR HE1  H N N 368 
TYR HE2  H N N 369 
TYR HH   H N N 370 
TYR HXT  H N N 371 
VAL N    N N N 372 
VAL CA   C N S 373 
VAL C    C N N 374 
VAL O    O N N 375 
VAL CB   C N N 376 
VAL CG1  C N N 377 
VAL CG2  C N N 378 
VAL OXT  O N N 379 
VAL H    H N N 380 
VAL H2   H N N 381 
VAL HA   H N N 382 
VAL HB   H N N 383 
VAL HG11 H N N 384 
VAL HG12 H N N 385 
VAL HG13 H N N 386 
VAL HG21 H N N 387 
VAL HG22 H N N 388 
VAL HG23 H N N 389 
VAL HXT  H N N 390 
# 
loop_
_chem_comp_bond.comp_id 
_chem_comp_bond.atom_id_1 
_chem_comp_bond.atom_id_2 
_chem_comp_bond.value_order 
_chem_comp_bond.pdbx_aromatic_flag 
_chem_comp_bond.pdbx_stereo_config 
_chem_comp_bond.pdbx_ordinal 
ALA N   CA   sing N N 1   
ALA N   H    sing N N 2   
ALA N   H2   sing N N 3   
ALA CA  C    sing N N 4   
ALA CA  CB   sing N N 5   
ALA CA  HA   sing N N 6   
ALA C   O    doub N N 7   
ALA C   OXT  sing N N 8   
ALA CB  HB1  sing N N 9   
ALA CB  HB2  sing N N 10  
ALA CB  HB3  sing N N 11  
ALA OXT HXT  sing N N 12  
ARG N   CA   sing N N 13  
ARG N   H    sing N N 14  
ARG N   H2   sing N N 15  
ARG CA  C    sing N N 16  
ARG CA  CB   sing N N 17  
ARG CA  HA   sing N N 18  
ARG C   O    doub N N 19  
ARG C   OXT  sing N N 20  
ARG CB  CG   sing N N 21  
ARG CB  HB2  sing N N 22  
ARG CB  HB3  sing N N 23  
ARG CG  CD   sing N N 24  
ARG CG  HG2  sing N N 25  
ARG CG  HG3  sing N N 26  
ARG CD  NE   sing N N 27  
ARG CD  HD2  sing N N 28  
ARG CD  HD3  sing N N 29  
ARG NE  CZ   sing N N 30  
ARG NE  HE   sing N N 31  
ARG CZ  NH1  sing N N 32  
ARG CZ  NH2  doub N N 33  
ARG NH1 HH11 sing N N 34  
ARG NH1 HH12 sing N N 35  
ARG NH2 HH21 sing N N 36  
ARG NH2 HH22 sing N N 37  
ARG OXT HXT  sing N N 38  
ASN N   CA   sing N N 39  
ASN N   H    sing N N 40  
ASN N   H2   sing N N 41  
ASN CA  C    sing N N 42  
ASN CA  CB   sing N N 43  
ASN CA  HA   sing N N 44  
ASN C   O    doub N N 45  
ASN C   OXT  sing N N 46  
ASN CB  CG   sing N N 47  
ASN CB  HB2  sing N N 48  
ASN CB  HB3  sing N N 49  
ASN CG  OD1  doub N N 50  
ASN CG  ND2  sing N N 51  
ASN ND2 HD21 sing N N 52  
ASN ND2 HD22 sing N N 53  
ASN OXT HXT  sing N N 54  
ASP N   CA   sing N N 55  
ASP N   H    sing N N 56  
ASP N   H2   sing N N 57  
ASP CA  C    sing N N 58  
ASP CA  CB   sing N N 59  
ASP CA  HA   sing N N 60  
ASP C   O    doub N N 61  
ASP C   OXT  sing N N 62  
ASP CB  CG   sing N N 63  
ASP CB  HB2  sing N N 64  
ASP CB  HB3  sing N N 65  
ASP CG  OD1  doub N N 66  
ASP CG  OD2  sing N N 67  
ASP OD2 HD2  sing N N 68  
ASP OXT HXT  sing N N 69  
CYS N   CA   sing N N 70  
CYS N   H    sing N N 71  
CYS N   H2   sing N N 72  
CYS CA  C    sing N N 73  
CYS CA  CB   sing N N 74  
CYS CA  HA   sing N N 75  
CYS C   O    doub N N 76  
CYS C   OXT  sing N N 77  
CYS CB  SG   sing N N 78  
CYS CB  HB2  sing N N 79  
CYS CB  HB3  sing N N 80  
CYS SG  HG   sing N N 81  
CYS OXT HXT  sing N N 82  
GLN N   CA   sing N N 83  
GLN N   H    sing N N 84  
GLN N   H2   sing N N 85  
GLN CA  C    sing N N 86  
GLN CA  CB   sing N N 87  
GLN CA  HA   sing N N 88  
GLN C   O    doub N N 89  
GLN C   OXT  sing N N 90  
GLN CB  CG   sing N N 91  
GLN CB  HB2  sing N N 92  
GLN CB  HB3  sing N N 93  
GLN CG  CD   sing N N 94  
GLN CG  HG2  sing N N 95  
GLN CG  HG3  sing N N 96  
GLN CD  OE1  doub N N 97  
GLN CD  NE2  sing N N 98  
GLN NE2 HE21 sing N N 99  
GLN NE2 HE22 sing N N 100 
GLN OXT HXT  sing N N 101 
GLU N   CA   sing N N 102 
GLU N   H    sing N N 103 
GLU N   H2   sing N N 104 
GLU CA  C    sing N N 105 
GLU CA  CB   sing N N 106 
GLU CA  HA   sing N N 107 
GLU C   O    doub N N 108 
GLU C   OXT  sing N N 109 
GLU CB  CG   sing N N 110 
GLU CB  HB2  sing N N 111 
GLU CB  HB3  sing N N 112 
GLU CG  CD   sing N N 113 
GLU CG  HG2  sing N N 114 
GLU CG  HG3  sing N N 115 
GLU CD  OE1  doub N N 116 
GLU CD  OE2  sing N N 117 
GLU OE2 HE2  sing N N 118 
GLU OXT HXT  sing N N 119 
GLY N   CA   sing N N 120 
GLY N   H    sing N N 121 
GLY N   H2   sing N N 122 
GLY CA  C    sing N N 123 
GLY CA  HA2  sing N N 124 
GLY CA  HA3  sing N N 125 
GLY C   O    doub N N 126 
GLY C   OXT  sing N N 127 
GLY OXT HXT  sing N N 128 
HIS N   CA   sing N N 129 
HIS N   H    sing N N 130 
HIS N   H2   sing N N 131 
HIS CA  C    sing N N 132 
HIS CA  CB   sing N N 133 
HIS CA  HA   sing N N 134 
HIS C   O    doub N N 135 
HIS C   OXT  sing N N 136 
HIS CB  CG   sing N N 137 
HIS CB  HB2  sing N N 138 
HIS CB  HB3  sing N N 139 
HIS CG  ND1  sing Y N 140 
HIS CG  CD2  doub Y N 141 
HIS ND1 CE1  doub Y N 142 
HIS ND1 HD1  sing N N 143 
HIS CD2 NE2  sing Y N 144 
HIS CD2 HD2  sing N N 145 
HIS CE1 NE2  sing Y N 146 
HIS CE1 HE1  sing N N 147 
HIS NE2 HE2  sing N N 148 
HIS OXT HXT  sing N N 149 
HOH O   H1   sing N N 150 
HOH O   H2   sing N N 151 
ILE N   CA   sing N N 152 
ILE N   H    sing N N 153 
ILE N   H2   sing N N 154 
ILE CA  C    sing N N 155 
ILE CA  CB   sing N N 156 
ILE CA  HA   sing N N 157 
ILE C   O    doub N N 158 
ILE C   OXT  sing N N 159 
ILE CB  CG1  sing N N 160 
ILE CB  CG2  sing N N 161 
ILE CB  HB   sing N N 162 
ILE CG1 CD1  sing N N 163 
ILE CG1 HG12 sing N N 164 
ILE CG1 HG13 sing N N 165 
ILE CG2 HG21 sing N N 166 
ILE CG2 HG22 sing N N 167 
ILE CG2 HG23 sing N N 168 
ILE CD1 HD11 sing N N 169 
ILE CD1 HD12 sing N N 170 
ILE CD1 HD13 sing N N 171 
ILE OXT HXT  sing N N 172 
LEU N   CA   sing N N 173 
LEU N   H    sing N N 174 
LEU N   H2   sing N N 175 
LEU CA  C    sing N N 176 
LEU CA  CB   sing N N 177 
LEU CA  HA   sing N N 178 
LEU C   O    doub N N 179 
LEU C   OXT  sing N N 180 
LEU CB  CG   sing N N 181 
LEU CB  HB2  sing N N 182 
LEU CB  HB3  sing N N 183 
LEU CG  CD1  sing N N 184 
LEU CG  CD2  sing N N 185 
LEU CG  HG   sing N N 186 
LEU CD1 HD11 sing N N 187 
LEU CD1 HD12 sing N N 188 
LEU CD1 HD13 sing N N 189 
LEU CD2 HD21 sing N N 190 
LEU CD2 HD22 sing N N 191 
LEU CD2 HD23 sing N N 192 
LEU OXT HXT  sing N N 193 
LYS N   CA   sing N N 194 
LYS N   H    sing N N 195 
LYS N   H2   sing N N 196 
LYS CA  C    sing N N 197 
LYS CA  CB   sing N N 198 
LYS CA  HA   sing N N 199 
LYS C   O    doub N N 200 
LYS C   OXT  sing N N 201 
LYS CB  CG   sing N N 202 
LYS CB  HB2  sing N N 203 
LYS CB  HB3  sing N N 204 
LYS CG  CD   sing N N 205 
LYS CG  HG2  sing N N 206 
LYS CG  HG3  sing N N 207 
LYS CD  CE   sing N N 208 
LYS CD  HD2  sing N N 209 
LYS CD  HD3  sing N N 210 
LYS CE  NZ   sing N N 211 
LYS CE  HE2  sing N N 212 
LYS CE  HE3  sing N N 213 
LYS NZ  HZ1  sing N N 214 
LYS NZ  HZ2  sing N N 215 
LYS NZ  HZ3  sing N N 216 
LYS OXT HXT  sing N N 217 
MET N   CA   sing N N 218 
MET N   H    sing N N 219 
MET N   H2   sing N N 220 
MET CA  C    sing N N 221 
MET CA  CB   sing N N 222 
MET CA  HA   sing N N 223 
MET C   O    doub N N 224 
MET C   OXT  sing N N 225 
MET CB  CG   sing N N 226 
MET CB  HB2  sing N N 227 
MET CB  HB3  sing N N 228 
MET CG  SD   sing N N 229 
MET CG  HG2  sing N N 230 
MET CG  HG3  sing N N 231 
MET SD  CE   sing N N 232 
MET CE  HE1  sing N N 233 
MET CE  HE2  sing N N 234 
MET CE  HE3  sing N N 235 
MET OXT HXT  sing N N 236 
PHE N   CA   sing N N 237 
PHE N   H    sing N N 238 
PHE N   H2   sing N N 239 
PHE CA  C    sing N N 240 
PHE CA  CB   sing N N 241 
PHE CA  HA   sing N N 242 
PHE C   O    doub N N 243 
PHE C   OXT  sing N N 244 
PHE CB  CG   sing N N 245 
PHE CB  HB2  sing N N 246 
PHE CB  HB3  sing N N 247 
PHE CG  CD1  doub Y N 248 
PHE CG  CD2  sing Y N 249 
PHE CD1 CE1  sing Y N 250 
PHE CD1 HD1  sing N N 251 
PHE CD2 CE2  doub Y N 252 
PHE CD2 HD2  sing N N 253 
PHE CE1 CZ   doub Y N 254 
PHE CE1 HE1  sing N N 255 
PHE CE2 CZ   sing Y N 256 
PHE CE2 HE2  sing N N 257 
PHE CZ  HZ   sing N N 258 
PHE OXT HXT  sing N N 259 
PRO N   CA   sing N N 260 
PRO N   CD   sing N N 261 
PRO N   H    sing N N 262 
PRO CA  C    sing N N 263 
PRO CA  CB   sing N N 264 
PRO CA  HA   sing N N 265 
PRO C   O    doub N N 266 
PRO C   OXT  sing N N 267 
PRO CB  CG   sing N N 268 
PRO CB  HB2  sing N N 269 
PRO CB  HB3  sing N N 270 
PRO CG  CD   sing N N 271 
PRO CG  HG2  sing N N 272 
PRO CG  HG3  sing N N 273 
PRO CD  HD2  sing N N 274 
PRO CD  HD3  sing N N 275 
PRO OXT HXT  sing N N 276 
SER N   CA   sing N N 277 
SER N   H    sing N N 278 
SER N   H2   sing N N 279 
SER CA  C    sing N N 280 
SER CA  CB   sing N N 281 
SER CA  HA   sing N N 282 
SER C   O    doub N N 283 
SER C   OXT  sing N N 284 
SER CB  OG   sing N N 285 
SER CB  HB2  sing N N 286 
SER CB  HB3  sing N N 287 
SER OG  HG   sing N N 288 
SER OXT HXT  sing N N 289 
THR N   CA   sing N N 290 
THR N   H    sing N N 291 
THR N   H2   sing N N 292 
THR CA  C    sing N N 293 
THR CA  CB   sing N N 294 
THR CA  HA   sing N N 295 
THR C   O    doub N N 296 
THR C   OXT  sing N N 297 
THR CB  OG1  sing N N 298 
THR CB  CG2  sing N N 299 
THR CB  HB   sing N N 300 
THR OG1 HG1  sing N N 301 
THR CG2 HG21 sing N N 302 
THR CG2 HG22 sing N N 303 
THR CG2 HG23 sing N N 304 
THR OXT HXT  sing N N 305 
TRP N   CA   sing N N 306 
TRP N   H    sing N N 307 
TRP N   H2   sing N N 308 
TRP CA  C    sing N N 309 
TRP CA  CB   sing N N 310 
TRP CA  HA   sing N N 311 
TRP C   O    doub N N 312 
TRP C   OXT  sing N N 313 
TRP CB  CG   sing N N 314 
TRP CB  HB2  sing N N 315 
TRP CB  HB3  sing N N 316 
TRP CG  CD1  doub Y N 317 
TRP CG  CD2  sing Y N 318 
TRP CD1 NE1  sing Y N 319 
TRP CD1 HD1  sing N N 320 
TRP CD2 CE2  doub Y N 321 
TRP CD2 CE3  sing Y N 322 
TRP NE1 CE2  sing Y N 323 
TRP NE1 HE1  sing N N 324 
TRP CE2 CZ2  sing Y N 325 
TRP CE3 CZ3  doub Y N 326 
TRP CE3 HE3  sing N N 327 
TRP CZ2 CH2  doub Y N 328 
TRP CZ2 HZ2  sing N N 329 
TRP CZ3 CH2  sing Y N 330 
TRP CZ3 HZ3  sing N N 331 
TRP CH2 HH2  sing N N 332 
TRP OXT HXT  sing N N 333 
TYR N   CA   sing N N 334 
TYR N   H    sing N N 335 
TYR N   H2   sing N N 336 
TYR CA  C    sing N N 337 
TYR CA  CB   sing N N 338 
TYR CA  HA   sing N N 339 
TYR C   O    doub N N 340 
TYR C   OXT  sing N N 341 
TYR CB  CG   sing N N 342 
TYR CB  HB2  sing N N 343 
TYR CB  HB3  sing N N 344 
TYR CG  CD1  doub Y N 345 
TYR CG  CD2  sing Y N 346 
TYR CD1 CE1  sing Y N 347 
TYR CD1 HD1  sing N N 348 
TYR CD2 CE2  doub Y N 349 
TYR CD2 HD2  sing N N 350 
TYR CE1 CZ   doub Y N 351 
TYR CE1 HE1  sing N N 352 
TYR CE2 CZ   sing Y N 353 
TYR CE2 HE2  sing N N 354 
TYR CZ  OH   sing N N 355 
TYR OH  HH   sing N N 356 
TYR OXT HXT  sing N N 357 
VAL N   CA   sing N N 358 
VAL N   H    sing N N 359 
VAL N   H2   sing N N 360 
VAL CA  C    sing N N 361 
VAL CA  CB   sing N N 362 
VAL CA  HA   sing N N 363 
VAL C   O    doub N N 364 
VAL C   OXT  sing N N 365 
VAL CB  CG1  sing N N 366 
VAL CB  CG2  sing N N 367 
VAL CB  HB   sing N N 368 
VAL CG1 HG11 sing N N 369 
VAL CG1 HG12 sing N N 370 
VAL CG1 HG13 sing N N 371 
VAL CG2 HG21 sing N N 372 
VAL CG2 HG22 sing N N 373 
VAL CG2 HG23 sing N N 374 
VAL OXT HXT  sing N N 375 
# 
_pdbx_initial_refinement_model.id               1 
_pdbx_initial_refinement_model.entity_id_list   ? 
_pdbx_initial_refinement_model.type             'experimental model' 
_pdbx_initial_refinement_model.source_name      PDB 
_pdbx_initial_refinement_model.accession_code   1BIP 
_pdbx_initial_refinement_model.details          'PDB ENTRY 1BIP, MODEL 20' 
# 
_atom_sites.entry_id                    1B1U 
_atom_sites.fract_transf_matrix[1][1]   0.01777966 
_atom_sites.fract_transf_matrix[1][2]   0.00890320 
_atom_sites.fract_transf_matrix[1][3]   -0.00707671 
_atom_sites.fract_transf_matrix[2][1]   -0.00633503 
_atom_sites.fract_transf_matrix[2][2]   0.01652375 
_atom_sites.fract_transf_matrix[2][3]   0.00487227 
_atom_sites.fract_transf_matrix[3][1]   0.01025560 
_atom_sites.fract_transf_matrix[3][2]   -0.00267381 
_atom_sites.fract_transf_matrix[3][3]   0.02240247 
_atom_sites.fract_transf_vector[1]      0.133385 
_atom_sites.fract_transf_vector[2]      0.213188 
_atom_sites.fract_transf_vector[3]      0.214025 
# 
loop_
_atom_type.symbol 
C 
N 
O 
S 
# 
loop_
_atom_site.group_PDB 
_atom_site.id 
_atom_site.type_symbol 
_atom_site.label_atom_id 
_atom_site.label_alt_id 
_atom_site.label_comp_id 
_atom_site.label_asym_id 
_atom_site.label_entity_id 
_atom_site.label_seq_id 
_atom_site.pdbx_PDB_ins_code 
_atom_site.Cartn_x 
_atom_site.Cartn_y 
_atom_site.Cartn_z 
_atom_site.occupancy 
_atom_site.B_iso_or_equiv 
_atom_site.pdbx_formal_charge 
_atom_site.auth_seq_id 
_atom_site.auth_comp_id 
_atom_site.auth_asym_id 
_atom_site.auth_atom_id 
_atom_site.pdbx_PDB_model_num 
ATOM   1   N N   . GLY A 1 3   ? -0.349  -10.545 15.892  1.00 57.33 ? 3   GLY A N   1 
ATOM   2   C CA  . GLY A 1 3   ? 0.280   -11.876 16.146  1.00 56.54 ? 3   GLY A CA  1 
ATOM   3   C C   . GLY A 1 3   ? 0.697   -12.538 14.849  1.00 54.66 ? 3   GLY A C   1 
ATOM   4   O O   . GLY A 1 3   ? 1.450   -11.953 14.075  1.00 54.65 ? 3   GLY A O   1 
ATOM   5   N N   . THR A 1 4   ? 0.217   -13.757 14.615  1.00 53.15 ? 4   THR A N   1 
ATOM   6   C CA  . THR A 1 4   ? 0.535   -14.483 13.388  1.00 48.06 ? 4   THR A CA  1 
ATOM   7   C C   . THR A 1 4   ? -0.569  -14.180 12.374  1.00 44.60 ? 4   THR A C   1 
ATOM   8   O O   . THR A 1 4   ? -0.734  -14.881 11.373  1.00 45.24 ? 4   THR A O   1 
ATOM   9   C CB  . THR A 1 4   ? 0.608   -16.006 13.648  1.00 48.43 ? 4   THR A CB  1 
ATOM   10  O OG1 . THR A 1 4   ? 1.569   -16.266 14.679  1.00 47.99 ? 4   THR A OG1 1 
ATOM   11  C CG2 . THR A 1 4   ? 1.019   -16.753 12.384  1.00 47.31 ? 4   THR A CG2 1 
ATOM   12  N N   . SER A 1 5   ? -1.316  -13.114 12.644  1.00 38.48 ? 5   SER A N   1 
ATOM   13  C CA  . SER A 1 5   ? -2.406  -12.705 11.777  1.00 33.77 ? 5   SER A CA  1 
ATOM   14  C C   . SER A 1 5   ? -2.289  -11.253 11.329  1.00 31.91 ? 5   SER A C   1 
ATOM   15  O O   . SER A 1 5   ? -2.306  -10.328 12.144  1.00 30.03 ? 5   SER A O   1 
ATOM   16  C CB  . SER A 1 5   ? -3.738  -12.910 12.490  1.00 33.42 ? 5   SER A CB  1 
ATOM   17  O OG  . SER A 1 5   ? -4.699  -13.422 11.592  1.00 30.46 ? 5   SER A OG  1 
ATOM   18  N N   . CYS A 1 6   ? -2.185  -11.068 10.018  1.00 28.24 ? 6   CYS A N   1 
ATOM   19  C CA  . CYS A 1 6   ? -2.066  -9.744  9.424   1.00 24.50 ? 6   CYS A CA  1 
ATOM   20  C C   . CYS A 1 6   ? -3.443  -9.114  9.337   1.00 23.16 ? 6   CYS A C   1 
ATOM   21  O O   . CYS A 1 6   ? -4.008  -8.964  8.247   1.00 20.25 ? 6   CYS A O   1 
ATOM   22  C CB  . CYS A 1 6   ? -1.453  -9.867  8.034   1.00 24.53 ? 6   CYS A CB  1 
ATOM   23  S SG  . CYS A 1 6   ? 0.299   -10.351 8.093   1.00 23.30 ? 6   CYS A SG  1 
ATOM   24  N N   . ILE A 1 7   ? -3.968  -8.734  10.497  1.00 22.13 ? 7   ILE A N   1 
ATOM   25  C CA  . ILE A 1 7   ? -5.302  -8.152  10.591  1.00 22.86 ? 7   ILE A CA  1 
ATOM   26  C C   . ILE A 1 7   ? -5.324  -6.756  11.194  1.00 18.43 ? 7   ILE A C   1 
ATOM   27  O O   . ILE A 1 7   ? -4.716  -6.500  12.228  1.00 19.03 ? 7   ILE A O   1 
ATOM   28  C CB  . ILE A 1 7   ? -6.235  -9.083  11.419  1.00 22.81 ? 7   ILE A CB  1 
ATOM   29  C CG1 . ILE A 1 7   ? -6.582  -10.316 10.591  1.00 24.38 ? 7   ILE A CG1 1 
ATOM   30  C CG2 . ILE A 1 7   ? -7.517  -8.362  11.817  1.00 25.18 ? 7   ILE A CG2 1 
ATOM   31  C CD1 . ILE A 1 7   ? -7.008  -11.500 11.417  1.00 27.67 ? 7   ILE A CD1 1 
ATOM   32  N N   . PRO A 1 8   ? -6.037  -5.829  10.543  1.00 17.47 ? 8   PRO A N   1 
ATOM   33  C CA  . PRO A 1 8   ? -6.124  -4.455  11.040  1.00 20.64 ? 8   PRO A CA  1 
ATOM   34  C C   . PRO A 1 8   ? -6.476  -4.394  12.517  1.00 28.23 ? 8   PRO A C   1 
ATOM   35  O O   . PRO A 1 8   ? -7.577  -4.761  12.933  1.00 34.44 ? 8   PRO A O   1 
ATOM   36  C CB  . PRO A 1 8   ? -7.186  -3.819  10.152  1.00 16.52 ? 8   PRO A CB  1 
ATOM   37  C CG  . PRO A 1 8   ? -7.103  -4.597  8.879   1.00 17.83 ? 8   PRO A CG  1 
ATOM   38  C CD  . PRO A 1 8   ? -6.788  -6.010  9.291   1.00 16.04 ? 8   PRO A CD  1 
ATOM   39  N N   . GLY A 1 9   ? -5.515  -3.924  13.300  1.00 32.15 ? 9   GLY A N   1 
ATOM   40  C CA  . GLY A 1 9   ? -5.671  -3.809  14.735  1.00 37.53 ? 9   GLY A CA  1 
ATOM   41  C C   . GLY A 1 9   ? -4.260  -3.609  15.234  1.00 41.72 ? 9   GLY A C   1 
ATOM   42  O O   . GLY A 1 9   ? -3.833  -2.471  15.467  1.00 43.30 ? 9   GLY A O   1 
ATOM   43  N N   . MET A 1 10  ? -3.524  -4.710  15.379  1.00 40.63 ? 10  MET A N   1 
ATOM   44  C CA  . MET A 1 10  ? -2.134  -4.623  15.812  1.00 41.47 ? 10  MET A CA  1 
ATOM   45  C C   . MET A 1 10  ? -1.224  -4.958  14.641  1.00 37.65 ? 10  MET A C   1 
ATOM   46  O O   . MET A 1 10  ? -0.618  -4.066  14.056  1.00 42.64 ? 10  MET A O   1 
ATOM   47  C CB  . MET A 1 10  ? -1.852  -5.563  16.985  1.00 44.25 ? 10  MET A CB  1 
ATOM   48  C CG  . MET A 1 10  ? -1.267  -4.847  18.212  1.00 48.03 ? 10  MET A CG  1 
ATOM   49  S SD  . MET A 1 10  ? 0.277   -3.899  17.916  1.00 52.59 ? 10  MET A SD  1 
ATOM   50  C CE  . MET A 1 10  ? -0.331  -2.168  17.985  1.00 43.39 ? 10  MET A CE  1 
ATOM   51  N N   . ALA A 1 11  ? -1.138  -6.235  14.289  1.00 32.84 ? 11  ALA A N   1 
ATOM   52  C CA  . ALA A 1 11  ? -0.295  -6.656  13.175  1.00 29.68 ? 11  ALA A CA  1 
ATOM   53  C C   . ALA A 1 11  ? -0.330  -5.651  12.024  1.00 27.77 ? 11  ALA A C   1 
ATOM   54  O O   . ALA A 1 11  ? 0.690   -5.408  11.386  1.00 28.48 ? 11  ALA A O   1 
ATOM   55  C CB  . ALA A 1 11  ? -0.728  -8.024  12.685  1.00 35.69 ? 11  ALA A CB  1 
ATOM   56  N N   . ILE A 1 12  ? -1.506  -5.088  11.748  1.00 22.44 ? 12  ILE A N   1 
ATOM   57  C CA  . ILE A 1 12  ? -1.646  -4.087  10.689  1.00 17.27 ? 12  ILE A CA  1 
ATOM   58  C C   . ILE A 1 12  ? -2.447  -2.871  11.192  1.00 19.11 ? 12  ILE A C   1 
ATOM   59  O O   . ILE A 1 12  ? -3.559  -2.998  11.697  1.00 18.87 ? 12  ILE A O   1 
ATOM   60  C CB  . ILE A 1 12  ? -2.296  -4.694  9.421   1.00 8.56  ? 12  ILE A CB  1 
ATOM   61  C CG1 . ILE A 1 12  ? -1.315  -5.656  8.771   1.00 3.88  ? 12  ILE A CG1 1 
ATOM   62  C CG2 . ILE A 1 12  ? -2.612  -3.622  8.424   1.00 5.52  ? 12  ILE A CG2 1 
ATOM   63  C CD1 . ILE A 1 12  ? -1.618  -5.970  7.373   1.00 2.00  ? 12  ILE A CD1 1 
ATOM   64  N N   . PRO A 1 13  ? -1.872  -1.666  11.074  1.00 18.36 ? 13  PRO A N   1 
ATOM   65  C CA  . PRO A 1 13  ? -2.607  -0.499  11.551  1.00 18.55 ? 13  PRO A CA  1 
ATOM   66  C C   . PRO A 1 13  ? -3.973  -0.308  10.919  1.00 20.09 ? 13  PRO A C   1 
ATOM   67  O O   . PRO A 1 13  ? -4.336  -0.991  9.957   1.00 20.62 ? 13  PRO A O   1 
ATOM   68  C CB  . PRO A 1 13  ? -1.663  0.667   11.253  1.00 16.57 ? 13  PRO A CB  1 
ATOM   69  C CG  . PRO A 1 13  ? -0.323  0.048   11.163  1.00 16.69 ? 13  PRO A CG  1 
ATOM   70  C CD  . PRO A 1 13  ? -0.556  -1.292  10.535  1.00 14.18 ? 13  PRO A CD  1 
ATOM   71  N N   . HIS A 1 14  ? -4.727  0.623   11.492  1.00 21.85 ? 14  HIS A N   1 
ATOM   72  C CA  . HIS A 1 14  ? -6.052  0.958   11.005  1.00 24.79 ? 14  HIS A CA  1 
ATOM   73  C C   . HIS A 1 14  ? -5.857  1.937   9.859   1.00 24.94 ? 14  HIS A C   1 
ATOM   74  O O   . HIS A 1 14  ? -5.331  3.035   10.052  1.00 26.47 ? 14  HIS A O   1 
ATOM   75  C CB  . HIS A 1 14  ? -6.874  1.594   12.123  1.00 27.85 ? 14  HIS A CB  1 
ATOM   76  C CG  . HIS A 1 14  ? -7.503  0.598   13.040  1.00 26.25 ? 14  HIS A CG  1 
ATOM   77  N ND1 . HIS A 1 14  ? -8.569  -0.187  12.661  1.00 26.30 ? 14  HIS A ND1 1 
ATOM   78  C CD2 . HIS A 1 14  ? -7.193  0.229   14.306  1.00 30.13 ? 14  HIS A CD2 1 
ATOM   79  C CE1 . HIS A 1 14  ? -8.889  -0.997  13.655  1.00 30.98 ? 14  HIS A CE1 1 
ATOM   80  N NE2 . HIS A 1 14  ? -8.070  -0.765  14.664  1.00 30.31 ? 14  HIS A NE2 1 
ATOM   81  N N   . ASN A 1 15  ? -6.298  1.522   8.675   1.00 24.97 ? 15  ASN A N   1 
ATOM   82  C CA  . ASN A 1 15  ? -6.147  2.297   7.443   1.00 25.05 ? 15  ASN A CA  1 
ATOM   83  C C   . ASN A 1 15  ? -4.651  2.341   7.103   1.00 23.96 ? 15  ASN A C   1 
ATOM   84  O O   . ASN A 1 15  ? -4.034  3.412   7.080   1.00 20.36 ? 15  ASN A O   1 
ATOM   85  C CB  . ASN A 1 15  ? -6.703  3.720   7.588   1.00 20.46 ? 15  ASN A CB  1 
ATOM   86  C CG  . ASN A 1 15  ? -7.145  4.299   6.252   1.00 17.54 ? 15  ASN A CG  1 
ATOM   87  O OD1 . ASN A 1 15  ? -7.049  3.635   5.221   1.00 15.66 ? 15  ASN A OD1 1 
ATOM   88  N ND2 . ASN A 1 15  ? -7.628  5.530   6.265   1.00 16.09 ? 15  ASN A ND2 1 
ATOM   89  N N   . PRO A 1 16  ? -4.057  1.158   6.832   1.00 22.09 ? 16  PRO A N   1 
ATOM   90  C CA  . PRO A 1 16  ? -2.640  1.008   6.498   1.00 20.13 ? 16  PRO A CA  1 
ATOM   91  C C   . PRO A 1 16  ? -2.222  1.787   5.267   1.00 22.82 ? 16  PRO A C   1 
ATOM   92  O O   . PRO A 1 16  ? -3.022  2.036   4.358   1.00 24.01 ? 16  PRO A O   1 
ATOM   93  C CB  . PRO A 1 16  ? -2.474  -0.498  6.293   1.00 19.43 ? 16  PRO A CB  1 
ATOM   94  C CG  . PRO A 1 16  ? -3.838  -0.975  5.946   1.00 21.97 ? 16  PRO A CG  1 
ATOM   95  C CD  . PRO A 1 16  ? -4.747  -0.144  6.797   1.00 19.48 ? 16  PRO A CD  1 
ATOM   96  N N   . LEU A 1 17  ? -0.952  2.175   5.257   1.00 17.86 ? 17  LEU A N   1 
ATOM   97  C CA  . LEU A 1 17  ? -0.377  2.904   4.143   1.00 13.12 ? 17  LEU A CA  1 
ATOM   98  C C   . LEU A 1 17  ? -1.287  4.012   3.632   1.00 9.83  ? 17  LEU A C   1 
ATOM   99  O O   . LEU A 1 17  ? -1.494  4.143   2.434   1.00 13.18 ? 17  LEU A O   1 
ATOM   100 C CB  . LEU A 1 17  ? -0.047  1.911   3.021   1.00 7.54  ? 17  LEU A CB  1 
ATOM   101 C CG  . LEU A 1 17  ? 0.290   0.508   3.548   1.00 2.63  ? 17  LEU A CG  1 
ATOM   102 C CD1 . LEU A 1 17  ? 0.433   -0.458  2.406   1.00 2.00  ? 17  LEU A CD1 1 
ATOM   103 C CD2 . LEU A 1 17  ? 1.579   0.562   4.355   1.00 4.50  ? 17  LEU A CD2 1 
ATOM   104 N N   . ASP A 1 18  ? -1.832  4.815   4.535   1.00 7.99  ? 18  ASP A N   1 
ATOM   105 C CA  . ASP A 1 18  ? -2.702  5.897   4.106   1.00 11.27 ? 18  ASP A CA  1 
ATOM   106 C C   . ASP A 1 18  ? -1.906  6.883   3.266   1.00 14.99 ? 18  ASP A C   1 
ATOM   107 O O   . ASP A 1 18  ? -2.420  7.453   2.304   1.00 16.14 ? 18  ASP A O   1 
ATOM   108 C CB  . ASP A 1 18  ? -3.293  6.629   5.309   1.00 15.91 ? 18  ASP A CB  1 
ATOM   109 C CG  . ASP A 1 18  ? -2.377  6.605   6.509   1.00 20.01 ? 18  ASP A CG  1 
ATOM   110 O OD1 . ASP A 1 18  ? -1.826  5.525   6.800   1.00 20.48 ? 18  ASP A OD1 1 
ATOM   111 O OD2 . ASP A 1 18  ? -2.209  7.661   7.157   1.00 23.46 ? 18  ASP A OD2 1 
ATOM   112 N N   . SER A 1 19  ? -0.649  7.075   3.655   1.00 18.70 ? 19  SER A N   1 
ATOM   113 C CA  . SER A 1 19  ? 0.275   7.984   2.986   1.00 16.41 ? 19  SER A CA  1 
ATOM   114 C C   . SER A 1 19  ? 0.707   7.467   1.633   1.00 14.00 ? 19  SER A C   1 
ATOM   115 O O   . SER A 1 19  ? 1.289   8.197   0.835   1.00 18.50 ? 19  SER A O   1 
ATOM   116 C CB  . SER A 1 19  ? 1.512   8.202   3.851   1.00 15.41 ? 19  SER A CB  1 
ATOM   117 O OG  . SER A 1 19  ? 1.273   9.236   4.787   1.00 19.14 ? 19  SER A OG  1 
ATOM   118 N N   . CYS A 1 20  ? 0.438   6.197   1.386   1.00 14.18 ? 20  CYS A N   1 
ATOM   119 C CA  . CYS A 1 20  ? 0.783   5.579   0.124   1.00 13.15 ? 20  CYS A CA  1 
ATOM   120 C C   . CYS A 1 20  ? -0.307  5.807   -0.928  1.00 12.47 ? 20  CYS A C   1 
ATOM   121 O O   . CYS A 1 20  ? -0.111  5.516   -2.101  1.00 11.65 ? 20  CYS A O   1 
ATOM   122 C CB  . CYS A 1 20  ? 0.996   4.084   0.329   1.00 14.59 ? 20  CYS A CB  1 
ATOM   123 S SG  . CYS A 1 20  ? 2.517   3.668   1.233   1.00 25.40 ? 20  CYS A SG  1 
ATOM   124 N N   . ARG A 1 21  ? -1.454  6.330   -0.504  1.00 13.89 ? 21  ARG A N   1 
ATOM   125 C CA  . ARG A 1 21  ? -2.564  6.571   -1.425  1.00 16.10 ? 21  ARG A CA  1 
ATOM   126 C C   . ARG A 1 21  ? -2.255  7.736   -2.345  1.00 16.35 ? 21  ARG A C   1 
ATOM   127 O O   . ARG A 1 21  ? -2.462  7.670   -3.562  1.00 14.65 ? 21  ARG A O   1 
ATOM   128 C CB  . ARG A 1 21  ? -3.858  6.875   -0.656  1.00 17.21 ? 21  ARG A CB  1 
ATOM   129 C CG  . ARG A 1 21  ? -5.103  6.954   -1.546  1.00 13.21 ? 21  ARG A CG  1 
ATOM   130 C CD  . ARG A 1 21  ? -5.426  8.387   -1.953  1.00 10.81 ? 21  ARG A CD  1 
ATOM   131 N NE  . ARG A 1 21  ? -6.406  8.461   -3.039  1.00 11.36 ? 21  ARG A NE  1 
ATOM   132 C CZ  . ARG A 1 21  ? -6.355  7.732   -4.152  1.00 8.81  ? 21  ARG A CZ  1 
ATOM   133 N NH1 . ARG A 1 21  ? -5.369  6.866   -4.342  1.00 6.24  ? 21  ARG A NH1 1 
ATOM   134 N NH2 . ARG A 1 21  ? -7.306  7.852   -5.067  1.00 10.60 ? 21  ARG A NH2 1 
ATOM   135 N N   . TRP A 1 22  ? -1.771  8.817   -1.752  1.00 19.13 ? 22  TRP A N   1 
ATOM   136 C CA  . TRP A 1 22  ? -1.438  9.988   -2.526  1.00 21.48 ? 22  TRP A CA  1 
ATOM   137 C C   . TRP A 1 22  ? -0.120  9.822   -3.284  1.00 19.57 ? 22  TRP A C   1 
ATOM   138 O O   . TRP A 1 22  ? 0.112   10.492  -4.289  1.00 24.27 ? 22  TRP A O   1 
ATOM   139 C CB  . TRP A 1 22  ? -1.423  11.210  -1.614  1.00 23.14 ? 22  TRP A CB  1 
ATOM   140 C CG  . TRP A 1 22  ? -2.816  11.707  -1.317  1.00 31.29 ? 22  TRP A CG  1 
ATOM   141 C CD1 . TRP A 1 22  ? -3.328  12.021  -0.094  1.00 33.09 ? 22  TRP A CD1 1 
ATOM   142 C CD2 . TRP A 1 22  ? -3.867  11.961  -2.267  1.00 34.10 ? 22  TRP A CD2 1 
ATOM   143 N NE1 . TRP A 1 22  ? -4.628  12.457  -0.218  1.00 32.67 ? 22  TRP A NE1 1 
ATOM   144 C CE2 . TRP A 1 22  ? -4.984  12.431  -1.541  1.00 34.18 ? 22  TRP A CE2 1 
ATOM   145 C CE3 . TRP A 1 22  ? -3.971  11.836  -3.661  1.00 35.50 ? 22  TRP A CE3 1 
ATOM   146 C CZ2 . TRP A 1 22  ? -6.194  12.779  -2.157  1.00 34.60 ? 22  TRP A CZ2 1 
ATOM   147 C CZ3 . TRP A 1 22  ? -5.174  12.186  -4.276  1.00 35.98 ? 22  TRP A CZ3 1 
ATOM   148 C CH2 . TRP A 1 22  ? -6.269  12.651  -3.520  1.00 35.97 ? 22  TRP A CH2 1 
ATOM   149 N N   . TYR A 1 23  ? 0.734   8.914   -2.826  1.00 16.04 ? 23  TYR A N   1 
ATOM   150 C CA  . TYR A 1 23  ? 1.993   8.687   -3.512  1.00 13.35 ? 23  TYR A CA  1 
ATOM   151 C C   . TYR A 1 23  ? 1.779   7.763   -4.703  1.00 14.84 ? 23  TYR A C   1 
ATOM   152 O O   . TYR A 1 23  ? 2.395   7.953   -5.751  1.00 21.99 ? 23  TYR A O   1 
ATOM   153 C CB  . TYR A 1 23  ? 3.043   8.085   -2.570  1.00 11.25 ? 23  TYR A CB  1 
ATOM   154 C CG  . TYR A 1 23  ? 4.242   7.549   -3.317  1.00 8.58  ? 23  TYR A CG  1 
ATOM   155 C CD1 . TYR A 1 23  ? 5.089   8.407   -4.026  1.00 8.26  ? 23  TYR A CD1 1 
ATOM   156 C CD2 . TYR A 1 23  ? 4.479   6.180   -3.401  1.00 13.60 ? 23  TYR A CD2 1 
ATOM   157 C CE1 . TYR A 1 23  ? 6.124   7.906   -4.808  1.00 7.71  ? 23  TYR A CE1 1 
ATOM   158 C CE2 . TYR A 1 23  ? 5.516   5.671   -4.182  1.00 16.16 ? 23  TYR A CE2 1 
ATOM   159 C CZ  . TYR A 1 23  ? 6.330   6.540   -4.886  1.00 11.46 ? 23  TYR A CZ  1 
ATOM   160 O OH  . TYR A 1 23  ? 7.316   6.030   -5.698  1.00 18.94 ? 23  TYR A OH  1 
ATOM   161 N N   . VAL A 1 24  ? 0.913   6.762   -4.553  1.00 14.58 ? 24  VAL A N   1 
ATOM   162 C CA  . VAL A 1 24  ? 0.626   5.828   -5.651  1.00 11.91 ? 24  VAL A CA  1 
ATOM   163 C C   . VAL A 1 24  ? -0.050  6.515   -6.857  1.00 8.15  ? 24  VAL A C   1 
ATOM   164 O O   . VAL A 1 24  ? 0.118   6.088   -7.995  1.00 7.43  ? 24  VAL A O   1 
ATOM   165 C CB  . VAL A 1 24  ? -0.263  4.634   -5.176  1.00 12.72 ? 24  VAL A CB  1 
ATOM   166 C CG1 . VAL A 1 24  ? -0.775  3.841   -6.374  1.00 10.52 ? 24  VAL A CG1 1 
ATOM   167 C CG2 . VAL A 1 24  ? 0.536   3.715   -4.280  1.00 7.99  ? 24  VAL A CG2 1 
ATOM   168 N N   . SER A 1 25  ? -0.806  7.579   -6.615  1.00 9.85  ? 25  SER A N   1 
ATOM   169 C CA  . SER A 1 25  ? -1.461  8.293   -7.715  1.00 17.20 ? 25  SER A CA  1 
ATOM   170 C C   . SER A 1 25  ? -0.466  9.180   -8.487  1.00 18.56 ? 25  SER A C   1 
ATOM   171 O O   . SER A 1 25  ? -0.540  9.295   -9.708  1.00 19.29 ? 25  SER A O   1 
ATOM   172 C CB  . SER A 1 25  ? -2.602  9.153   -7.175  1.00 16.83 ? 25  SER A CB  1 
ATOM   173 O OG  . SER A 1 25  ? -2.737  8.963   -5.774  1.00 24.79 ? 25  SER A OG  1 
ATOM   174 N N   . THR A 1 26  ? 0.467   9.804   -7.778  1.00 19.24 ? 26  THR A N   1 
ATOM   175 C CA  . THR A 1 26  ? 1.441   10.664  -8.436  1.00 19.50 ? 26  THR A CA  1 
ATOM   176 C C   . THR A 1 26  ? 2.476   9.874   -9.233  1.00 17.59 ? 26  THR A C   1 
ATOM   177 O O   . THR A 1 26  ? 2.781   10.222  -10.365 1.00 18.99 ? 26  THR A O   1 
ATOM   178 C CB  . THR A 1 26  ? 2.169   11.585  -7.419  1.00 22.45 ? 26  THR A CB  1 
ATOM   179 O OG1 . THR A 1 26  ? 3.332   10.926  -6.904  1.00 29.47 ? 26  THR A OG1 1 
ATOM   180 C CG2 . THR A 1 26  ? 1.245   11.942  -6.275  1.00 21.25 ? 26  THR A CG2 1 
ATOM   181 N N   . ARG A 1 27  ? 3.000   8.803   -8.648  1.00 16.36 ? 27  ARG A N   1 
ATOM   182 C CA  . ARG A 1 27  ? 4.003   7.963   -9.312  1.00 15.35 ? 27  ARG A CA  1 
ATOM   183 C C   . ARG A 1 27  ? 3.412   7.068   -10.413 1.00 20.06 ? 27  ARG A C   1 
ATOM   184 O O   . ARG A 1 27  ? 4.102   6.689   -11.371 1.00 17.85 ? 27  ARG A O   1 
ATOM   185 C CB  . ARG A 1 27  ? 4.702   7.082   -8.261  1.00 7.46  ? 27  ARG A CB  1 
ATOM   186 C CG  . ARG A 1 27  ? 5.221   5.746   -8.781  1.00 7.95  ? 27  ARG A CG  1 
ATOM   187 C CD  . ARG A 1 27  ? 6.649   5.870   -9.315  1.00 8.71  ? 27  ARG A CD  1 
ATOM   188 N NE  . ARG A 1 27  ? 7.225   4.604   -9.774  1.00 2.00  ? 27  ARG A NE  1 
ATOM   189 C CZ  . ARG A 1 27  ? 6.822   3.941   -10.847 1.00 2.00  ? 27  ARG A CZ  1 
ATOM   190 N NH1 . ARG A 1 27  ? 5.834   4.411   -11.589 1.00 10.62 ? 27  ARG A NH1 1 
ATOM   191 N NH2 . ARG A 1 27  ? 7.415   2.812   -11.188 1.00 6.94  ? 27  ARG A NH2 1 
ATOM   192 N N   . THR A 1 28  ? 2.134   6.733   -10.255 1.00 22.27 ? 28  THR A N   1 
ATOM   193 C CA  . THR A 1 28  ? 1.423   5.860   -11.182 1.00 22.55 ? 28  THR A CA  1 
ATOM   194 C C   . THR A 1 28  ? 0.854   6.571   -12.414 1.00 23.61 ? 28  THR A C   1 
ATOM   195 O O   . THR A 1 28  ? 0.999   6.096   -13.539 1.00 24.80 ? 28  THR A O   1 
ATOM   196 C CB  . THR A 1 28  ? 0.261   5.135   -10.444 1.00 22.28 ? 28  THR A CB  1 
ATOM   197 O OG1 . THR A 1 28  ? 0.791   4.229   -9.465  1.00 26.56 ? 28  THR A OG1 1 
ATOM   198 C CG2 . THR A 1 28  ? -0.576  4.363   -11.404 1.00 22.64 ? 28  THR A CG2 1 
ATOM   199 N N   . CYS A 1 29  ? 0.207   7.707   -12.203 1.00 24.23 ? 29  CYS A N   1 
ATOM   200 C CA  . CYS A 1 29  ? -0.406  8.437   -13.305 1.00 29.35 ? 29  CYS A CA  1 
ATOM   201 C C   . CYS A 1 29  ? 0.174   9.842   -13.471 1.00 33.54 ? 29  CYS A C   1 
ATOM   202 O O   . CYS A 1 29  ? -0.213  10.582  -14.377 1.00 34.24 ? 29  CYS A O   1 
ATOM   203 C CB  . CYS A 1 29  ? -1.925  8.516   -13.080 1.00 29.97 ? 29  CYS A CB  1 
ATOM   204 S SG  . CYS A 1 29  ? -2.688  7.019   -12.356 1.00 19.50 ? 29  CYS A SG  1 
ATOM   205 N N   . GLY A 1 30  ? 1.097   10.206  -12.588 1.00 37.71 ? 30  GLY A N   1 
ATOM   206 C CA  . GLY A 1 30  ? 1.717   11.517  -12.663 1.00 41.42 ? 30  GLY A CA  1 
ATOM   207 C C   . GLY A 1 30  ? 0.910   12.581  -11.947 1.00 44.54 ? 30  GLY A C   1 
ATOM   208 O O   . GLY A 1 30  ? 1.341   13.731  -11.865 1.00 44.06 ? 30  GLY A O   1 
ATOM   209 N N   . VAL A 1 31  ? -0.252  12.196  -11.426 1.00 46.87 ? 31  VAL A N   1 
ATOM   210 C CA  . VAL A 1 31  ? -1.138  13.118  -10.726 1.00 51.06 ? 31  VAL A CA  1 
ATOM   211 C C   . VAL A 1 31  ? -0.612  13.536  -9.353  1.00 54.10 ? 31  VAL A C   1 
ATOM   212 O O   . VAL A 1 31  ? -0.534  12.716  -8.440  1.00 57.45 ? 31  VAL A O   1 
ATOM   213 C CB  . VAL A 1 31  ? -2.536  12.491  -10.542 1.00 51.54 ? 31  VAL A CB  1 
ATOM   214 C CG1 . VAL A 1 31  ? -3.282  13.183  -9.396  1.00 51.77 ? 31  VAL A CG1 1 
ATOM   215 C CG2 . VAL A 1 31  ? -3.323  12.604  -11.845 1.00 49.57 ? 31  VAL A CG2 1 
ATOM   216 N N   . GLY A 1 32  ? -0.269  14.816  -9.213  1.00 57.21 ? 32  GLY A N   1 
ATOM   217 C CA  . GLY A 1 32  ? 0.245   15.326  -7.951  1.00 59.66 ? 32  GLY A CA  1 
ATOM   218 C C   . GLY A 1 32  ? -0.793  16.065  -7.116  1.00 61.81 ? 32  GLY A C   1 
ATOM   219 O O   . GLY A 1 32  ? -1.475  16.957  -7.635  1.00 63.00 ? 32  GLY A O   1 
ATOM   220 N N   . PRO A 1 33  ? -0.933  15.729  -5.813  1.00 62.72 ? 33  PRO A N   1 
ATOM   221 C CA  . PRO A 1 33  ? -1.894  16.357  -4.899  1.00 61.68 ? 33  PRO A CA  1 
ATOM   222 C C   . PRO A 1 33  ? -1.411  17.706  -4.378  1.00 63.70 ? 33  PRO A C   1 
ATOM   223 O O   . PRO A 1 33  ? -1.963  18.751  -4.739  1.00 65.13 ? 33  PRO A O   1 
ATOM   224 C CB  . PRO A 1 33  ? -2.013  15.347  -3.777  1.00 60.68 ? 33  PRO A CB  1 
ATOM   225 C CG  . PRO A 1 33  ? -0.647  14.774  -3.686  1.00 59.06 ? 33  PRO A CG  1 
ATOM   226 C CD  . PRO A 1 33  ? -0.139  14.697  -5.117  1.00 61.72 ? 33  PRO A CD  1 
ATOM   227 N N   . ARG A 1 34  ? -0.392  17.666  -3.517  1.00 63.83 ? 34  ARG A N   1 
ATOM   228 C CA  . ARG A 1 34  ? 0.177   18.877  -2.929  1.00 62.59 ? 34  ARG A CA  1 
ATOM   229 C C   . ARG A 1 34  ? 1.596   18.655  -2.398  1.00 62.33 ? 34  ARG A C   1 
ATOM   230 O O   . ARG A 1 34  ? 2.345   19.609  -2.180  1.00 62.08 ? 34  ARG A O   1 
ATOM   231 C CB  . ARG A 1 34  ? -0.718  19.385  -1.788  1.00 61.84 ? 34  ARG A CB  1 
ATOM   232 C CG  . ARG A 1 34  ? -0.133  20.566  -1.012  1.00 62.58 ? 34  ARG A CG  1 
ATOM   233 C CD  . ARG A 1 34  ? -0.752  21.880  -1.465  1.00 64.23 ? 34  ARG A CD  1 
ATOM   234 N NE  . ARG A 1 34  ? 0.213   22.786  -2.087  1.00 65.17 ? 34  ARG A NE  1 
ATOM   235 C CZ  . ARG A 1 34  ? 0.633   22.686  -3.344  1.00 64.49 ? 34  ARG A CZ  1 
ATOM   236 N NH1 . ARG A 1 34  ? 0.180   21.714  -4.128  1.00 64.47 ? 34  ARG A NH1 1 
ATOM   237 N NH2 . ARG A 1 34  ? 1.492   23.569  -3.827  1.00 64.83 ? 34  ARG A NH2 1 
ATOM   238 N N   . LEU A 1 35  ? 1.964   17.394  -2.195  1.00 60.29 ? 35  LEU A N   1 
ATOM   239 C CA  . LEU A 1 35  ? 3.289   17.069  -1.676  1.00 58.22 ? 35  LEU A CA  1 
ATOM   240 C C   . LEU A 1 35  ? 4.199   16.465  -2.756  1.00 57.46 ? 35  LEU A C   1 
ATOM   241 O O   . LEU A 1 35  ? 3.727   15.770  -3.655  1.00 52.94 ? 35  LEU A O   1 
ATOM   242 C CB  . LEU A 1 35  ? 3.164   16.107  -0.492  1.00 57.82 ? 35  LEU A CB  1 
ATOM   243 C CG  . LEU A 1 35  ? 2.314   16.522  0.727   1.00 57.71 ? 35  LEU A CG  1 
ATOM   244 C CD1 . LEU A 1 35  ? 2.328   18.038  0.930   1.00 57.32 ? 35  LEU A CD1 1 
ATOM   245 C CD2 . LEU A 1 35  ? 0.884   16.022  0.546   1.00 56.91 ? 35  LEU A CD2 1 
ATOM   246 N N   . ALA A 1 36  ? 5.502   16.734  -2.642  1.00 56.80 ? 36  ALA A N   1 
ATOM   247 C CA  . ALA A 1 36  ? 6.507   16.262  -3.607  1.00 55.20 ? 36  ALA A CA  1 
ATOM   248 C C   . ALA A 1 36  ? 6.788   14.760  -3.557  1.00 52.49 ? 36  ALA A C   1 
ATOM   249 O O   . ALA A 1 36  ? 7.094   14.218  -2.503  1.00 51.18 ? 36  ALA A O   1 
ATOM   250 C CB  . ALA A 1 36  ? 7.809   17.038  -3.415  1.00 54.33 ? 36  ALA A CB  1 
ATOM   251 N N   . THR A 1 37  ? 6.711   14.116  -4.722  1.00 52.90 ? 37  THR A N   1 
ATOM   252 C CA  . THR A 1 37  ? 6.919   12.670  -4.874  1.00 53.25 ? 37  THR A CA  1 
ATOM   253 C C   . THR A 1 37  ? 7.914   11.988  -3.915  1.00 51.84 ? 37  THR A C   1 
ATOM   254 O O   . THR A 1 37  ? 7.669   10.867  -3.466  1.00 50.60 ? 37  THR A O   1 
ATOM   255 C CB  . THR A 1 37  ? 7.312   12.327  -6.344  1.00 54.03 ? 37  THR A CB  1 
ATOM   256 O OG1 . THR A 1 37  ? 6.184   12.531  -7.207  1.00 55.63 ? 37  THR A OG1 1 
ATOM   257 C CG2 . THR A 1 37  ? 7.747   10.878  -6.459  1.00 55.10 ? 37  THR A CG2 1 
ATOM   258 N N   . GLN A 1 38  ? 9.028   12.645  -3.603  1.00 51.11 ? 38  GLN A N   1 
ATOM   259 C CA  . GLN A 1 38  ? 10.026  12.061  -2.703  1.00 50.97 ? 38  GLN A CA  1 
ATOM   260 C C   . GLN A 1 38  ? 9.562   12.100  -1.248  1.00 47.78 ? 38  GLN A C   1 
ATOM   261 O O   . GLN A 1 38  ? 9.680   11.112  -0.514  1.00 43.61 ? 38  GLN A O   1 
ATOM   262 C CB  . GLN A 1 38  ? 11.368  12.791  -2.841  1.00 51.82 ? 38  GLN A CB  1 
ATOM   263 C CG  . GLN A 1 38  ? 12.514  12.125  -2.092  1.00 54.46 ? 38  GLN A CG  1 
ATOM   264 C CD  . GLN A 1 38  ? 12.965  12.921  -0.873  1.00 57.15 ? 38  GLN A CD  1 
ATOM   265 O OE1 . GLN A 1 38  ? 12.624  14.099  -0.730  1.00 59.75 ? 38  GLN A OE1 1 
ATOM   266 N NE2 . GLN A 1 38  ? 13.730  12.285  0.009   1.00 54.79 ? 38  GLN A NE2 1 
ATOM   267 N N   . GLU A 1 39  ? 9.043   13.252  -0.833  1.00 47.23 ? 39  GLU A N   1 
ATOM   268 C CA  . GLU A 1 39  ? 8.535   13.424  0.522   1.00 46.84 ? 39  GLU A CA  1 
ATOM   269 C C   . GLU A 1 39  ? 7.363   12.460  0.702   1.00 47.47 ? 39  GLU A C   1 
ATOM   270 O O   . GLU A 1 39  ? 7.154   11.908  1.785   1.00 49.22 ? 39  GLU A O   1 
ATOM   271 C CB  . GLU A 1 39  ? 8.062   14.867  0.729   1.00 45.66 ? 39  GLU A CB  1 
ATOM   272 C CG  . GLU A 1 39  ? 7.751   15.214  2.168   1.00 45.48 ? 39  GLU A CG  1 
ATOM   273 C CD  . GLU A 1 39  ? 6.434   14.629  2.628   1.00 50.44 ? 39  GLU A CD  1 
ATOM   274 O OE1 . GLU A 1 39  ? 5.492   14.575  1.807   1.00 50.63 ? 39  GLU A OE1 1 
ATOM   275 O OE2 . GLU A 1 39  ? 6.343   14.219  3.805   1.00 48.95 ? 39  GLU A OE2 1 
ATOM   276 N N   . MET A 1 40  ? 6.603   12.275  -0.375  1.00 46.09 ? 40  MET A N   1 
ATOM   277 C CA  . MET A 1 40  ? 5.449   11.384  -0.389  1.00 42.82 ? 40  MET A CA  1 
ATOM   278 C C   . MET A 1 40  ? 5.905   9.935   -0.281  1.00 38.19 ? 40  MET A C   1 
ATOM   279 O O   . MET A 1 40  ? 5.342   9.149   0.483   1.00 35.80 ? 40  MET A O   1 
ATOM   280 C CB  . MET A 1 40  ? 4.660   11.552  -1.693  1.00 44.66 ? 40  MET A CB  1 
ATOM   281 C CG  . MET A 1 40  ? 4.281   12.979  -2.031  1.00 47.43 ? 40  MET A CG  1 
ATOM   282 S SD  . MET A 1 40  ? 2.767   13.069  -3.005  1.00 51.30 ? 40  MET A SD  1 
ATOM   283 C CE  . MET A 1 40  ? 1.528   13.110  -1.690  1.00 47.04 ? 40  MET A CE  1 
ATOM   284 N N   . LYS A 1 41  ? 6.927   9.602   -1.066  1.00 33.14 ? 41  LYS A N   1 
ATOM   285 C CA  . LYS A 1 41  ? 7.502   8.261   -1.119  1.00 27.66 ? 41  LYS A CA  1 
ATOM   286 C C   . LYS A 1 41  ? 8.254   7.886   0.156   1.00 26.76 ? 41  LYS A C   1 
ATOM   287 O O   . LYS A 1 41  ? 8.392   6.705   0.489   1.00 21.69 ? 41  LYS A O   1 
ATOM   288 C CB  . LYS A 1 41  ? 8.442   8.171   -2.327  1.00 28.87 ? 41  LYS A CB  1 
ATOM   289 C CG  . LYS A 1 41  ? 9.547   7.133   -2.225  1.00 28.55 ? 41  LYS A CG  1 
ATOM   290 C CD  . LYS A 1 41  ? 10.304  7.038   -3.538  1.00 29.54 ? 41  LYS A CD  1 
ATOM   291 C CE  . LYS A 1 41  ? 11.156  5.786   -3.606  1.00 27.78 ? 41  LYS A CE  1 
ATOM   292 N NZ  . LYS A 1 41  ? 10.343  4.582   -3.938  1.00 35.82 ? 41  LYS A NZ  1 
ATOM   293 N N   . ALA A 1 42  ? 8.757   8.895   0.861   1.00 25.79 ? 42  ALA A N   1 
ATOM   294 C CA  . ALA A 1 42  ? 9.492   8.651   2.091   1.00 25.25 ? 42  ALA A CA  1 
ATOM   295 C C   . ALA A 1 42  ? 8.495   8.158   3.121   1.00 21.97 ? 42  ALA A C   1 
ATOM   296 O O   . ALA A 1 42  ? 8.672   7.092   3.700   1.00 20.40 ? 42  ALA A O   1 
ATOM   297 C CB  . ALA A 1 42  ? 10.160  9.938   2.573   1.00 23.10 ? 42  ALA A CB  1 
ATOM   298 N N   . ARG A 1 43  ? 7.452   8.959   3.326   1.00 23.32 ? 43  ARG A N   1 
ATOM   299 C CA  . ARG A 1 43  ? 6.369   8.672   4.259   1.00 24.44 ? 43  ARG A CA  1 
ATOM   300 C C   . ARG A 1 43  ? 5.782   7.312   3.940   1.00 25.46 ? 43  ARG A C   1 
ATOM   301 O O   . ARG A 1 43  ? 5.830   6.391   4.747   1.00 26.79 ? 43  ARG A O   1 
ATOM   302 C CB  . ARG A 1 43  ? 5.268   9.726   4.114   1.00 27.79 ? 43  ARG A CB  1 
ATOM   303 C CG  . ARG A 1 43  ? 5.228   10.780  5.221   1.00 37.83 ? 43  ARG A CG  1 
ATOM   304 C CD  . ARG A 1 43  ? 3.861   11.467  5.297   1.00 41.39 ? 43  ARG A CD  1 
ATOM   305 N NE  . ARG A 1 43  ? 3.615   12.100  6.595   1.00 43.69 ? 43  ARG A NE  1 
ATOM   306 C CZ  . ARG A 1 43  ? 3.218   11.454  7.691   1.00 45.11 ? 43  ARG A CZ  1 
ATOM   307 N NH1 . ARG A 1 43  ? 3.016   10.140  7.670   1.00 45.16 ? 43  ARG A NH1 1 
ATOM   308 N NH2 . ARG A 1 43  ? 3.022   12.129  8.817   1.00 44.36 ? 43  ARG A NH2 1 
ATOM   309 N N   . CYS A 1 44  ? 5.229   7.196   2.741   1.00 24.73 ? 44  CYS A N   1 
ATOM   310 C CA  . CYS A 1 44  ? 4.617   5.955   2.297   1.00 22.26 ? 44  CYS A CA  1 
ATOM   311 C C   . CYS A 1 44  ? 5.448   4.737   2.661   1.00 22.49 ? 44  CYS A C   1 
ATOM   312 O O   . CYS A 1 44  ? 4.966   3.853   3.363   1.00 23.46 ? 44  CYS A O   1 
ATOM   313 C CB  . CYS A 1 44  ? 4.390   6.002   0.785   1.00 22.76 ? 44  CYS A CB  1 
ATOM   314 S SG  . CYS A 1 44  ? 4.013   4.387   0.047   1.00 18.77 ? 44  CYS A SG  1 
ATOM   315 N N   . CYS A 1 45  ? 6.695   4.695   2.192   1.00 24.06 ? 45  CYS A N   1 
ATOM   316 C CA  . CYS A 1 45  ? 7.601   3.569   2.460   1.00 24.50 ? 45  CYS A CA  1 
ATOM   317 C C   . CYS A 1 45  ? 7.884   3.404   3.955   1.00 23.28 ? 45  CYS A C   1 
ATOM   318 O O   . CYS A 1 45  ? 8.244   2.314   4.413   1.00 18.91 ? 45  CYS A O   1 
ATOM   319 C CB  . CYS A 1 45  ? 8.942   3.761   1.729   1.00 26.95 ? 45  CYS A CB  1 
ATOM   320 S SG  . CYS A 1 45  ? 8.927   3.596   -0.090  1.00 32.90 ? 45  CYS A SG  1 
ATOM   321 N N   . ARG A 1 46  ? 7.734   4.498   4.703   1.00 24.01 ? 46  ARG A N   1 
ATOM   322 C CA  . ARG A 1 46  ? 7.962   4.509   6.153   1.00 22.94 ? 46  ARG A CA  1 
ATOM   323 C C   . ARG A 1 46  ? 6.921   3.640   6.829   1.00 19.77 ? 46  ARG A C   1 
ATOM   324 O O   . ARG A 1 46  ? 7.207   2.954   7.801   1.00 22.61 ? 46  ARG A O   1 
ATOM   325 C CB  . ARG A 1 46  ? 7.843   5.934   6.698   1.00 21.84 ? 46  ARG A CB  1 
ATOM   326 C CG  . ARG A 1 46  ? 8.583   6.182   7.995   1.00 25.08 ? 46  ARG A CG  1 
ATOM   327 C CD  . ARG A 1 46  ? 8.871   7.670   8.172   1.00 32.06 ? 46  ARG A CD  1 
ATOM   328 N NE  . ARG A 1 46  ? 10.201  8.045   7.681   1.00 31.51 ? 46  ARG A NE  1 
ATOM   329 C CZ  . ARG A 1 46  ? 10.576  9.292   7.409   1.00 31.89 ? 46  ARG A CZ  1 
ATOM   330 N NH1 . ARG A 1 46  ? 9.720   10.295  7.576   1.00 34.75 ? 46  ARG A NH1 1 
ATOM   331 N NH2 . ARG A 1 46  ? 11.810  9.540   6.978   1.00 29.94 ? 46  ARG A NH2 1 
ATOM   332 N N   . GLN A 1 47  ? 5.705   3.688   6.298   1.00 20.99 ? 47  GLN A N   1 
ATOM   333 C CA  . GLN A 1 47  ? 4.599   2.919   6.831   1.00 15.44 ? 47  GLN A CA  1 
ATOM   334 C C   . GLN A 1 47  ? 4.719   1.436   6.487   1.00 17.48 ? 47  GLN A C   1 
ATOM   335 O O   . GLN A 1 47  ? 4.440   0.576   7.321   1.00 21.21 ? 47  GLN A O   1 
ATOM   336 C CB  . GLN A 1 47  ? 3.292   3.501   6.307   1.00 15.41 ? 47  GLN A CB  1 
ATOM   337 C CG  . GLN A 1 47  ? 2.951   4.850   6.936   1.00 11.56 ? 47  GLN A CG  1 
ATOM   338 C CD  . GLN A 1 47  ? 1.602   5.357   6.497   1.00 17.75 ? 47  GLN A CD  1 
ATOM   339 O OE1 . GLN A 1 47  ? 1.199   5.146   5.352   1.00 27.62 ? 47  GLN A OE1 1 
ATOM   340 N NE2 . GLN A 1 47  ? 0.886   6.026   7.403   1.00 15.01 ? 47  GLN A NE2 1 
ATOM   341 N N   . LEU A 1 48  ? 5.153   1.140   5.269   1.00 13.82 ? 48  LEU A N   1 
ATOM   342 C CA  . LEU A 1 48  ? 5.322   -0.239  4.821   1.00 15.37 ? 48  LEU A CA  1 
ATOM   343 C C   . LEU A 1 48  ? 6.445   -0.949  5.574   1.00 17.70 ? 48  LEU A C   1 
ATOM   344 O O   . LEU A 1 48  ? 6.482   -2.176  5.646   1.00 20.89 ? 48  LEU A O   1 
ATOM   345 C CB  . LEU A 1 48  ? 5.635   -0.261  3.320   1.00 14.62 ? 48  LEU A CB  1 
ATOM   346 C CG  . LEU A 1 48  ? 4.788   -1.121  2.384   1.00 16.43 ? 48  LEU A CG  1 
ATOM   347 C CD1 . LEU A 1 48  ? 5.694   -1.749  1.346   1.00 15.47 ? 48  LEU A CD1 1 
ATOM   348 C CD2 . LEU A 1 48  ? 4.033   -2.186  3.168   1.00 12.72 ? 48  LEU A CD2 1 
ATOM   349 N N   . GLU A 1 49  ? 7.368   -0.161  6.113   1.00 24.06 ? 49  GLU A N   1 
ATOM   350 C CA  . GLU A 1 49  ? 8.520   -0.668  6.858   1.00 24.95 ? 49  GLU A CA  1 
ATOM   351 C C   . GLU A 1 49  ? 8.100   -1.044  8.269   1.00 21.57 ? 49  GLU A C   1 
ATOM   352 O O   . GLU A 1 49  ? 8.444   -2.111  8.776   1.00 21.45 ? 49  GLU A O   1 
ATOM   353 C CB  . GLU A 1 49  ? 9.605   0.417   6.927   1.00 32.54 ? 49  GLU A CB  1 
ATOM   354 C CG  . GLU A 1 49  ? 11.000  -0.030  6.509   1.00 37.69 ? 49  GLU A CG  1 
ATOM   355 C CD  . GLU A 1 49  ? 11.810  1.095   5.877   1.00 43.86 ? 49  GLU A CD  1 
ATOM   356 O OE1 . GLU A 1 49  ? 12.123  2.083   6.578   1.00 46.19 ? 49  GLU A OE1 1 
ATOM   357 O OE2 . GLU A 1 49  ? 12.137  0.989   4.675   1.00 48.76 ? 49  GLU A OE2 1 
ATOM   358 N N   . ALA A 1 50  ? 7.367   -0.130  8.894   1.00 20.84 ? 50  ALA A N   1 
ATOM   359 C CA  . ALA A 1 50  ? 6.862   -0.299  10.250  1.00 24.34 ? 50  ALA A CA  1 
ATOM   360 C C   . ALA A 1 50  ? 6.228   -1.675  10.369  1.00 22.47 ? 50  ALA A C   1 
ATOM   361 O O   . ALA A 1 50  ? 6.460   -2.409  11.332  1.00 24.01 ? 50  ALA A O   1 
ATOM   362 C CB  . ALA A 1 50  ? 5.831   0.790   10.553  1.00 22.09 ? 50  ALA A CB  1 
ATOM   363 N N   . ILE A 1 51  ? 5.432   -2.008  9.363   1.00 21.15 ? 51  ILE A N   1 
ATOM   364 C CA  . ILE A 1 51  ? 4.746   -3.284  9.292   1.00 21.59 ? 51  ILE A CA  1 
ATOM   365 C C   . ILE A 1 51  ? 5.788   -4.387  9.144   1.00 19.95 ? 51  ILE A C   1 
ATOM   366 O O   . ILE A 1 51  ? 6.804   -4.203  8.478   1.00 26.17 ? 51  ILE A O   1 
ATOM   367 C CB  . ILE A 1 51  ? 3.777   -3.320  8.067   1.00 18.90 ? 51  ILE A CB  1 
ATOM   368 C CG1 . ILE A 1 51  ? 2.715   -2.234  8.213   1.00 14.38 ? 51  ILE A CG1 1 
ATOM   369 C CG2 . ILE A 1 51  ? 3.107   -4.685  7.945   1.00 16.07 ? 51  ILE A CG2 1 
ATOM   370 C CD1 . ILE A 1 51  ? 1.950   -1.988  6.947   1.00 19.07 ? 51  ILE A CD1 1 
ATOM   371 N N   . PRO A 1 52  ? 5.564   -5.535  9.790   1.00 16.94 ? 52  PRO A N   1 
ATOM   372 C CA  . PRO A 1 52  ? 6.514   -6.640  9.687   1.00 19.14 ? 52  PRO A CA  1 
ATOM   373 C C   . PRO A 1 52  ? 6.496   -7.330  8.324   1.00 19.81 ? 52  PRO A C   1 
ATOM   374 O O   . PRO A 1 52  ? 5.485   -7.332  7.625   1.00 22.84 ? 52  PRO A O   1 
ATOM   375 C CB  . PRO A 1 52  ? 6.100   -7.579  10.815  1.00 21.34 ? 52  PRO A CB  1 
ATOM   376 C CG  . PRO A 1 52  ? 4.676   -7.283  11.061  1.00 20.38 ? 52  PRO A CG  1 
ATOM   377 C CD  . PRO A 1 52  ? 4.447   -5.846  10.697  1.00 21.78 ? 52  PRO A CD  1 
ATOM   378 N N   . ALA A 1 53  ? 7.631   -7.921  7.969   1.00 17.78 ? 53  ALA A N   1 
ATOM   379 C CA  . ALA A 1 53  ? 7.819   -8.626  6.714   1.00 18.12 ? 53  ALA A CA  1 
ATOM   380 C C   . ALA A 1 53  ? 6.600   -9.362  6.173   1.00 21.16 ? 53  ALA A C   1 
ATOM   381 O O   . ALA A 1 53  ? 6.165   -9.126  5.048   1.00 24.51 ? 53  ALA A O   1 
ATOM   382 C CB  . ALA A 1 53  ? 8.968   -9.607  6.867   1.00 20.23 ? 53  ALA A CB  1 
ATOM   383 N N   . TYR A 1 54  ? 6.064   -10.272 6.975   1.00 24.34 ? 54  TYR A N   1 
ATOM   384 C CA  . TYR A 1 54  ? 4.923   -11.086 6.572   1.00 22.94 ? 54  TYR A CA  1 
ATOM   385 C C   . TYR A 1 54  ? 3.570   -10.381 6.396   1.00 20.44 ? 54  TYR A C   1 
ATOM   386 O O   . TYR A 1 54  ? 2.647   -10.957 5.827   1.00 25.41 ? 54  TYR A O   1 
ATOM   387 C CB  . TYR A 1 54  ? 4.777   -12.262 7.544   1.00 27.34 ? 54  TYR A CB  1 
ATOM   388 C CG  . TYR A 1 54  ? 4.037   -11.919 8.810   1.00 27.77 ? 54  TYR A CG  1 
ATOM   389 C CD1 . TYR A 1 54  ? 4.463   -10.870 9.626   1.00 28.81 ? 54  TYR A CD1 1 
ATOM   390 C CD2 . TYR A 1 54  ? 2.894   -12.622 9.178   1.00 30.15 ? 54  TYR A CD2 1 
ATOM   391 C CE1 . TYR A 1 54  ? 3.766   -10.527 10.772  1.00 28.74 ? 54  TYR A CE1 1 
ATOM   392 C CE2 . TYR A 1 54  ? 2.185   -12.287 10.325  1.00 29.54 ? 54  TYR A CE2 1 
ATOM   393 C CZ  . TYR A 1 54  ? 2.621   -11.239 11.115  1.00 30.70 ? 54  TYR A CZ  1 
ATOM   394 O OH  . TYR A 1 54  ? 1.892   -10.872 12.223  1.00 30.94 ? 54  TYR A OH  1 
ATOM   395 N N   . CYS A 1 55  ? 3.438   -9.149  6.867   1.00 19.11 ? 55  CYS A N   1 
ATOM   396 C CA  . CYS A 1 55  ? 2.176   -8.440  6.700   1.00 17.77 ? 55  CYS A CA  1 
ATOM   397 C C   . CYS A 1 55  ? 2.179   -7.440  5.552   1.00 21.94 ? 55  CYS A C   1 
ATOM   398 O O   . CYS A 1 55  ? 1.118   -7.085  5.029   1.00 22.92 ? 55  CYS A O   1 
ATOM   399 C CB  . CYS A 1 55  ? 1.804   -7.728  7.992   1.00 24.38 ? 55  CYS A CB  1 
ATOM   400 S SG  . CYS A 1 55  ? 1.110   -8.869  9.225   1.00 24.57 ? 55  CYS A SG  1 
ATOM   401 N N   . ARG A 1 56  ? 3.375   -7.004  5.161   1.00 19.75 ? 56  ARG A N   1 
ATOM   402 C CA  . ARG A 1 56  ? 3.570   -6.033  4.083   1.00 16.00 ? 56  ARG A CA  1 
ATOM   403 C C   . ARG A 1 56  ? 2.720   -6.257  2.827   1.00 6.64  ? 56  ARG A C   1 
ATOM   404 O O   . ARG A 1 56  ? 1.998   -5.367  2.415   1.00 8.65  ? 56  ARG A O   1 
ATOM   405 C CB  . ARG A 1 56  ? 5.069   -5.974  3.703   1.00 15.28 ? 56  ARG A CB  1 
ATOM   406 C CG  . ARG A 1 56  ? 5.836   -4.845  4.391   1.00 14.08 ? 56  ARG A CG  1 
ATOM   407 C CD  . ARG A 1 56  ? 7.362   -5.073  4.449   1.00 7.67  ? 56  ARG A CD  1 
ATOM   408 N NE  . ARG A 1 56  ? 7.941   -4.288  5.535   1.00 9.96  ? 56  ARG A NE  1 
ATOM   409 C CZ  . ARG A 1 56  ? 9.126   -4.509  6.102   1.00 6.48  ? 56  ARG A CZ  1 
ATOM   410 N NH1 . ARG A 1 56  ? 9.900   -5.507  5.701   1.00 6.16  ? 56  ARG A NH1 1 
ATOM   411 N NH2 . ARG A 1 56  ? 9.523   -3.733  7.099   1.00 4.80  ? 56  ARG A NH2 1 
ATOM   412 N N   . CYS A 1 57  ? 2.822   -7.428  2.208   1.00 10.90 ? 57  CYS A N   1 
ATOM   413 C CA  . CYS A 1 57  ? 2.034   -7.726  1.001   1.00 15.18 ? 57  CYS A CA  1 
ATOM   414 C C   . CYS A 1 57  ? 0.510   -7.651  1.255   1.00 18.33 ? 57  CYS A C   1 
ATOM   415 O O   . CYS A 1 57  ? -0.256  -7.221  0.382   1.00 19.55 ? 57  CYS A O   1 
ATOM   416 C CB  . CYS A 1 57  ? 2.379   -9.128  0.478   1.00 16.83 ? 57  CYS A CB  1 
ATOM   417 S SG  . CYS A 1 57  ? 3.936   -9.292  -0.453  1.00 15.45 ? 57  CYS A SG  1 
ATOM   418 N N   . GLU A 1 58  ? 0.077   -8.087  2.441   1.00 13.93 ? 58  GLU A N   1 
ATOM   419 C CA  . GLU A 1 58  ? -1.345  -8.064  2.802   1.00 13.11 ? 58  GLU A CA  1 
ATOM   420 C C   . GLU A 1 58  ? -1.794  -6.627  2.964   1.00 9.24  ? 58  GLU A C   1 
ATOM   421 O O   . GLU A 1 58  ? -2.869  -6.251  2.506   1.00 10.51 ? 58  GLU A O   1 
ATOM   422 C CB  . GLU A 1 58  ? -1.576  -8.846  4.109   1.00 18.52 ? 58  GLU A CB  1 
ATOM   423 C CG  . GLU A 1 58  ? -3.003  -8.800  4.690   1.00 17.29 ? 58  GLU A CG  1 
ATOM   424 C CD  . GLU A 1 58  ? -4.085  -9.118  3.672   1.00 12.95 ? 58  GLU A CD  1 
ATOM   425 O OE1 . GLU A 1 58  ? -3.839  -9.904  2.738   1.00 17.48 ? 58  GLU A OE1 1 
ATOM   426 O OE2 . GLU A 1 58  ? -5.198  -8.582  3.811   1.00 26.73 ? 58  GLU A OE2 1 
ATOM   427 N N   . ALA A 1 59  ? -0.952  -5.833  3.619   1.00 9.09  ? 59  ALA A N   1 
ATOM   428 C CA  . ALA A 1 59  ? -1.200  -4.413  3.861   1.00 8.46  ? 59  ALA A CA  1 
ATOM   429 C C   . ALA A 1 59  ? -1.356  -3.637  2.554   1.00 9.61  ? 59  ALA A C   1 
ATOM   430 O O   . ALA A 1 59  ? -2.105  -2.652  2.484   1.00 11.52 ? 59  ALA A O   1 
ATOM   431 C CB  . ALA A 1 59  ? -0.054  -3.819  4.674   1.00 5.61  ? 59  ALA A CB  1 
ATOM   432 N N   . VAL A 1 60  ? -0.635  -4.069  1.523   1.00 11.99 ? 60  VAL A N   1 
ATOM   433 C CA  . VAL A 1 60  ? -0.709  -3.419  0.220   1.00 11.20 ? 60  VAL A CA  1 
ATOM   434 C C   . VAL A 1 60  ? -2.032  -3.802  -0.443  1.00 5.85  ? 60  VAL A C   1 
ATOM   435 O O   . VAL A 1 60  ? -2.716  -2.946  -0.990  1.00 3.08  ? 60  VAL A O   1 
ATOM   436 C CB  . VAL A 1 60  ? 0.493   -3.820  -0.686  1.00 10.50 ? 60  VAL A CB  1 
ATOM   437 C CG1 . VAL A 1 60  ? 0.272   -3.340  -2.124  1.00 2.00  ? 60  VAL A CG1 1 
ATOM   438 C CG2 . VAL A 1 60  ? 1.766   -3.194  -0.138  1.00 11.34 ? 60  VAL A CG2 1 
ATOM   439 N N   . ARG A 1 61  ? -2.389  -5.081  -0.376  1.00 8.23  ? 61  ARG A N   1 
ATOM   440 C CA  . ARG A 1 61  ? -3.653  -5.552  -0.947  1.00 10.55 ? 61  ARG A CA  1 
ATOM   441 C C   . ARG A 1 61  ? -4.809  -4.794  -0.311  1.00 8.97  ? 61  ARG A C   1 
ATOM   442 O O   . ARG A 1 61  ? -5.770  -4.419  -0.987  1.00 10.20 ? 61  ARG A O   1 
ATOM   443 C CB  . ARG A 1 61  ? -3.836  -7.053  -0.698  1.00 10.43 ? 61  ARG A CB  1 
ATOM   444 C CG  . ARG A 1 61  ? -4.984  -7.689  -1.481  1.00 10.09 ? 61  ARG A CG  1 
ATOM   445 C CD  . ARG A 1 61  ? -5.489  -8.971  -0.803  1.00 6.19  ? 61  ARG A CD  1 
ATOM   446 N NE  . ARG A 1 61  ? -5.927  -8.720  0.565   1.00 2.00  ? 61  ARG A NE  1 
ATOM   447 C CZ  . ARG A 1 61  ? -7.059  -8.097  0.861   1.00 6.36  ? 61  ARG A CZ  1 
ATOM   448 N NH1 . ARG A 1 61  ? -7.847  -7.678  -0.109  1.00 12.32 ? 61  ARG A NH1 1 
ATOM   449 N NH2 . ARG A 1 61  ? -7.394  -7.859  2.119   1.00 8.81  ? 61  ARG A NH2 1 
ATOM   450 N N   . ILE A 1 62  ? -4.713  -4.557  0.992   1.00 9.29  ? 62  ILE A N   1 
ATOM   451 C CA  . ILE A 1 62  ? -5.771  -3.841  1.697   1.00 12.69 ? 62  ILE A CA  1 
ATOM   452 C C   . ILE A 1 62  ? -5.866  -2.410  1.182   1.00 12.62 ? 62  ILE A C   1 
ATOM   453 O O   . ILE A 1 62  ? -6.950  -1.822  1.148   1.00 13.53 ? 62  ILE A O   1 
ATOM   454 C CB  . ILE A 1 62  ? -5.521  -3.785  3.232   1.00 14.22 ? 62  ILE A CB  1 
ATOM   455 C CG1 . ILE A 1 62  ? -5.311  -5.188  3.808   1.00 15.47 ? 62  ILE A CG1 1 
ATOM   456 C CG2 . ILE A 1 62  ? -6.696  -3.113  3.912   1.00 13.89 ? 62  ILE A CG2 1 
ATOM   457 C CD1 . ILE A 1 62  ? -5.001  -5.196  5.321   1.00 9.31  ? 62  ILE A CD1 1 
ATOM   458 N N   . LEU A 1 63  ? -4.721  -1.842  0.806   1.00 16.51 ? 63  LEU A N   1 
ATOM   459 C CA  . LEU A 1 63  ? -4.677  -0.475  0.290   1.00 10.50 ? 63  LEU A CA  1 
ATOM   460 C C   . LEU A 1 63  ? -5.475  -0.421  -0.999  1.00 4.77  ? 63  LEU A C   1 
ATOM   461 O O   . LEU A 1 63  ? -6.265  0.494   -1.222  1.00 2.38  ? 63  LEU A O   1 
ATOM   462 C CB  . LEU A 1 63  ? -3.230  -0.051  0.008   1.00 13.47 ? 63  LEU A CB  1 
ATOM   463 C CG  . LEU A 1 63  ? -2.958  1.258   -0.748  1.00 11.71 ? 63  LEU A CG  1 
ATOM   464 C CD1 . LEU A 1 63  ? -3.555  2.466   -0.003  1.00 6.85  ? 63  LEU A CD1 1 
ATOM   465 C CD2 . LEU A 1 63  ? -1.449  1.409   -0.916  1.00 13.25 ? 63  LEU A CD2 1 
ATOM   466 N N   . MET A 1 64  ? -5.255  -1.411  -1.848  1.00 2.00  ? 64  MET A N   1 
ATOM   467 C CA  . MET A 1 64  ? -5.949  -1.464  -3.118  1.00 6.05  ? 64  MET A CA  1 
ATOM   468 C C   . MET A 1 64  ? -7.427  -1.820  -2.985  1.00 9.03  ? 64  MET A C   1 
ATOM   469 O O   . MET A 1 64  ? -8.312  -0.996  -3.206  1.00 6.95  ? 64  MET A O   1 
ATOM   470 C CB  . MET A 1 64  ? -5.276  -2.492  -4.022  1.00 8.12  ? 64  MET A CB  1 
ATOM   471 C CG  . MET A 1 64  ? -3.758  -2.526  -3.924  1.00 4.18  ? 64  MET A CG  1 
ATOM   472 S SD  . MET A 1 64  ? -3.060  -3.773  -4.992  1.00 8.39  ? 64  MET A SD  1 
ATOM   473 C CE  . MET A 1 64  ? -2.126  -4.682  -3.882  1.00 2.30  ? 64  MET A CE  1 
ATOM   474 N N   . ASP A 1 65  ? -7.667  -3.058  -2.572  1.00 14.04 ? 65  ASP A N   1 
ATOM   475 C CA  . ASP A 1 65  ? -9.002  -3.624  -2.458  1.00 14.24 ? 65  ASP A CA  1 
ATOM   476 C C   . ASP A 1 65  ? -9.809  -3.487  -1.173  1.00 15.19 ? 65  ASP A C   1 
ATOM   477 O O   . ASP A 1 65  ? -11.034 -3.460  -1.218  1.00 19.44 ? 65  ASP A O   1 
ATOM   478 C CB  . ASP A 1 65  ? -8.897  -5.084  -2.867  1.00 13.12 ? 65  ASP A CB  1 
ATOM   479 C CG  . ASP A 1 65  ? -8.087  -5.249  -4.134  1.00 8.64  ? 65  ASP A CG  1 
ATOM   480 O OD1 . ASP A 1 65  ? -8.011  -4.257  -4.887  1.00 13.54 ? 65  ASP A OD1 1 
ATOM   481 O OD2 . ASP A 1 65  ? -7.529  -6.339  -4.384  1.00 9.53  ? 65  ASP A OD2 1 
ATOM   482 N N   . GLY A 1 66  ? -9.152  -3.434  -0.027  1.00 17.15 ? 66  GLY A N   1 
ATOM   483 C CA  . GLY A 1 66  ? -9.909  -3.266  1.199   1.00 15.16 ? 66  GLY A CA  1 
ATOM   484 C C   . GLY A 1 66  ? -10.057 -4.454  2.125   1.00 14.85 ? 66  GLY A C   1 
ATOM   485 O O   . GLY A 1 66  ? -9.590  -5.567  1.862   1.00 13.11 ? 66  GLY A O   1 
ATOM   486 N N   . VAL A 1 67  ? -10.735 -4.206  3.237   1.00 15.98 ? 67  VAL A N   1 
ATOM   487 C CA  . VAL A 1 67  ? -10.942 -5.250  4.223   1.00 15.30 ? 67  VAL A CA  1 
ATOM   488 C C   . VAL A 1 67  ? -11.973 -4.832  5.281   1.00 13.09 ? 67  VAL A C   1 
ATOM   489 O O   . VAL A 1 67  ? -12.243 -3.639  5.483   1.00 8.30  ? 67  VAL A O   1 
ATOM   490 C CB  . VAL A 1 67  ? -9.565  -5.625  4.883   1.00 15.20 ? 67  VAL A CB  1 
ATOM   491 C CG1 . VAL A 1 67  ? -9.372  -4.885  6.194   1.00 10.64 ? 67  VAL A CG1 1 
ATOM   492 C CG2 . VAL A 1 67  ? -9.459  -7.130  5.068   1.00 14.12 ? 67  VAL A CG2 1 
ATOM   493 N N   . VAL A 1 68  ? -12.574 -5.832  5.922   1.00 15.66 ? 68  VAL A N   1 
ATOM   494 C CA  . VAL A 1 68  ? -13.546 -5.597  6.984   1.00 16.60 ? 68  VAL A CA  1 
ATOM   495 C C   . VAL A 1 68  ? -12.821 -5.903  8.295   1.00 17.02 ? 68  VAL A C   1 
ATOM   496 O O   . VAL A 1 68  ? -12.290 -6.995  8.474   1.00 16.50 ? 68  VAL A O   1 
ATOM   497 C CB  . VAL A 1 68  ? -14.816 -6.539  6.882   1.00 14.63 ? 68  VAL A CB  1 
ATOM   498 C CG1 . VAL A 1 68  ? -15.993 -5.897  7.589   1.00 12.58 ? 68  VAL A CG1 1 
ATOM   499 C CG2 . VAL A 1 68  ? -15.184 -6.814  5.441   1.00 10.94 ? 68  VAL A CG2 1 
ATOM   500 N N   . THR A 1 69  ? -12.774 -4.924  9.189   1.00 24.21 ? 69  THR A N   1 
ATOM   501 C CA  . THR A 1 69  ? -12.136 -5.094  10.492  1.00 32.06 ? 69  THR A CA  1 
ATOM   502 C C   . THR A 1 69  ? -12.975 -6.118  11.252  1.00 32.75 ? 69  THR A C   1 
ATOM   503 O O   . THR A 1 69  ? -14.160 -6.275  10.969  1.00 34.16 ? 69  THR A O   1 
ATOM   504 C CB  . THR A 1 69  ? -12.140 -3.755  11.284  1.00 35.36 ? 69  THR A CB  1 
ATOM   505 O OG1 . THR A 1 69  ? -11.411 -2.766  10.550  1.00 41.38 ? 69  THR A OG1 1 
ATOM   506 C CG2 . THR A 1 69  ? -11.507 -3.921  12.658  1.00 36.49 ? 69  THR A CG2 1 
ATOM   507 N N   . PRO A 1 70  ? -12.367 -6.861  12.193  1.00 33.22 ? 70  PRO A N   1 
ATOM   508 C CA  . PRO A 1 70  ? -13.132 -7.854  12.962  1.00 32.05 ? 70  PRO A CA  1 
ATOM   509 C C   . PRO A 1 70  ? -14.278 -7.231  13.771  1.00 32.40 ? 70  PRO A C   1 
ATOM   510 O O   . PRO A 1 70  ? -15.119 -7.942  14.326  1.00 34.75 ? 70  PRO A O   1 
ATOM   511 C CB  . PRO A 1 70  ? -12.080 -8.505  13.859  1.00 32.20 ? 70  PRO A CB  1 
ATOM   512 C CG  . PRO A 1 70  ? -10.781 -8.250  13.160  1.00 37.14 ? 70  PRO A CG  1 
ATOM   513 C CD  . PRO A 1 70  ? -10.938 -6.887  12.549  1.00 35.10 ? 70  PRO A CD  1 
ATOM   514 N N   . SER A 1 71  ? -14.301 -5.900  13.826  1.00 32.28 ? 71  SER A N   1 
ATOM   515 C CA  . SER A 1 71  ? -15.329 -5.144  14.538  1.00 28.39 ? 71  SER A CA  1 
ATOM   516 C C   . SER A 1 71  ? -16.473 -4.772  13.581  1.00 31.55 ? 71  SER A C   1 
ATOM   517 O O   . SER A 1 71  ? -17.294 -3.897  13.876  1.00 29.17 ? 71  SER A O   1 
ATOM   518 C CB  . SER A 1 71  ? -14.714 -3.878  15.139  1.00 25.45 ? 71  SER A CB  1 
ATOM   519 O OG  . SER A 1 71  ? -15.679 -2.862  15.344  1.00 21.81 ? 71  SER A OG  1 
ATOM   520 N N   . GLY A 1 72  ? -16.515 -5.450  12.436  1.00 33.18 ? 72  GLY A N   1 
ATOM   521 C CA  . GLY A 1 72  ? -17.548 -5.196  11.443  1.00 34.88 ? 72  GLY A CA  1 
ATOM   522 C C   . GLY A 1 72  ? -17.312 -3.950  10.609  1.00 35.80 ? 72  GLY A C   1 
ATOM   523 O O   . GLY A 1 72  ? -17.979 -3.741  9.596   1.00 36.33 ? 72  GLY A O   1 
ATOM   524 N N   . GLN A 1 73  ? -16.370 -3.115  11.037  1.00 36.89 ? 73  GLN A N   1 
ATOM   525 C CA  . GLN A 1 73  ? -16.055 -1.894  10.319  1.00 32.19 ? 73  GLN A CA  1 
ATOM   526 C C   . GLN A 1 73  ? -15.059 -2.197  9.212   1.00 30.18 ? 73  GLN A C   1 
ATOM   527 O O   . GLN A 1 73  ? -14.193 -3.049  9.353   1.00 29.45 ? 73  GLN A O   1 
ATOM   528 C CB  . GLN A 1 73  ? -15.499 -0.848  11.276  1.00 33.34 ? 73  GLN A CB  1 
ATOM   529 C CG  . GLN A 1 73  ? -16.493 0.258   11.604  1.00 34.40 ? 73  GLN A CG  1 
ATOM   530 C CD  . GLN A 1 73  ? -16.408 1.425   10.634  1.00 40.82 ? 73  GLN A CD  1 
ATOM   531 O OE1 . GLN A 1 73  ? -17.064 2.459   10.818  1.00 38.82 ? 73  GLN A OE1 1 
ATOM   532 N NE2 . GLN A 1 73  ? -15.594 1.269   9.594   1.00 40.98 ? 73  GLN A NE2 1 
ATOM   533 N N   . HIS A 1 74  ? -15.202 -1.492  8.101   1.00 29.43 ? 74  HIS A N   1 
ATOM   534 C CA  . HIS A 1 74  ? -14.357 -1.685  6.936   1.00 28.48 ? 74  HIS A CA  1 
ATOM   535 C C   . HIS A 1 74  ? -13.374 -0.540  6.748   1.00 26.69 ? 74  HIS A C   1 
ATOM   536 O O   . HIS A 1 74  ? -13.680 0.616   7.043   1.00 24.81 ? 74  HIS A O   1 
ATOM   537 C CB  . HIS A 1 74  ? -15.235 -1.807  5.683   1.00 33.89 ? 74  HIS A CB  1 
ATOM   538 C CG  . HIS A 1 74  ? -16.580 -1.151  5.813   1.00 38.53 ? 74  HIS A CG  1 
ATOM   539 N ND1 . HIS A 1 74  ? -16.945 -0.397  6.911   1.00 39.97 ? 74  HIS A ND1 1 
ATOM   540 C CD2 . HIS A 1 74  ? -17.653 -1.141  4.984   1.00 40.36 ? 74  HIS A CD2 1 
ATOM   541 C CE1 . HIS A 1 74  ? -18.180 0.046   6.754   1.00 38.82 ? 74  HIS A CE1 1 
ATOM   542 N NE2 . HIS A 1 74  ? -18.632 -0.391  5.593   1.00 43.92 ? 74  HIS A NE2 1 
ATOM   543 N N   . GLU A 1 75  ? -12.187 -0.868  6.262   1.00 25.90 ? 75  GLU A N   1 
ATOM   544 C CA  . GLU A 1 75  ? -11.173 0.146   6.007   1.00 26.86 ? 75  GLU A CA  1 
ATOM   545 C C   . GLU A 1 75  ? -10.284 -0.355  4.882   1.00 27.00 ? 75  GLU A C   1 
ATOM   546 O O   . GLU A 1 75  ? -9.975  -1.544  4.809   1.00 27.46 ? 75  GLU A O   1 
ATOM   547 C CB  . GLU A 1 75  ? -10.349 0.434   7.276   1.00 28.28 ? 75  GLU A CB  1 
ATOM   548 C CG  . GLU A 1 75  ? -9.671  -0.771  7.926   1.00 26.89 ? 75  GLU A CG  1 
ATOM   549 C CD  . GLU A 1 75  ? -9.119  -0.461  9.322   1.00 26.62 ? 75  GLU A CD  1 
ATOM   550 O OE1 . GLU A 1 75  ? -9.564  0.524   9.949   1.00 27.69 ? 75  GLU A OE1 1 
ATOM   551 O OE2 . GLU A 1 75  ? -8.235  -1.204  9.795   1.00 25.86 ? 75  GLU A OE2 1 
ATOM   552 N N   . GLY A 1 76  ? -9.893  0.551   3.993   1.00 26.52 ? 76  GLY A N   1 
ATOM   553 C CA  . GLY A 1 76  ? -9.052  0.164   2.876   1.00 26.04 ? 76  GLY A CA  1 
ATOM   554 C C   . GLY A 1 76  ? -9.654  0.606   1.558   1.00 24.23 ? 76  GLY A C   1 
ATOM   555 O O   . GLY A 1 76  ? -10.647 1.330   1.541   1.00 21.92 ? 76  GLY A O   1 
ATOM   556 N N   . ARG A 1 77  ? -9.066  0.157   0.454   1.00 23.36 ? 77  ARG A N   1 
ATOM   557 C CA  . ARG A 1 77  ? -9.542  0.533   -0.874  1.00 22.86 ? 77  ARG A CA  1 
ATOM   558 C C   . ARG A 1 77  ? -9.435  2.052   -1.022  1.00 20.88 ? 77  ARG A C   1 
ATOM   559 O O   . ARG A 1 77  ? -10.411 2.753   -1.281  1.00 18.96 ? 77  ARG A O   1 
ATOM   560 C CB  . ARG A 1 77  ? -10.990 0.075   -1.084  1.00 23.94 ? 77  ARG A CB  1 
ATOM   561 C CG  . ARG A 1 77  ? -11.472 0.132   -2.538  1.00 24.50 ? 77  ARG A CG  1 
ATOM   562 C CD  . ARG A 1 77  ? -12.830 0.848   -2.662  1.00 25.13 ? 77  ARG A CD  1 
ATOM   563 N NE  . ARG A 1 77  ? -13.187 1.152   -4.050  1.00 18.91 ? 77  ARG A NE  1 
ATOM   564 C CZ  . ARG A 1 77  ? -13.253 0.245   -5.018  1.00 18.71 ? 77  ARG A CZ  1 
ATOM   565 N NH1 . ARG A 1 77  ? -12.991 -1.030  -4.757  1.00 20.10 ? 77  ARG A NH1 1 
ATOM   566 N NH2 . ARG A 1 77  ? -13.584 0.604   -6.248  1.00 15.22 ? 77  ARG A NH2 1 
ATOM   567 N N   . LEU A 1 78  ? -8.225  2.558   -0.847  1.00 23.55 ? 78  LEU A N   1 
ATOM   568 C CA  . LEU A 1 78  ? -7.980  3.983   -0.978  1.00 20.08 ? 78  LEU A CA  1 
ATOM   569 C C   . LEU A 1 78  ? -7.641  4.289   -2.441  1.00 14.58 ? 78  LEU A C   1 
ATOM   570 O O   . LEU A 1 78  ? -7.720  5.440   -2.876  1.00 16.09 ? 78  LEU A O   1 
ATOM   571 C CB  . LEU A 1 78  ? -6.818  4.392   -0.066  1.00 19.02 ? 78  LEU A CB  1 
ATOM   572 C CG  . LEU A 1 78  ? -7.047  4.763   1.407   1.00 21.30 ? 78  LEU A CG  1 
ATOM   573 C CD1 . LEU A 1 78  ? -8.401  4.249   1.887   1.00 20.20 ? 78  LEU A CD1 1 
ATOM   574 C CD2 . LEU A 1 78  ? -5.902  4.183   2.256   1.00 13.31 ? 78  LEU A CD2 1 
ATOM   575 N N   . LEU A 1 79  ? -7.259  3.250   -3.184  1.00 10.10 ? 79  LEU A N   1 
ATOM   576 C CA  . LEU A 1 79  ? -6.888  3.378   -4.595  1.00 7.12  ? 79  LEU A CA  1 
ATOM   577 C C   . LEU A 1 79  ? -8.117  3.494   -5.495  1.00 9.20  ? 79  LEU A C   1 
ATOM   578 O O   . LEU A 1 79  ? -8.400  2.615   -6.315  1.00 7.06  ? 79  LEU A O   1 
ATOM   579 C CB  . LEU A 1 79  ? -6.010  2.182   -5.027  1.00 4.24  ? 79  LEU A CB  1 
ATOM   580 C CG  . LEU A 1 79  ? -4.646  1.996   -4.311  1.00 7.48  ? 79  LEU A CG  1 
ATOM   581 C CD1 . LEU A 1 79  ? -3.666  1.257   -5.208  1.00 2.00  ? 79  LEU A CD1 1 
ATOM   582 C CD2 . LEU A 1 79  ? -4.051  3.338   -3.907  1.00 5.81  ? 79  LEU A CD2 1 
ATOM   583 N N   . GLN A 1 80  ? -8.832  4.601   -5.315  1.00 11.85 ? 80  GLN A N   1 
ATOM   584 C CA  . GLN A 1 80  ? -10.047 4.929   -6.055  1.00 17.64 ? 80  GLN A CA  1 
ATOM   585 C C   . GLN A 1 80  ? -9.765  5.938   -7.192  1.00 22.67 ? 80  GLN A C   1 
ATOM   586 O O   . GLN A 1 80  ? -8.938  6.847   -7.057  1.00 25.07 ? 80  GLN A O   1 
ATOM   587 C CB  . GLN A 1 80  ? -11.096 5.513   -5.087  1.00 16.85 ? 80  GLN A CB  1 
ATOM   588 C CG  . GLN A 1 80  ? -11.422 4.622   -3.872  1.00 13.99 ? 80  GLN A CG  1 
ATOM   589 C CD  . GLN A 1 80  ? -11.922 5.405   -2.646  1.00 13.87 ? 80  GLN A CD  1 
ATOM   590 O OE1 . GLN A 1 80  ? -12.237 6.591   -2.726  1.00 12.35 ? 80  GLN A OE1 1 
ATOM   591 N NE2 . GLN A 1 80  ? -11.992 4.726   -1.505  1.00 14.95 ? 80  GLN A NE2 1 
ATOM   592 N N   . ASP A 1 81  ? -10.470 5.773   -8.305  1.00 22.63 ? 81  ASP A N   1 
ATOM   593 C CA  . ASP A 1 81  ? -10.314 6.636   -9.472  1.00 24.35 ? 81  ASP A CA  1 
ATOM   594 C C   . ASP A 1 81  ? -10.109 8.101   -9.134  1.00 23.03 ? 81  ASP A C   1 
ATOM   595 O O   . ASP A 1 81  ? -10.565 8.584   -8.100  1.00 25.73 ? 81  ASP A O   1 
ATOM   596 C CB  . ASP A 1 81  ? -11.546 6.528   -10.378 1.00 24.82 ? 81  ASP A CB  1 
ATOM   597 C CG  . ASP A 1 81  ? -11.675 5.174   -11.026 1.00 28.98 ? 81  ASP A CG  1 
ATOM   598 O OD1 . ASP A 1 81  ? -10.827 4.837   -11.879 1.00 28.36 ? 81  ASP A OD1 1 
ATOM   599 O OD2 . ASP A 1 81  ? -12.628 4.443   -10.682 1.00 34.77 ? 81  ASP A OD2 1 
ATOM   600 N N   . LEU A 1 82  ? -9.421  8.803   -10.025 1.00 19.92 ? 82  LEU A N   1 
ATOM   601 C CA  . LEU A 1 82  ? -9.182  10.231  -9.873  1.00 17.41 ? 82  LEU A CA  1 
ATOM   602 C C   . LEU A 1 82  ? -9.096  10.777  -11.290 1.00 18.27 ? 82  LEU A C   1 
ATOM   603 O O   . LEU A 1 82  ? -8.830  10.028  -12.230 1.00 20.29 ? 82  LEU A O   1 
ATOM   604 C CB  . LEU A 1 82  ? -7.859  10.495  -9.143  1.00 22.42 ? 82  LEU A CB  1 
ATOM   605 C CG  . LEU A 1 82  ? -7.724  10.301  -7.626  1.00 17.53 ? 82  LEU A CG  1 
ATOM   606 C CD1 . LEU A 1 82  ? -6.243  10.338  -7.274  1.00 16.96 ? 82  LEU A CD1 1 
ATOM   607 C CD2 . LEU A 1 82  ? -8.481  11.384  -6.861  1.00 11.41 ? 82  LEU A CD2 1 
ATOM   608 N N   . PRO A 1 83  ? -9.360  12.078  -11.476 1.00 21.34 ? 83  PRO A N   1 
ATOM   609 C CA  . PRO A 1 83  ? -9.268  12.615  -12.841 1.00 24.70 ? 83  PRO A CA  1 
ATOM   610 C C   . PRO A 1 83  ? -7.894  12.334  -13.456 1.00 26.53 ? 83  PRO A C   1 
ATOM   611 O O   . PRO A 1 83  ? -6.883  12.874  -13.008 1.00 29.33 ? 83  PRO A O   1 
ATOM   612 C CB  . PRO A 1 83  ? -9.522  14.120  -12.675 1.00 25.26 ? 83  PRO A CB  1 
ATOM   613 C CG  . PRO A 1 83  ? -9.499  14.392  -11.195 1.00 25.84 ? 83  PRO A CG  1 
ATOM   614 C CD  . PRO A 1 83  ? -9.783  13.094  -10.495 1.00 23.70 ? 83  PRO A CD  1 
ATOM   615 N N   . GLY A 1 84  ? -7.862  11.484  -14.475 1.00 24.87 ? 84  GLY A N   1 
ATOM   616 C CA  . GLY A 1 84  ? -6.605  11.165  -15.115 1.00 22.62 ? 84  GLY A CA  1 
ATOM   617 C C   . GLY A 1 84  ? -5.877  9.998   -14.480 1.00 22.96 ? 84  GLY A C   1 
ATOM   618 O O   . GLY A 1 84  ? -4.857  9.546   -15.007 1.00 23.97 ? 84  GLY A O   1 
ATOM   619 N N   . CYS A 1 85  ? -6.389  9.504   -13.357 1.00 19.38 ? 85  CYS A N   1 
ATOM   620 C CA  . CYS A 1 85  ? -5.753  8.378   -12.675 1.00 18.45 ? 85  CYS A CA  1 
ATOM   621 C C   . CYS A 1 85  ? -6.701  7.228   -12.260 1.00 17.27 ? 85  CYS A C   1 
ATOM   622 O O   . CYS A 1 85  ? -7.051  7.080   -11.092 1.00 21.12 ? 85  CYS A O   1 
ATOM   623 C CB  . CYS A 1 85  ? -4.970  8.889   -11.453 1.00 11.15 ? 85  CYS A CB  1 
ATOM   624 S SG  . CYS A 1 85  ? -3.764  7.710   -10.760 1.00 20.79 ? 85  CYS A SG  1 
ATOM   625 N N   . PRO A 1 86  ? -7.132  6.408   -13.226 1.00 14.56 ? 86  PRO A N   1 
ATOM   626 C CA  . PRO A 1 86  ? -8.022  5.290   -12.921 1.00 13.06 ? 86  PRO A CA  1 
ATOM   627 C C   . PRO A 1 86  ? -7.416  4.408   -11.853 1.00 13.52 ? 86  PRO A C   1 
ATOM   628 O O   . PRO A 1 86  ? -6.204  4.308   -11.755 1.00 15.07 ? 86  PRO A O   1 
ATOM   629 C CB  . PRO A 1 86  ? -8.145  4.543   -14.250 1.00 14.88 ? 86  PRO A CB  1 
ATOM   630 C CG  . PRO A 1 86  ? -7.067  5.088   -15.124 1.00 16.01 ? 86  PRO A CG  1 
ATOM   631 C CD  . PRO A 1 86  ? -6.847  6.492   -14.666 1.00 18.09 ? 86  PRO A CD  1 
ATOM   632 N N   . ARG A 1 87  ? -8.265  3.755   -11.064 1.00 14.80 ? 87  ARG A N   1 
ATOM   633 C CA  . ARG A 1 87  ? -7.791  2.878   -10.005 1.00 10.25 ? 87  ARG A CA  1 
ATOM   634 C C   . ARG A 1 87  ? -7.083  1.637   -10.538 1.00 7.50  ? 87  ARG A C   1 
ATOM   635 O O   . ARG A 1 87  ? -6.367  0.977   -9.794  1.00 12.32 ? 87  ARG A O   1 
ATOM   636 C CB  . ARG A 1 87  ? -8.955  2.460   -9.092  1.00 19.27 ? 87  ARG A CB  1 
ATOM   637 C CG  . ARG A 1 87  ? -10.124 1.792   -9.799  1.00 12.00 ? 87  ARG A CG  1 
ATOM   638 C CD  . ARG A 1 87  ? -11.377 1.795   -8.918  1.00 20.04 ? 87  ARG A CD  1 
ATOM   639 N NE  . ARG A 1 87  ? -11.763 3.133   -8.454  1.00 17.13 ? 87  ARG A NE  1 
ATOM   640 C CZ  . ARG A 1 87  ? -13.001 3.476   -8.108  1.00 11.22 ? 87  ARG A CZ  1 
ATOM   641 N NH1 . ARG A 1 87  ? -13.979 2.588   -8.172  1.00 23.04 ? 87  ARG A NH1 1 
ATOM   642 N NH2 . ARG A 1 87  ? -13.263 4.696   -7.675  1.00 4.58  ? 87  ARG A NH2 1 
ATOM   643 N N   . GLN A 1 88  ? -7.272  1.316   -11.817 1.00 12.03 ? 88  GLN A N   1 
ATOM   644 C CA  . GLN A 1 88  ? -6.626  0.138   -12.403 1.00 15.83 ? 88  GLN A CA  1 
ATOM   645 C C   . GLN A 1 88  ? -5.169  0.412   -12.769 1.00 16.65 ? 88  GLN A C   1 
ATOM   646 O O   . GLN A 1 88  ? -4.398  -0.507  -13.049 1.00 16.41 ? 88  GLN A O   1 
ATOM   647 C CB  . GLN A 1 88  ? -7.387  -0.351  -13.639 1.00 20.23 ? 88  GLN A CB  1 
ATOM   648 C CG  . GLN A 1 88  ? -6.850  -1.669  -14.239 1.00 28.89 ? 88  GLN A CG  1 
ATOM   649 C CD  . GLN A 1 88  ? -5.992  -2.499  -13.269 1.00 35.07 ? 88  GLN A CD  1 
ATOM   650 O OE1 . GLN A 1 88  ? -6.436  -2.856  -12.180 1.00 42.19 ? 88  GLN A OE1 1 
ATOM   651 N NE2 . GLN A 1 88  ? -4.761  -2.806  -13.673 1.00 35.98 ? 88  GLN A NE2 1 
ATOM   652 N N   . VAL A 1 89  ? -4.798  1.685   -12.786 1.00 16.06 ? 89  VAL A N   1 
ATOM   653 C CA  . VAL A 1 89  ? -3.424  2.062   -13.065 1.00 16.00 ? 89  VAL A CA  1 
ATOM   654 C C   . VAL A 1 89  ? -2.757  1.974   -11.690 1.00 11.96 ? 89  VAL A C   1 
ATOM   655 O O   . VAL A 1 89  ? -1.697  1.364   -11.547 1.00 12.77 ? 89  VAL A O   1 
ATOM   656 C CB  . VAL A 1 89  ? -3.355  3.498   -13.654 1.00 17.72 ? 89  VAL A CB  1 
ATOM   657 C CG1 . VAL A 1 89  ? -1.927  3.862   -14.032 1.00 21.82 ? 89  VAL A CG1 1 
ATOM   658 C CG2 . VAL A 1 89  ? -4.219  3.568   -14.899 1.00 17.00 ? 89  VAL A CG2 1 
ATOM   659 N N   . GLN A 1 90  ? -3.426  2.537   -10.680 1.00 10.67 ? 90  GLN A N   1 
ATOM   660 C CA  . GLN A 1 90  ? -2.947  2.519   -9.291  1.00 13.26 ? 90  GLN A CA  1 
ATOM   661 C C   . GLN A 1 90  ? -2.810  1.085   -8.800  1.00 14.92 ? 90  GLN A C   1 
ATOM   662 O O   . GLN A 1 90  ? -1.795  0.709   -8.226  1.00 17.73 ? 90  GLN A O   1 
ATOM   663 C CB  . GLN A 1 90  ? -3.912  3.284   -8.373  1.00 6.07  ? 90  GLN A CB  1 
ATOM   664 C CG  . GLN A 1 90  ? -4.638  4.424   -9.073  1.00 11.14 ? 90  GLN A CG  1 
ATOM   665 C CD  . GLN A 1 90  ? -5.271  5.437   -8.130  1.00 7.69  ? 90  GLN A CD  1 
ATOM   666 O OE1 . GLN A 1 90  ? -4.923  5.529   -6.951  1.00 13.67 ? 90  GLN A OE1 1 
ATOM   667 N NE2 . GLN A 1 90  ? -6.207  6.212   -8.658  1.00 10.00 ? 90  GLN A NE2 1 
ATOM   668 N N   . ARG A 1 91  ? -3.843  0.284   -9.034  1.00 17.60 ? 91  ARG A N   1 
ATOM   669 C CA  . ARG A 1 91  ? -3.837  -1.109  -8.632  1.00 13.29 ? 91  ARG A CA  1 
ATOM   670 C C   . ARG A 1 91  ? -2.660  -1.818  -9.271  1.00 14.34 ? 91  ARG A C   1 
ATOM   671 O O   . ARG A 1 91  ? -2.005  -2.646  -8.642  1.00 16.60 ? 91  ARG A O   1 
ATOM   672 C CB  . ARG A 1 91  ? -5.136  -1.782  -9.065  1.00 17.05 ? 91  ARG A CB  1 
ATOM   673 C CG  . ARG A 1 91  ? -6.145  -1.916  -7.953  1.00 21.32 ? 91  ARG A CG  1 
ATOM   674 C CD  . ARG A 1 91  ? -7.538  -2.184  -8.502  1.00 20.76 ? 91  ARG A CD  1 
ATOM   675 N NE  . ARG A 1 91  ? -8.550  -2.171  -7.451  1.00 24.17 ? 91  ARG A NE  1 
ATOM   676 C CZ  . ARG A 1 91  ? -8.927  -1.084  -6.778  1.00 26.49 ? 91  ARG A CZ  1 
ATOM   677 N NH1 . ARG A 1 91  ? -8.380  0.102   -7.037  1.00 29.87 ? 91  ARG A NH1 1 
ATOM   678 N NH2 . ARG A 1 91  ? -9.857  -1.179  -5.841  1.00 16.24 ? 91  ARG A NH2 1 
ATOM   679 N N   . ALA A 1 92  ? -2.393  -1.503  -10.534 1.00 19.27 ? 92  ALA A N   1 
ATOM   680 C CA  . ALA A 1 92  ? -1.274  -2.122  -11.250 1.00 17.47 ? 92  ALA A CA  1 
ATOM   681 C C   . ALA A 1 92  ? 0.085   -1.775  -10.616 1.00 15.49 ? 92  ALA A C   1 
ATOM   682 O O   . ALA A 1 92  ? 0.979   -2.609  -10.576 1.00 16.37 ? 92  ALA A O   1 
ATOM   683 C CB  . ALA A 1 92  ? -1.293  -1.697  -12.722 1.00 14.70 ? 92  ALA A CB  1 
ATOM   684 N N   . PHE A 1 93  ? 0.252   -0.553  -10.123 1.00 14.21 ? 93  PHE A N   1 
ATOM   685 C CA  . PHE A 1 93  ? 1.523   -0.202  -9.512  1.00 15.29 ? 93  PHE A CA  1 
ATOM   686 C C   . PHE A 1 93  ? 1.653   -0.671  -8.055  1.00 15.78 ? 93  PHE A C   1 
ATOM   687 O O   . PHE A 1 93  ? 2.619   -1.345  -7.711  1.00 18.21 ? 93  PHE A O   1 
ATOM   688 C CB  . PHE A 1 93  ? 1.773   1.309   -9.587  1.00 14.35 ? 93  PHE A CB  1 
ATOM   689 C CG  . PHE A 1 93  ? 2.953   1.761   -8.772  1.00 10.12 ? 93  PHE A CG  1 
ATOM   690 C CD1 . PHE A 1 93  ? 4.230   1.312   -9.077  1.00 3.76  ? 93  PHE A CD1 1 
ATOM   691 C CD2 . PHE A 1 93  ? 2.776   2.551   -7.640  1.00 9.66  ? 93  PHE A CD2 1 
ATOM   692 C CE1 . PHE A 1 93  ? 5.314   1.628   -8.264  1.00 2.00  ? 93  PHE A CE1 1 
ATOM   693 C CE2 . PHE A 1 93  ? 3.862   2.877   -6.817  1.00 12.45 ? 93  PHE A CE2 1 
ATOM   694 C CZ  . PHE A 1 93  ? 5.136   2.404   -7.136  1.00 2.00  ? 93  PHE A CZ  1 
ATOM   695 N N   . ALA A 1 94  ? 0.683   -0.314  -7.212  1.00 15.16 ? 94  ALA A N   1 
ATOM   696 C CA  . ALA A 1 94  ? 0.673   -0.660  -5.781  1.00 10.15 ? 94  ALA A CA  1 
ATOM   697 C C   . ALA A 1 94  ? 1.528   -1.830  -5.308  1.00 9.46  ? 94  ALA A C   1 
ATOM   698 O O   . ALA A 1 94  ? 2.394   -1.653  -4.449  1.00 9.40  ? 94  ALA A O   1 
ATOM   699 C CB  . ALA A 1 94  ? -0.756  -0.864  -5.308  1.00 15.84 ? 94  ALA A CB  1 
ATOM   700 N N   . PRO A 1 95  ? 1.284   -3.050  -5.827  1.00 11.67 ? 95  PRO A N   1 
ATOM   701 C CA  . PRO A 1 95  ? 2.112   -4.183  -5.372  1.00 11.55 ? 95  PRO A CA  1 
ATOM   702 C C   . PRO A 1 95  ? 3.618   -4.056  -5.688  1.00 12.74 ? 95  PRO A C   1 
ATOM   703 O O   . PRO A 1 95  ? 4.388   -4.997  -5.490  1.00 8.58  ? 95  PRO A O   1 
ATOM   704 C CB  . PRO A 1 95  ? 1.501   -5.408  -6.070  1.00 8.34  ? 95  PRO A CB  1 
ATOM   705 C CG  . PRO A 1 95  ? 0.233   -4.942  -6.700  1.00 6.65  ? 95  PRO A CG  1 
ATOM   706 C CD  . PRO A 1 95  ? 0.274   -3.453  -6.822  1.00 4.96  ? 95  PRO A CD  1 
ATOM   707 N N   . LYS A 1 96  ? 4.037   -2.900  -6.188  1.00 13.34 ? 96  LYS A N   1 
ATOM   708 C CA  . LYS A 1 96  ? 5.439   -2.714  -6.523  1.00 18.12 ? 96  LYS A CA  1 
ATOM   709 C C   . LYS A 1 96  ? 6.095   -1.867  -5.442  1.00 17.98 ? 96  LYS A C   1 
ATOM   710 O O   . LYS A 1 96  ? 7.306   -1.666  -5.448  1.00 22.71 ? 96  LYS A O   1 
ATOM   711 C CB  . LYS A 1 96  ? 5.587   -2.028  -7.895  1.00 16.35 ? 96  LYS A CB  1 
ATOM   712 C CG  . LYS A 1 96  ? 4.889   -2.725  -9.067  1.00 11.68 ? 96  LYS A CG  1 
ATOM   713 C CD  . LYS A 1 96  ? 5.552   -4.041  -9.425  1.00 10.54 ? 96  LYS A CD  1 
ATOM   714 C CE  . LYS A 1 96  ? 4.553   -5.022  -10.054 1.00 17.14 ? 96  LYS A CE  1 
ATOM   715 N NZ  . LYS A 1 96  ? 4.957   -6.462  -9.930  1.00 15.16 ? 96  LYS A NZ  1 
ATOM   716 N N   . LEU A 1 97  ? 5.287   -1.381  -4.506  1.00 13.45 ? 97  LEU A N   1 
ATOM   717 C CA  . LEU A 1 97  ? 5.801   -0.551  -3.432  1.00 11.48 ? 97  LEU A CA  1 
ATOM   718 C C   . LEU A 1 97  ? 6.891   -1.239  -2.618  1.00 12.96 ? 97  LEU A C   1 
ATOM   719 O O   . LEU A 1 97  ? 7.658   -0.587  -1.913  1.00 21.40 ? 97  LEU A O   1 
ATOM   720 C CB  . LEU A 1 97  ? 4.664   -0.129  -2.500  1.00 9.64  ? 97  LEU A CB  1 
ATOM   721 C CG  . LEU A 1 97  ? 3.615   0.857   -3.014  1.00 10.21 ? 97  LEU A CG  1 
ATOM   722 C CD1 . LEU A 1 97  ? 2.479   0.915   -1.998  1.00 9.00  ? 97  LEU A CD1 1 
ATOM   723 C CD2 . LEU A 1 97  ? 4.216   2.247   -3.215  1.00 9.99  ? 97  LEU A CD2 1 
ATOM   724 N N   . VAL A 1 98  ? 6.976   -2.556  -2.709  1.00 11.02 ? 98  VAL A N   1 
ATOM   725 C CA  . VAL A 1 98  ? 7.976   -3.269  -1.937  1.00 11.39 ? 98  VAL A CA  1 
ATOM   726 C C   . VAL A 1 98  ? 9.223   -3.606  -2.759  1.00 16.15 ? 98  VAL A C   1 
ATOM   727 O O   . VAL A 1 98  ? 10.209  -4.109  -2.224  1.00 13.65 ? 98  VAL A O   1 
ATOM   728 C CB  . VAL A 1 98  ? 7.392   -4.577  -1.333  1.00 13.50 ? 98  VAL A CB  1 
ATOM   729 C CG1 . VAL A 1 98  ? 6.031   -4.304  -0.675  1.00 8.54  ? 98  VAL A CG1 1 
ATOM   730 C CG2 . VAL A 1 98  ? 7.264   -5.634  -2.406  1.00 4.37  ? 98  VAL A CG2 1 
ATOM   731 N N   . THR A 1 99  ? 9.189   -3.326  -4.054  1.00 13.72 ? 99  THR A N   1 
ATOM   732 C CA  . THR A 1 99  ? 10.336  -3.624  -4.894  1.00 16.46 ? 99  THR A CA  1 
ATOM   733 C C   . THR A 1 99  ? 11.540  -2.729  -4.601  1.00 10.91 ? 99  THR A C   1 
ATOM   734 O O   . THR A 1 99  ? 11.406  -1.603  -4.095  1.00 5.38  ? 99  THR A O   1 
ATOM   735 C CB  . THR A 1 99  ? 9.981   -3.510  -6.390  1.00 18.14 ? 99  THR A CB  1 
ATOM   736 O OG1 . THR A 1 99  ? 9.467   -2.200  -6.664  1.00 20.93 ? 99  THR A OG1 1 
ATOM   737 C CG2 . THR A 1 99  ? 8.953   -4.561  -6.765  1.00 18.94 ? 99  THR A CG2 1 
ATOM   738 N N   . GLU A 1 100 ? 12.715  -3.261  -4.926  1.00 16.74 ? 100 GLU A N   1 
ATOM   739 C CA  . GLU A 1 100 ? 13.991  -2.582  -4.717  1.00 21.77 ? 100 GLU A CA  1 
ATOM   740 C C   . GLU A 1 100 ? 13.979  -1.157  -5.265  1.00 21.77 ? 100 GLU A C   1 
ATOM   741 O O   . GLU A 1 100 ? 14.326  -0.212  -4.559  1.00 19.40 ? 100 GLU A O   1 
ATOM   742 C CB  . GLU A 1 100 ? 15.126  -3.408  -5.351  1.00 24.77 ? 100 GLU A CB  1 
ATOM   743 C CG  . GLU A 1 100 ? 16.136  -2.619  -6.183  1.00 32.68 ? 100 GLU A CG  1 
ATOM   744 C CD  . GLU A 1 100 ? 17.179  -1.901  -5.339  1.00 35.96 ? 100 GLU A CD  1 
ATOM   745 O OE1 . GLU A 1 100 ? 18.171  -2.554  -4.936  1.00 38.67 ? 100 GLU A OE1 1 
ATOM   746 O OE2 . GLU A 1 100 ? 17.012  -0.682  -5.085  1.00 37.07 ? 100 GLU A OE2 1 
ATOM   747 N N   . VAL A 1 101 ? 13.568  -1.003  -6.520  1.00 25.25 ? 101 VAL A N   1 
ATOM   748 C CA  . VAL A 1 101 ? 13.516  0.313   -7.139  1.00 25.47 ? 101 VAL A CA  1 
ATOM   749 C C   . VAL A 1 101 ? 12.645  1.198   -6.278  1.00 28.74 ? 101 VAL A C   1 
ATOM   750 O O   . VAL A 1 101 ? 12.858  2.408   -6.188  1.00 33.85 ? 101 VAL A O   1 
ATOM   751 C CB  . VAL A 1 101 ? 12.909  0.257   -8.549  1.00 22.60 ? 101 VAL A CB  1 
ATOM   752 C CG1 . VAL A 1 101 ? 12.081  -1.008  -8.711  1.00 31.83 ? 101 VAL A CG1 1 
ATOM   753 C CG2 . VAL A 1 101 ? 12.062  1.483   -8.797  1.00 24.58 ? 101 VAL A CG2 1 
ATOM   754 N N   . GLU A 1 102 ? 11.647  0.586   -5.656  1.00 27.85 ? 102 GLU A N   1 
ATOM   755 C CA  . GLU A 1 102 ? 10.757  1.334   -4.799  1.00 28.29 ? 102 GLU A CA  1 
ATOM   756 C C   . GLU A 1 102 ? 11.226  1.206   -3.351  1.00 29.65 ? 102 GLU A C   1 
ATOM   757 O O   . GLU A 1 102 ? 12.395  1.483   -3.077  1.00 28.42 ? 102 GLU A O   1 
ATOM   758 C CB  . GLU A 1 102 ? 9.316   0.858   -4.997  1.00 27.25 ? 102 GLU A CB  1 
ATOM   759 C CG  . GLU A 1 102 ? 8.773   1.157   -6.398  1.00 18.50 ? 102 GLU A CG  1 
ATOM   760 C CD  . GLU A 1 102 ? 8.593   2.650   -6.676  1.00 18.00 ? 102 GLU A CD  1 
ATOM   761 O OE1 . GLU A 1 102 ? 8.331   3.413   -5.722  1.00 21.59 ? 102 GLU A OE1 1 
ATOM   762 O OE2 . GLU A 1 102 ? 8.711   3.063   -7.854  1.00 16.03 ? 102 GLU A OE2 1 
ATOM   763 N N   . CYS A 1 103 ? 10.366  0.781   -2.427  1.00 26.19 ? 103 CYS A N   1 
ATOM   764 C CA  . CYS A 1 103 ? 10.793  0.711   -1.028  1.00 24.53 ? 103 CYS A CA  1 
ATOM   765 C C   . CYS A 1 103 ? 11.801  -0.379  -0.710  1.00 22.29 ? 103 CYS A C   1 
ATOM   766 O O   . CYS A 1 103 ? 12.436  -0.342  0.341   1.00 25.36 ? 103 CYS A O   1 
ATOM   767 C CB  . CYS A 1 103 ? 9.590   0.580   -0.094  1.00 23.04 ? 103 CYS A CB  1 
ATOM   768 S SG  . CYS A 1 103 ? 8.229   1.722   -0.463  1.00 22.79 ? 103 CYS A SG  1 
ATOM   769 N N   . ASN A 1 104 ? 11.956  -1.345  -1.610  1.00 23.53 ? 104 ASN A N   1 
ATOM   770 C CA  . ASN A 1 104 ? 12.906  -2.429  -1.388  1.00 22.14 ? 104 ASN A CA  1 
ATOM   771 C C   . ASN A 1 104 ? 12.760  -2.968  0.030   1.00 26.19 ? 104 ASN A C   1 
ATOM   772 O O   . ASN A 1 104 ? 13.582  -2.664  0.901   1.00 28.29 ? 104 ASN A O   1 
ATOM   773 C CB  . ASN A 1 104 ? 14.330  -1.914  -1.597  1.00 26.55 ? 104 ASN A CB  1 
ATOM   774 C CG  . ASN A 1 104 ? 15.377  -2.944  -1.248  1.00 25.00 ? 104 ASN A CG  1 
ATOM   775 O OD1 . ASN A 1 104 ? 15.456  -4.005  -1.869  1.00 26.89 ? 104 ASN A OD1 1 
ATOM   776 N ND2 . ASN A 1 104 ? 16.190  -2.638  -0.245  1.00 28.55 ? 104 ASN A ND2 1 
ATOM   777 N N   . LEU A 1 105 ? 11.709  -3.756  0.258   1.00 26.37 ? 105 LEU A N   1 
ATOM   778 C CA  . LEU A 1 105 ? 11.426  -4.333  1.577   1.00 23.32 ? 105 LEU A CA  1 
ATOM   779 C C   . LEU A 1 105 ? 11.021  -5.800  1.456   1.00 19.26 ? 105 LEU A C   1 
ATOM   780 O O   . LEU A 1 105 ? 10.148  -6.140  0.655   1.00 23.97 ? 105 LEU A O   1 
ATOM   781 C CB  . LEU A 1 105 ? 10.290  -3.554  2.269   1.00 22.04 ? 105 LEU A CB  1 
ATOM   782 C CG  . LEU A 1 105 ? 10.539  -2.120  2.775   1.00 22.58 ? 105 LEU A CG  1 
ATOM   783 C CD1 . LEU A 1 105 ? 9.229   -1.342  2.816   1.00 23.23 ? 105 LEU A CD1 1 
ATOM   784 C CD2 . LEU A 1 105 ? 11.161  -2.160  4.162   1.00 20.48 ? 105 LEU A CD2 1 
ATOM   785 N N   . ALA A 1 106 ? 11.649  -6.668  2.249   1.00 14.32 ? 106 ALA A N   1 
ATOM   786 C CA  . ALA A 1 106 ? 11.317  -8.086  2.210   1.00 12.74 ? 106 ALA A CA  1 
ATOM   787 C C   . ALA A 1 106 ? 9.855   -8.270  2.616   1.00 8.07  ? 106 ALA A C   1 
ATOM   788 O O   . ALA A 1 106 ? 9.265   -7.428  3.290   1.00 7.06  ? 106 ALA A O   1 
ATOM   789 C CB  . ALA A 1 106 ? 12.236  -8.883  3.126   1.00 6.43  ? 106 ALA A CB  1 
ATOM   790 N N   . THR A 1 107 ? 9.271   -9.375  2.196   1.00 14.13 ? 107 THR A N   1 
ATOM   791 C CA  . THR A 1 107 ? 7.868   -9.640  2.480   1.00 12.67 ? 107 THR A CA  1 
ATOM   792 C C   . THR A 1 107 ? 7.676   -11.076 2.955   1.00 16.01 ? 107 THR A C   1 
ATOM   793 O O   . THR A 1 107 ? 8.635   -11.731 3.372   1.00 13.57 ? 107 THR A O   1 
ATOM   794 C CB  . THR A 1 107 ? 7.040   -9.420  1.213   1.00 5.48  ? 107 THR A CB  1 
ATOM   795 O OG1 . THR A 1 107 ? 7.480   -10.328 0.195   1.00 6.86  ? 107 THR A OG1 1 
ATOM   796 C CG2 . THR A 1 107 ? 7.214   -8.016  0.714   1.00 12.08 ? 107 THR A CG2 1 
ATOM   797 N N   . ILE A 1 108 ? 6.429   -11.553 2.888   1.00 19.95 ? 108 ILE A N   1 
ATOM   798 C CA  . ILE A 1 108 ? 6.092   -12.917 3.289   1.00 12.89 ? 108 ILE A CA  1 
ATOM   799 C C   . ILE A 1 108 ? 6.877   -13.892 2.422   1.00 10.01 ? 108 ILE A C   1 
ATOM   800 O O   . ILE A 1 108 ? 7.412   -14.877 2.925   1.00 18.51 ? 108 ILE A O   1 
ATOM   801 C CB  . ILE A 1 108 ? 4.547   -13.205 3.141   1.00 11.89 ? 108 ILE A CB  1 
ATOM   802 C CG1 . ILE A 1 108 ? 4.207   -14.617 3.629   1.00 13.27 ? 108 ILE A CG1 1 
ATOM   803 C CG2 . ILE A 1 108 ? 4.113   -13.091 1.695   1.00 9.60  ? 108 ILE A CG2 1 
ATOM   804 C CD1 . ILE A 1 108 ? 3.074   -14.664 4.661   1.00 15.24 ? 108 ILE A CD1 1 
ATOM   805 N N   . HIS A 1 109 ? 6.961   -13.599 1.126   1.00 10.72 ? 109 HIS A N   1 
ATOM   806 C CA  . HIS A 1 109 ? 7.661   -14.458 0.169   1.00 10.87 ? 109 HIS A CA  1 
ATOM   807 C C   . HIS A 1 109 ? 9.173   -14.504 0.366   1.00 12.66 ? 109 HIS A C   1 
ATOM   808 O O   . HIS A 1 109 ? 9.855   -15.357 -0.211  1.00 12.20 ? 109 HIS A O   1 
ATOM   809 C CB  . HIS A 1 109 ? 7.362   -14.019 -1.270  1.00 11.74 ? 109 HIS A CB  1 
ATOM   810 C CG  . HIS A 1 109 ? 5.953   -13.568 -1.497  1.00 11.30 ? 109 HIS A CG  1 
ATOM   811 N ND1 . HIS A 1 109 ? 5.496   -12.330 -1.103  1.00 11.31 ? 109 HIS A ND1 1 
ATOM   812 C CD2 . HIS A 1 109 ? 4.910   -14.175 -2.113  1.00 10.78 ? 109 HIS A CD2 1 
ATOM   813 C CE1 . HIS A 1 109 ? 4.233   -12.192 -1.469  1.00 9.07  ? 109 HIS A CE1 1 
ATOM   814 N NE2 . HIS A 1 109 ? 3.855   -13.297 -2.084  1.00 2.42  ? 109 HIS A NE2 1 
ATOM   815 N N   . GLY A 1 110 ? 9.695   -13.578 1.162   1.00 16.69 ? 110 GLY A N   1 
ATOM   816 C CA  . GLY A 1 110 ? 11.123  -13.556 1.429   1.00 22.26 ? 110 GLY A CA  1 
ATOM   817 C C   . GLY A 1 110 ? 11.967  -12.566 0.645   1.00 21.55 ? 110 GLY A C   1 
ATOM   818 O O   . GLY A 1 110 ? 13.190  -12.638 0.710   1.00 19.54 ? 110 GLY A O   1 
ATOM   819 N N   . GLY A 1 111 ? 11.329  -11.648 -0.077  1.00 22.22 ? 111 GLY A N   1 
ATOM   820 C CA  . GLY A 1 111 ? 12.073  -10.674 -0.851  1.00 22.63 ? 111 GLY A CA  1 
ATOM   821 C C   . GLY A 1 111 ? 11.260  -9.455  -1.233  1.00 24.26 ? 111 GLY A C   1 
ATOM   822 O O   . GLY A 1 111 ? 10.050  -9.432  -1.006  1.00 19.32 ? 111 GLY A O   1 
ATOM   823 N N   . PRO A 1 112 ? 11.898  -8.418  -1.820  1.00 25.20 ? 112 PRO A N   1 
ATOM   824 C CA  . PRO A 1 112 ? 11.204  -7.190  -2.228  1.00 25.99 ? 112 PRO A CA  1 
ATOM   825 C C   . PRO A 1 112 ? 10.257  -7.380  -3.426  1.00 29.59 ? 112 PRO A C   1 
ATOM   826 O O   . PRO A 1 112 ? 10.387  -6.717  -4.465  1.00 27.49 ? 112 PRO A O   1 
ATOM   827 C CB  . PRO A 1 112 ? 12.344  -6.207  -2.519  1.00 21.73 ? 112 PRO A CB  1 
ATOM   828 C CG  . PRO A 1 112 ? 13.513  -7.062  -2.834  1.00 14.88 ? 112 PRO A CG  1 
ATOM   829 C CD  . PRO A 1 112 ? 13.345  -8.361  -2.106  1.00 22.43 ? 112 PRO A CD  1 
ATOM   830 N N   . PHE A 1 113 ? 9.302   -8.294  -3.259  1.00 28.72 ? 113 PHE A N   1 
ATOM   831 C CA  . PHE A 1 113 ? 8.311   -8.588  -4.286  1.00 26.68 ? 113 PHE A CA  1 
ATOM   832 C C   . PHE A 1 113 ? 7.122   -9.310  -3.669  1.00 26.97 ? 113 PHE A C   1 
ATOM   833 O O   . PHE A 1 113 ? 7.288   -10.133 -2.770  1.00 25.30 ? 113 PHE A O   1 
ATOM   834 C CB  . PHE A 1 113 ? 8.913   -9.461  -5.398  1.00 23.03 ? 113 PHE A CB  1 
ATOM   835 C CG  . PHE A 1 113 ? 9.438   -10.787 -4.922  1.00 24.82 ? 113 PHE A CG  1 
ATOM   836 C CD1 . PHE A 1 113 ? 10.582  -10.860 -4.144  1.00 21.00 ? 113 PHE A CD1 1 
ATOM   837 C CD2 . PHE A 1 113 ? 8.791   -11.969 -5.259  1.00 25.57 ? 113 PHE A CD2 1 
ATOM   838 C CE1 . PHE A 1 113 ? 11.071  -12.082 -3.710  1.00 20.61 ? 113 PHE A CE1 1 
ATOM   839 C CE2 . PHE A 1 113 ? 9.279   -13.200 -4.825  1.00 22.14 ? 113 PHE A CE2 1 
ATOM   840 C CZ  . PHE A 1 113 ? 10.418  -13.254 -4.051  1.00 20.37 ? 113 PHE A CZ  1 
ATOM   841 N N   . CYS A 1 114 ? 5.926   -8.980  -4.154  1.00 28.68 ? 114 CYS A N   1 
ATOM   842 C CA  . CYS A 1 114 ? 4.683   -9.594  -3.693  1.00 26.97 ? 114 CYS A CA  1 
ATOM   843 C C   . CYS A 1 114 ? 4.153   -10.470 -4.824  1.00 30.18 ? 114 CYS A C   1 
ATOM   844 O O   . CYS A 1 114 ? 3.916   -9.980  -5.926  1.00 34.06 ? 114 CYS A O   1 
ATOM   845 C CB  . CYS A 1 114 ? 3.647   -8.521  -3.366  1.00 20.51 ? 114 CYS A CB  1 
ATOM   846 S SG  . CYS A 1 114 ? 3.873   -7.729  -1.748  1.00 16.36 ? 114 CYS A SG  1 
ATOM   847 N N   . LEU A 1 115 ? 3.966   -11.760 -4.559  1.00 31.78 ? 115 LEU A N   1 
ATOM   848 C CA  . LEU A 1 115 ? 3.471   -12.663 -5.589  1.00 31.83 ? 115 LEU A CA  1 
ATOM   849 C C   . LEU A 1 115 ? 1.954   -12.748 -5.598  1.00 35.97 ? 115 LEU A C   1 
ATOM   850 O O   . LEU A 1 115 ? 1.333   -12.811 -6.655  1.00 35.23 ? 115 LEU A O   1 
ATOM   851 C CB  . LEU A 1 115 ? 4.044   -14.063 -5.384  1.00 29.59 ? 115 LEU A CB  1 
ATOM   852 C CG  . LEU A 1 115 ? 5.390   -14.423 -6.012  1.00 28.39 ? 115 LEU A CG  1 
ATOM   853 C CD1 . LEU A 1 115 ? 5.804   -13.398 -7.058  1.00 26.95 ? 115 LEU A CD1 1 
ATOM   854 C CD2 . LEU A 1 115 ? 6.411   -14.501 -4.905  1.00 29.34 ? 115 LEU A CD2 1 
ATOM   855 N N   . SER A 1 116 ? 1.362   -12.742 -4.411  1.00 42.89 ? 116 SER A N   1 
ATOM   856 C CA  . SER A 1 116 ? -0.082  -12.858 -4.276  1.00 48.58 ? 116 SER A CA  1 
ATOM   857 C C   . SER A 1 116 ? -0.854  -11.538 -4.252  1.00 53.37 ? 116 SER A C   1 
ATOM   858 O O   . SER A 1 116 ? -1.859  -11.418 -3.549  1.00 55.49 ? 116 SER A O   1 
ATOM   859 C CB  . SER A 1 116 ? -0.405  -13.652 -3.011  1.00 48.15 ? 116 SER A CB  1 
ATOM   860 O OG  . SER A 1 116 ? -0.066  -15.017 -3.170  1.00 48.56 ? 116 SER A OG  1 
ATOM   861 N N   . LEU A 1 117 ? -0.405  -10.549 -5.017  1.00 56.72 ? 117 LEU A N   1 
ATOM   862 C CA  . LEU A 1 117 ? -1.104  -9.269  -5.039  1.00 58.58 ? 117 LEU A CA  1 
ATOM   863 C C   . LEU A 1 117 ? -1.559  -8.850  -6.439  1.00 61.48 ? 117 LEU A C   1 
ATOM   864 O O   . LEU A 1 117 ? -0.800  -8.933  -7.415  1.00 62.69 ? 117 LEU A O   1 
ATOM   865 C CB  . LEU A 1 117 ? -0.234  -8.186  -4.407  1.00 55.27 ? 117 LEU A CB  1 
ATOM   866 C CG  . LEU A 1 117 ? -0.586  -7.942  -2.937  1.00 53.22 ? 117 LEU A CG  1 
ATOM   867 C CD1 . LEU A 1 117 ? -0.227  -9.166  -2.113  1.00 49.89 ? 117 LEU A CD1 1 
ATOM   868 C CD2 . LEU A 1 117 ? 0.156   -6.715  -2.435  1.00 55.34 ? 117 LEU A CD2 1 
ATOM   869 N N   . LEU A 1 118 ? -2.810  -8.398  -6.513  1.00 59.94 ? 118 LEU A N   1 
ATOM   870 C CA  . LEU A 1 118 ? -3.439  -7.982  -7.761  1.00 59.59 ? 118 LEU A CA  1 
ATOM   871 C C   . LEU A 1 118 ? -2.888  -6.690  -8.355  1.00 60.09 ? 118 LEU A C   1 
ATOM   872 O O   . LEU A 1 118 ? -3.393  -5.594  -8.092  1.00 60.49 ? 118 LEU A O   1 
ATOM   873 C CB  . LEU A 1 118 ? -4.947  -7.862  -7.546  1.00 61.05 ? 118 LEU A CB  1 
ATOM   874 C CG  . LEU A 1 118 ? -5.626  -9.111  -6.963  1.00 62.81 ? 118 LEU A CG  1 
ATOM   875 C CD1 . LEU A 1 118 ? -5.073  -10.380 -7.626  1.00 61.02 ? 118 LEU A CD1 1 
ATOM   876 C CD2 . LEU A 1 118 ? -5.405  -9.150  -5.453  1.00 62.99 ? 118 LEU A CD2 1 
ATOM   877 N N   . GLY A 1 119 ? -1.857  -6.844  -9.179  1.00 57.91 ? 119 GLY A N   1 
ATOM   878 C CA  . GLY A 1 119 ? -1.221  -5.708  -9.811  1.00 55.02 ? 119 GLY A CA  1 
ATOM   879 C C   . GLY A 1 119 ? 0.234   -6.022  -10.093 1.00 53.52 ? 119 GLY A C   1 
ATOM   880 O O   . GLY A 1 119 ? 1.077   -5.109  -9.967  1.00 53.01 ? 119 GLY A O   1 
HETATM 881 O O   . HOH B 2 .   ? -14.291 3.217   -5.636  1.00 41.78 ? 125 HOH A O   1 
HETATM 882 O O   . HOH B 2 .   ? -10.495 1.422   -13.034 1.00 34.54 ? 126 HOH A O   1 
HETATM 883 O O   . HOH B 2 .   ? -12.280 -4.242  -5.350  1.00 29.95 ? 127 HOH A O   1 
HETATM 884 O O   . HOH B 2 .   ? -2.375  11.691  -15.427 1.00 24.83 ? 128 HOH A O   1 
HETATM 885 O O   . HOH B 2 .   ? -16.088 6.155   9.449   1.00 28.84 ? 129 HOH A O   1 
HETATM 886 O O   . HOH B 2 .   ? -12.901 0.587   11.053  1.00 36.17 ? 130 HOH A O   1 
HETATM 887 O O   . HOH B 2 .   ? 1.709   -10.303 3.622   1.00 2.00  ? 131 HOH A O   1 
HETATM 888 O O   . HOH B 2 .   ? 13.690  3.239   3.753   1.00 27.50 ? 132 HOH A O   1 
HETATM 889 O O   . HOH B 2 .   ? 4.561   -9.499  2.642   1.00 10.42 ? 133 HOH A O   1 
HETATM 890 O O   . HOH B 2 .   ? -9.532  3.767   10.872  1.00 16.72 ? 134 HOH A O   1 
HETATM 891 O O   . HOH B 2 .   ? -11.961 5.394   -15.181 1.00 26.44 ? 135 HOH A O   1 
HETATM 892 O O   . HOH B 2 .   ? 11.461  5.194   4.550   1.00 24.09 ? 136 HOH A O   1 
HETATM 893 O O   . HOH B 2 .   ? -18.312 -8.273  11.682  1.00 26.90 ? 137 HOH A O   1 
HETATM 894 O O   . HOH B 2 .   ? -6.140  14.394  -10.991 1.00 20.35 ? 138 HOH A O   1 
HETATM 895 O O   . HOH B 2 .   ? -7.695  9.287   -17.419 1.00 45.03 ? 139 HOH A O   1 
HETATM 896 O O   . HOH B 2 .   ? 4.463   7.800   7.763   1.00 22.58 ? 140 HOH A O   1 
HETATM 897 O O   . HOH B 2 .   ? 11.857  -18.754 -1.570  1.00 21.06 ? 141 HOH A O   1 
HETATM 898 O O   . HOH B 2 .   ? 5.368   3.453   -14.631 1.00 14.45 ? 142 HOH A O   1 
HETATM 899 O O   . HOH B 2 .   ? 19.298  -3.641  0.105   1.00 19.33 ? 143 HOH A O   1 
HETATM 900 O O   . HOH B 2 .   ? -6.354  1.291   4.312   1.00 12.93 ? 144 HOH A O   1 
HETATM 901 O O   . HOH B 2 .   ? -12.919 13.664  -13.563 1.00 22.47 ? 145 HOH A O   1 
HETATM 902 O O   . HOH B 2 .   ? -8.782  -7.914  -3.120  1.00 13.07 ? 146 HOH A O   1 
HETATM 903 O O   . HOH B 2 .   ? 14.164  -9.946  5.093   1.00 47.55 ? 147 HOH A O   1 
HETATM 904 O O   . HOH B 2 .   ? -4.008  11.160  3.442   1.00 23.14 ? 148 HOH A O   1 
HETATM 905 O O   . HOH B 2 .   ? 12.820  -6.554  7.711   1.00 22.15 ? 149 HOH A O   1 
HETATM 906 O O   . HOH B 2 .   ? 9.694   -17.684 -1.666  1.00 28.80 ? 150 HOH A O   1 
HETATM 907 O O   . HOH B 2 .   ? 13.308  -14.481 -1.903  1.00 31.63 ? 151 HOH A O   1 
HETATM 908 O O   . HOH B 2 .   ? -15.919 7.382   -3.098  1.00 22.05 ? 152 HOH A O   1 
HETATM 909 O O   . HOH B 2 .   ? -19.546 -2.316  13.729  1.00 47.74 ? 153 HOH A O   1 
HETATM 910 O O   . HOH B 2 .   ? -5.940  -9.167  6.497   1.00 14.61 ? 154 HOH A O   1 
HETATM 911 O O   . HOH B 2 .   ? -5.631  16.377  -2.885  1.00 46.16 ? 155 HOH A O   1 
HETATM 912 O O   . HOH B 2 .   ? 1.543   7.542   12.093  1.00 40.98 ? 156 HOH A O   1 
HETATM 913 O O   . HOH B 2 .   ? 5.737   -7.016  -6.152  1.00 11.23 ? 157 HOH A O   1 
HETATM 914 O O   . HOH B 2 .   ? 3.610   5.916   -15.839 1.00 17.94 ? 158 HOH A O   1 
HETATM 915 O O   . HOH B 2 .   ? -15.428 5.690   -10.987 1.00 26.04 ? 159 HOH A O   1 
HETATM 916 O O   . HOH B 2 .   ? -6.750  8.087   4.777   1.00 25.58 ? 160 HOH A O   1 
HETATM 917 O O   . HOH B 2 .   ? 13.501  -6.072  4.766   1.00 42.86 ? 161 HOH A O   1 
HETATM 918 O O   . HOH B 2 .   ? 9.531   -7.442  9.686   1.00 44.59 ? 162 HOH A O   1 
HETATM 919 O O   . HOH B 2 .   ? -21.179 -1.042  7.345   1.00 30.94 ? 163 HOH A O   1 
HETATM 920 O O   . HOH B 2 .   ? 12.647  -3.547  8.745   1.00 20.39 ? 164 HOH A O   1 
HETATM 921 O O   . HOH B 2 .   ? 0.545   4.830   10.928  1.00 19.62 ? 165 HOH A O   1 
HETATM 922 O O   . HOH B 2 .   ? 15.003  1.464   2.891   1.00 27.70 ? 166 HOH A O   1 
HETATM 923 O O   . HOH B 2 .   ? -0.753  13.568  9.633   1.00 23.91 ? 167 HOH A O   1 
HETATM 924 O O   . HOH B 2 .   ? 0.062   -15.410 -0.641  1.00 37.61 ? 168 HOH A O   1 
HETATM 925 O O   . HOH B 2 .   ? 11.343  9.651   -1.309  1.00 25.64 ? 169 HOH A O   1 
HETATM 926 O O   . HOH B 2 .   ? -6.749  5.589   11.981  1.00 21.32 ? 170 HOH A O   1 
HETATM 927 O O   . HOH B 2 .   ? 3.279   -1.964  15.408  1.00 49.89 ? 171 HOH A O   1 
HETATM 928 O O   . HOH B 2 .   ? 0.879   -2.047  13.985  1.00 28.42 ? 172 HOH A O   1 
HETATM 929 O O   . HOH B 2 .   ? -11.555 4.337   3.868   1.00 18.60 ? 173 HOH A O   1 
HETATM 930 O O   . HOH B 2 .   ? -8.843  9.689   -2.732  1.00 13.17 ? 174 HOH A O   1 
HETATM 931 O O   . HOH B 2 .   ? 2.518   1.465   9.295   1.00 21.73 ? 175 HOH A O   1 
HETATM 932 O O   . HOH B 2 .   ? 0.552   -12.405 1.852   1.00 18.35 ? 176 HOH A O   1 
HETATM 933 O O   . HOH B 2 .   ? -20.453 -5.359  13.470  1.00 22.22 ? 177 HOH A O   1 
HETATM 934 O O   . HOH B 2 .   ? -10.445 14.559  -3.998  1.00 23.68 ? 178 HOH A O   1 
HETATM 935 O O   . HOH B 2 .   ? -14.859 3.767   -13.024 1.00 26.24 ? 179 HOH A O   1 
HETATM 936 O O   . HOH B 2 .   ? -15.048 5.558   -4.172  1.00 21.21 ? 180 HOH A O   1 
HETATM 937 O O   . HOH B 2 .   ? -7.139  -4.826  -8.613  1.00 31.60 ? 181 HOH A O   1 
HETATM 938 O O   . HOH B 2 .   ? 0.243   2.081   7.935   1.00 27.31 ? 182 HOH A O   1 
HETATM 939 O O   . HOH B 2 .   ? 10.690  -9.852  11.952  1.00 22.40 ? 183 HOH A O   1 
HETATM 940 O O   . HOH B 2 .   ? 16.491  -12.688 -1.018  1.00 10.16 ? 184 HOH A O   1 
HETATM 941 O O   . HOH B 2 .   ? -3.089  -15.624 11.797  1.00 25.17 ? 185 HOH A O   1 
HETATM 942 O O   . HOH B 2 .   ? -19.841 2.272   9.208   1.00 41.33 ? 186 HOH A O   1 
HETATM 943 O O   . HOH B 2 .   ? -7.961  13.100  1.504   1.00 34.17 ? 187 HOH A O   1 
HETATM 944 O O   . HOH B 2 .   ? 7.571   -0.088  -12.537 1.00 30.73 ? 188 HOH A O   1 
HETATM 945 O O   . HOH B 2 .   ? 3.160   10.202  0.229   1.00 17.23 ? 189 HOH A O   1 
HETATM 946 O O   . HOH B 2 .   ? 17.609  -4.711  -8.443  1.00 34.97 ? 190 HOH A O   1 
HETATM 947 O O   . HOH B 2 .   ? 6.849   1.389   -14.469 1.00 29.35 ? 191 HOH A O   1 
HETATM 948 O O   . HOH B 2 .   ? -17.389 2.728   -13.862 1.00 28.01 ? 192 HOH A O   1 
HETATM 949 O O   . HOH B 2 .   ? -7.144  8.011   1.956   1.00 41.81 ? 193 HOH A O   1 
HETATM 950 O O   . HOH B 2 .   ? 3.797   7.525   -13.864 1.00 14.88 ? 194 HOH A O   1 
HETATM 951 O O   . HOH B 2 .   ? 16.655  1.017   -1.385  1.00 17.36 ? 195 HOH A O   1 
HETATM 952 O O   . HOH B 2 .   ? 7.494   8.308   11.314  1.00 20.28 ? 196 HOH A O   1 
HETATM 953 O O   . HOH B 2 .   ? 11.633  5.061   8.226   1.00 20.82 ? 197 HOH A O   1 
HETATM 954 O O   . HOH B 2 .   ? -3.875  12.358  -17.637 1.00 41.99 ? 198 HOH A O   1 
HETATM 955 O O   . HOH B 2 .   ? 9.103   -4.376  10.263  1.00 15.82 ? 199 HOH A O   1 
HETATM 956 O O   . HOH B 2 .   ? 14.805  -1.067  2.371   1.00 16.91 ? 200 HOH A O   1 
HETATM 957 O O   . HOH B 2 .   ? -1.940  7.386   13.711  1.00 25.85 ? 201 HOH A O   1 
HETATM 958 O O   . HOH B 2 .   ? -13.243 1.093   -11.084 1.00 33.53 ? 202 HOH A O   1 
HETATM 959 O O   . HOH B 2 .   ? -13.836 7.035   -7.390  1.00 21.45 ? 203 HOH A O   1 
HETATM 960 O O   . HOH B 2 .   ? -9.581  -2.331  -11.570 1.00 13.02 ? 204 HOH A O   1 
HETATM 961 O O   . HOH B 2 .   ? 4.968   5.350   10.612  1.00 16.84 ? 205 HOH A O   1 
HETATM 962 O O   . HOH B 2 .   ? 19.953  -8.186  -5.527  1.00 21.42 ? 206 HOH A O   1 
HETATM 963 O O   . HOH B 2 .   ? -5.552  13.406  4.047   1.00 18.56 ? 207 HOH A O   1 
HETATM 964 O O   . HOH B 2 .   ? 15.352  2.868   0.064   1.00 24.20 ? 208 HOH A O   1 
HETATM 965 O O   . HOH B 2 .   ? 0.789   15.278  10.778  1.00 48.14 ? 209 HOH A O   1 
HETATM 966 O O   . HOH B 2 .   ? -10.075 6.704   4.606   1.00 21.82 ? 210 HOH A O   1 
HETATM 967 O O   . HOH B 2 .   ? -12.611 5.094   12.555  1.00 19.52 ? 211 HOH A O   1 
HETATM 968 O O   . HOH B 2 .   ? 5.864   -9.926  -8.507  1.00 33.38 ? 212 HOH A O   1 
# 
